data_8CMK
#
_entry.id   8CMK
#
_cell.length_a   97.526
_cell.length_b   101.805
_cell.length_c   114.133
_cell.angle_alpha   90.000
_cell.angle_beta   111.128
_cell.angle_gamma   90.000
#
_symmetry.space_group_name_H-M   'P 1 21 1'
#
loop_
_entity.id
_entity.type
_entity.pdbx_description
1 polymer Transportin-3
2 polymer 'Cold-inducible RNA-binding protein'
3 non-polymer DI(HYDROXYETHYL)ETHER
4 non-polymer 2-(1H-INDOL-3-YL)ETHANAMINE
5 water water
#
loop_
_entity_poly.entity_id
_entity_poly.type
_entity_poly.pdbx_seq_one_letter_code
_entity_poly.pdbx_strand_id
1 'polypeptide(L)'
;MEGAKPTLQLVYQAVQALYHDPDPSGKERASFWLGELQRSVHAWEISDQLLQIRQDVESCYFAAQTMKMKIQTSFYELPT
DSHASLRDSLLTHIQNLKDLSPVIVTQLALAIADLALQMPSWKGCVQTLVEKYSNDVTSLPFLLEILTVLPEEVHSRSLR
IGANRRTEIIEDLAFYSSTVVSLLMTCVEKAGTDEKMLMKVFRCLGSWFNLGVLDSNFMANNKLLALLFEVLQQDKTSSN
LHEAASDCVCSALYAIENVETNLPLAMQLFQGVLTLETAYHMAVAREDLDKVLNYCRIFTELCETFLEKIVCTPGQGLGD
LRTLELLLICAGHPQYEVVEISFNFWYRLGEHLYKTNDEVIHGIFKAYIQRLLHALARHCQLEPDHEGVPEETDDFGEFR
MRVSDLVKDLIFLIGSMECFAQLYSTLKEGNPPWEVTEAVLFIMAAIAKSVDPENNPTLVEVLEGVVRLPETVHTAVRYT
SIELVGEMSEVVDRNPQFLDPVLGYLMKGLAEKPLASAAAKAIHNICSVCRDHMAQHFNGLLEIARSLDSFLLSPEAAVG
LLKGTALVLARLPLDKITECLSELCSVQVMALKKLLSQEPSNGISSDPTVFLDRLAVIFRHTNPIVENGQTHPCQKVIQE
IWPVLSETLNKHRADNRIVERCCRCLRFAVRCVGKGSAALLQPLVTQMVNVYHVHQHSCFLYLGSILVDEYGMEEGCRQG
LLDMLQALCIPTFQLLEQQNGLQNHPDTVDDLFRLATRFIQRSPVTLLRSQVVIPILQWAIASTTLDHRDANCSVMRFLR
DLIHTGVANDHEEDFELRKELIGQVMNQLGQQLVSQLLHTCCFCLPPYTLPDVAEVLWEIMQVDRPTFCRWLENSLKGLP
KETTVGAVTVTHKQLTDFHKQVTSAEECKQVCWALRDFTRLFR
;
A,B
2 'polypeptide(L)' SRDYYSSRSQSGGYSDRSSGGSYRDSYDSYATHNE C,D,E
#
# COMPACT_ATOMS: atom_id res chain seq x y z
N GLY A 3 -15.49 -23.72 -27.87
CA GLY A 3 -16.77 -23.13 -28.31
C GLY A 3 -17.02 -23.37 -29.80
N ALA A 4 -18.24 -23.85 -30.13
CA ALA A 4 -18.68 -24.05 -31.50
C ALA A 4 -18.98 -22.70 -32.18
N LYS A 5 -18.78 -22.64 -33.51
CA LYS A 5 -19.15 -21.47 -34.29
C LYS A 5 -20.67 -21.38 -34.43
N PRO A 6 -21.34 -20.28 -33.99
CA PRO A 6 -22.77 -20.09 -34.20
C PRO A 6 -23.19 -20.03 -35.67
N THR A 7 -24.46 -20.39 -35.94
CA THR A 7 -25.05 -20.15 -37.25
C THR A 7 -25.40 -18.66 -37.37
N LEU A 8 -25.31 -18.13 -38.60
CA LEU A 8 -25.37 -16.70 -38.84
C LEU A 8 -26.77 -16.13 -38.55
N GLN A 9 -27.85 -16.92 -38.69
CA GLN A 9 -29.20 -16.46 -38.40
C GLN A 9 -29.45 -16.34 -36.88
N LEU A 10 -28.66 -17.08 -36.08
CA LEU A 10 -28.64 -16.91 -34.63
C LEU A 10 -28.02 -15.56 -34.27
N VAL A 11 -26.90 -15.23 -34.92
CA VAL A 11 -26.25 -13.93 -34.78
C VAL A 11 -27.20 -12.80 -35.19
N TYR A 12 -27.89 -12.93 -36.33
CA TYR A 12 -28.81 -11.91 -36.79
C TYR A 12 -29.97 -11.73 -35.80
N GLN A 13 -30.56 -12.80 -35.27
CA GLN A 13 -31.66 -12.60 -34.34
C GLN A 13 -31.14 -11.98 -33.04
N ALA A 14 -29.89 -12.28 -32.64
CA ALA A 14 -29.28 -11.72 -31.44
C ALA A 14 -29.03 -10.22 -31.59
N VAL A 15 -28.55 -9.80 -32.76
CA VAL A 15 -28.39 -8.39 -33.11
C VAL A 15 -29.75 -7.70 -33.08
N GLN A 16 -30.76 -8.30 -33.71
CA GLN A 16 -32.12 -7.75 -33.72
C GLN A 16 -32.73 -7.68 -32.31
N ALA A 17 -32.29 -8.53 -31.37
CA ALA A 17 -32.76 -8.50 -29.99
C ALA A 17 -32.08 -7.40 -29.16
N LEU A 18 -30.88 -6.96 -29.57
CA LEU A 18 -30.11 -5.93 -28.87
C LEU A 18 -30.76 -4.55 -29.00
N TYR A 19 -31.50 -4.36 -30.10
CA TYR A 19 -32.13 -3.09 -30.43
C TYR A 19 -33.66 -3.19 -30.33
N HIS A 20 -34.27 -4.28 -30.85
CA HIS A 20 -35.70 -4.33 -31.10
C HIS A 20 -36.46 -5.48 -30.39
N ASP A 21 -35.92 -6.06 -29.30
CA ASP A 21 -36.73 -6.94 -28.46
C ASP A 21 -37.60 -6.09 -27.51
N PRO A 22 -38.95 -6.18 -27.54
CA PRO A 22 -39.78 -5.44 -26.58
C PRO A 22 -39.65 -5.91 -25.13
N ASP A 23 -39.07 -7.10 -24.88
CA ASP A 23 -38.61 -7.48 -23.54
C ASP A 23 -37.22 -6.87 -23.33
N PRO A 24 -37.02 -5.87 -22.45
CA PRO A 24 -35.72 -5.22 -22.32
C PRO A 24 -34.72 -6.06 -21.55
N SER A 25 -35.16 -7.11 -20.85
CA SER A 25 -34.25 -8.16 -20.44
C SER A 25 -33.70 -8.90 -21.67
N GLY A 26 -34.44 -8.97 -22.78
CA GLY A 26 -33.92 -9.48 -24.04
C GLY A 26 -32.62 -8.81 -24.45
N LYS A 27 -32.52 -7.49 -24.24
CA LYS A 27 -31.28 -6.75 -24.42
C LYS A 27 -30.17 -7.21 -23.46
N GLU A 28 -30.46 -7.59 -22.19
CA GLU A 28 -29.45 -8.15 -21.28
C GLU A 28 -28.83 -9.43 -21.88
N ARG A 29 -29.68 -10.35 -22.33
CA ARG A 29 -29.23 -11.62 -22.88
C ARG A 29 -28.58 -11.44 -24.26
N ALA A 30 -29.02 -10.45 -25.05
CA ALA A 30 -28.43 -10.13 -26.35
C ALA A 30 -27.02 -9.51 -26.20
N SER A 31 -26.91 -8.47 -25.36
CA SER A 31 -25.65 -7.80 -25.04
C SER A 31 -24.61 -8.78 -24.50
N PHE A 32 -25.02 -9.61 -23.54
CA PHE A 32 -24.16 -10.63 -22.95
C PHE A 32 -23.64 -11.58 -24.04
N TRP A 33 -24.54 -12.23 -24.79
CA TRP A 33 -24.17 -13.30 -25.71
C TRP A 33 -23.39 -12.77 -26.91
N LEU A 34 -23.78 -11.61 -27.47
CA LEU A 34 -22.98 -10.95 -28.50
C LEU A 34 -21.62 -10.52 -27.93
N GLY A 35 -21.54 -10.21 -26.62
CA GLY A 35 -20.26 -10.00 -25.93
C GLY A 35 -19.38 -11.26 -25.94
N GLU A 36 -19.95 -12.41 -25.58
CA GLU A 36 -19.24 -13.69 -25.62
C GLU A 36 -18.77 -14.01 -27.04
N LEU A 37 -19.58 -13.67 -28.05
CA LEU A 37 -19.20 -13.82 -29.44
C LEU A 37 -18.01 -12.92 -29.76
N GLN A 38 -18.04 -11.66 -29.31
CA GLN A 38 -16.97 -10.69 -29.57
C GLN A 38 -15.64 -11.08 -28.91
N ARG A 39 -15.69 -11.79 -27.77
CA ARG A 39 -14.49 -12.25 -27.08
C ARG A 39 -13.97 -13.57 -27.69
N SER A 40 -14.88 -14.36 -28.27
CA SER A 40 -14.57 -15.66 -28.85
C SER A 40 -13.67 -15.56 -30.08
N VAL A 41 -13.18 -16.73 -30.53
CA VAL A 41 -12.40 -16.87 -31.75
C VAL A 41 -13.20 -16.49 -32.99
N HIS A 42 -14.50 -16.82 -33.02
CA HIS A 42 -15.32 -16.83 -34.24
C HIS A 42 -15.71 -15.44 -34.74
N ALA A 43 -15.40 -14.42 -33.94
CA ALA A 43 -15.65 -13.02 -34.24
C ALA A 43 -15.05 -12.58 -35.57
N TRP A 44 -13.84 -13.05 -35.90
CA TRP A 44 -13.15 -12.66 -37.12
C TRP A 44 -13.99 -12.96 -38.35
N GLU A 45 -14.41 -14.22 -38.49
CA GLU A 45 -15.17 -14.63 -39.65
C GLU A 45 -16.59 -14.07 -39.62
N ILE A 46 -17.27 -14.10 -38.47
CA ILE A 46 -18.66 -13.65 -38.37
C ILE A 46 -18.78 -12.16 -38.72
N SER A 47 -17.86 -11.33 -38.22
CA SER A 47 -17.90 -9.91 -38.52
C SER A 47 -17.56 -9.65 -40.00
N ASP A 48 -16.59 -10.39 -40.55
CA ASP A 48 -16.26 -10.26 -41.96
C ASP A 48 -17.47 -10.59 -42.83
N GLN A 49 -18.16 -11.70 -42.50
CA GLN A 49 -19.33 -12.14 -43.26
C GLN A 49 -20.49 -11.15 -43.17
N LEU A 50 -20.73 -10.59 -41.98
CA LEU A 50 -21.79 -9.61 -41.80
C LEU A 50 -21.51 -8.35 -42.62
N LEU A 51 -20.24 -7.92 -42.69
CA LEU A 51 -19.87 -6.75 -43.47
C LEU A 51 -19.90 -7.04 -44.98
N GLN A 52 -19.59 -8.27 -45.40
CA GLN A 52 -19.76 -8.69 -46.79
C GLN A 52 -21.24 -8.65 -47.21
N ILE A 53 -22.12 -9.02 -46.28
CA ILE A 53 -23.55 -9.18 -46.57
C ILE A 53 -24.25 -7.82 -46.66
N ARG A 54 -23.76 -6.79 -45.95
CA ARG A 54 -24.19 -5.39 -46.07
C ARG A 54 -25.73 -5.26 -45.95
N GLN A 55 -26.39 -6.08 -45.14
CA GLN A 55 -27.85 -6.18 -45.19
C GLN A 55 -28.53 -5.03 -44.44
N ASP A 56 -27.95 -4.61 -43.31
CA ASP A 56 -28.54 -3.56 -42.49
C ASP A 56 -27.50 -2.89 -41.61
N VAL A 57 -27.92 -1.77 -41.00
CA VAL A 57 -27.06 -0.93 -40.18
C VAL A 57 -26.71 -1.68 -38.89
N GLU A 58 -27.69 -2.35 -38.27
CA GLU A 58 -27.50 -3.03 -36.99
C GLU A 58 -26.39 -4.06 -37.07
N SER A 59 -26.47 -4.93 -38.09
CA SER A 59 -25.48 -5.98 -38.30
C SER A 59 -24.11 -5.39 -38.69
N CYS A 60 -24.08 -4.34 -39.51
CA CYS A 60 -22.82 -3.71 -39.91
C CYS A 60 -22.15 -2.97 -38.76
N TYR A 61 -22.93 -2.29 -37.92
CA TYR A 61 -22.39 -1.63 -36.74
C TYR A 61 -21.75 -2.66 -35.81
N PHE A 62 -22.53 -3.68 -35.42
CA PHE A 62 -22.02 -4.76 -34.57
C PHE A 62 -20.74 -5.36 -35.17
N ALA A 63 -20.76 -5.67 -36.46
CA ALA A 63 -19.65 -6.33 -37.13
C ALA A 63 -18.38 -5.45 -37.21
N ALA A 64 -18.54 -4.15 -37.52
CA ALA A 64 -17.41 -3.23 -37.59
C ALA A 64 -16.82 -2.97 -36.20
N GLN A 65 -17.72 -2.75 -35.21
CA GLN A 65 -17.36 -2.60 -33.81
C GLN A 65 -16.59 -3.82 -33.30
N THR A 66 -17.02 -5.02 -33.75
CA THR A 66 -16.36 -6.27 -33.45
C THR A 66 -14.97 -6.38 -34.09
N MET A 67 -14.83 -5.98 -35.37
CA MET A 67 -13.54 -5.95 -36.05
C MET A 67 -12.56 -5.06 -35.29
N LYS A 68 -13.02 -3.83 -34.98
CA LYS A 68 -12.24 -2.91 -34.17
C LYS A 68 -11.79 -3.62 -32.90
N MET A 69 -12.75 -4.09 -32.10
CA MET A 69 -12.47 -4.68 -30.80
C MET A 69 -11.49 -5.85 -30.90
N LYS A 70 -11.66 -6.69 -31.92
CA LYS A 70 -10.79 -7.81 -32.15
C LYS A 70 -9.40 -7.36 -32.58
N ILE A 71 -9.28 -6.44 -33.55
CA ILE A 71 -7.98 -5.99 -34.03
C ILE A 71 -7.17 -5.42 -32.87
N GLN A 72 -7.73 -4.47 -32.11
CA GLN A 72 -6.97 -3.81 -31.05
C GLN A 72 -6.55 -4.81 -29.95
N THR A 73 -7.45 -5.71 -29.53
CA THR A 73 -7.16 -6.66 -28.45
C THR A 73 -6.42 -7.92 -28.87
N SER A 74 -6.51 -8.33 -30.16
CA SER A 74 -6.28 -9.72 -30.55
C SER A 74 -5.53 -9.84 -31.88
N PHE A 75 -4.81 -8.81 -32.29
CA PHE A 75 -3.96 -8.91 -33.47
C PHE A 75 -2.95 -10.05 -33.35
N TYR A 76 -2.63 -10.49 -32.11
CA TYR A 76 -1.74 -11.63 -31.87
C TYR A 76 -2.35 -12.97 -32.28
N GLU A 77 -3.68 -13.11 -32.31
CA GLU A 77 -4.30 -14.40 -32.59
C GLU A 77 -4.51 -14.60 -34.09
N LEU A 78 -3.99 -13.68 -34.92
CA LEU A 78 -3.93 -13.77 -36.37
C LEU A 78 -2.52 -14.15 -36.82
N PRO A 79 -2.35 -15.16 -37.71
CA PRO A 79 -1.04 -15.42 -38.32
C PRO A 79 -0.65 -14.28 -39.27
N THR A 80 0.65 -14.00 -39.34
CA THR A 80 1.21 -12.87 -40.08
C THR A 80 0.78 -12.87 -41.56
N ASP A 81 0.47 -14.05 -42.11
CA ASP A 81 0.02 -14.20 -43.48
C ASP A 81 -1.37 -13.59 -43.73
N SER A 82 -2.16 -13.35 -42.67
CA SER A 82 -3.53 -12.87 -42.81
C SER A 82 -3.65 -11.34 -42.81
N HIS A 83 -2.54 -10.58 -42.71
CA HIS A 83 -2.57 -9.15 -42.48
C HIS A 83 -3.10 -8.33 -43.66
N ALA A 84 -2.51 -8.56 -44.85
CA ALA A 84 -2.96 -7.87 -46.05
C ALA A 84 -4.32 -8.37 -46.51
N SER A 85 -4.69 -9.61 -46.16
CA SER A 85 -6.04 -10.12 -46.42
C SER A 85 -7.06 -9.29 -45.64
N LEU A 86 -6.83 -9.15 -44.33
CA LEU A 86 -7.69 -8.38 -43.45
C LEU A 86 -7.70 -6.90 -43.84
N ARG A 87 -6.53 -6.36 -44.20
CA ARG A 87 -6.43 -5.00 -44.73
C ARG A 87 -7.35 -4.78 -45.94
N ASP A 88 -7.20 -5.61 -46.96
CA ASP A 88 -7.94 -5.45 -48.21
C ASP A 88 -9.41 -5.85 -48.01
N SER A 89 -9.70 -6.71 -47.03
CA SER A 89 -11.07 -6.98 -46.63
C SER A 89 -11.71 -5.73 -46.04
N LEU A 90 -11.03 -5.11 -45.07
CA LEU A 90 -11.50 -3.90 -44.41
C LEU A 90 -11.67 -2.75 -45.41
N LEU A 91 -10.69 -2.56 -46.29
CA LEU A 91 -10.77 -1.52 -47.30
C LEU A 91 -11.92 -1.79 -48.28
N THR A 92 -12.27 -3.06 -48.52
CA THR A 92 -13.46 -3.37 -49.30
C THR A 92 -14.72 -2.95 -48.55
N HIS A 93 -14.84 -3.36 -47.28
CA HIS A 93 -15.99 -3.05 -46.46
C HIS A 93 -16.24 -1.54 -46.36
N ILE A 94 -15.18 -0.74 -46.14
CA ILE A 94 -15.39 0.69 -45.89
C ILE A 94 -15.84 1.41 -47.17
N GLN A 95 -15.31 1.01 -48.33
CA GLN A 95 -15.79 1.52 -49.61
C GLN A 95 -17.25 1.17 -49.84
N ASN A 96 -17.62 -0.08 -49.57
CA ASN A 96 -18.97 -0.56 -49.78
C ASN A 96 -19.97 0.20 -48.91
N LEU A 97 -19.57 0.54 -47.69
CA LEU A 97 -20.50 0.99 -46.65
C LEU A 97 -20.41 2.50 -46.40
N LYS A 98 -19.75 3.24 -47.32
CA LYS A 98 -19.42 4.65 -47.16
C LYS A 98 -20.66 5.54 -47.06
N ASP A 99 -21.78 5.11 -47.69
CA ASP A 99 -23.02 5.87 -47.67
C ASP A 99 -24.07 5.25 -46.75
N LEU A 100 -23.77 4.16 -46.04
CA LEU A 100 -24.78 3.48 -45.25
C LEU A 100 -25.08 4.24 -43.95
N SER A 101 -24.05 4.45 -43.11
CA SER A 101 -24.17 5.25 -41.89
C SER A 101 -22.79 5.65 -41.38
N PRO A 102 -22.55 6.94 -40.99
CA PRO A 102 -21.23 7.38 -40.54
C PRO A 102 -20.75 6.74 -39.24
N VAL A 103 -21.69 6.21 -38.44
CA VAL A 103 -21.34 5.47 -37.23
C VAL A 103 -20.53 4.22 -37.59
N ILE A 104 -20.88 3.58 -38.71
CA ILE A 104 -20.22 2.36 -39.18
C ILE A 104 -18.82 2.72 -39.70
N VAL A 105 -18.76 3.77 -40.54
CA VAL A 105 -17.51 4.27 -41.12
C VAL A 105 -16.51 4.57 -40.02
N THR A 106 -16.95 5.15 -38.90
CA THR A 106 -16.08 5.41 -37.78
C THR A 106 -15.42 4.13 -37.26
N GLN A 107 -16.21 3.05 -37.08
CA GLN A 107 -15.67 1.80 -36.58
C GLN A 107 -14.68 1.18 -37.57
N LEU A 108 -14.98 1.29 -38.86
CA LEU A 108 -14.11 0.76 -39.89
C LEU A 108 -12.82 1.56 -40.01
N ALA A 109 -12.92 2.89 -39.91
CA ALA A 109 -11.78 3.80 -39.94
C ALA A 109 -10.81 3.51 -38.79
N LEU A 110 -11.36 3.27 -37.59
CA LEU A 110 -10.60 2.83 -36.43
C LEU A 110 -9.94 1.48 -36.67
N ALA A 111 -10.71 0.50 -37.15
CA ALA A 111 -10.20 -0.83 -37.43
C ALA A 111 -9.01 -0.80 -38.40
N ILE A 112 -9.10 0.02 -39.45
CA ILE A 112 -8.07 0.15 -40.47
C ILE A 112 -6.83 0.81 -39.88
N ALA A 113 -7.01 1.90 -39.13
CA ALA A 113 -5.90 2.58 -38.47
C ALA A 113 -5.21 1.65 -37.46
N ASP A 114 -6.00 0.98 -36.60
CA ASP A 114 -5.48 0.08 -35.58
C ASP A 114 -4.61 -1.01 -36.23
N LEU A 115 -5.15 -1.61 -37.30
CA LEU A 115 -4.43 -2.60 -38.08
C LEU A 115 -3.19 -2.01 -38.77
N ALA A 116 -3.28 -0.78 -39.32
CA ALA A 116 -2.14 -0.12 -39.95
C ALA A 116 -1.00 0.16 -38.97
N LEU A 117 -1.34 0.55 -37.72
CA LEU A 117 -0.36 0.86 -36.67
C LEU A 117 0.36 -0.41 -36.18
N GLN A 118 -0.39 -1.51 -36.07
CA GLN A 118 0.16 -2.79 -35.63
C GLN A 118 0.84 -3.57 -36.76
N MET A 119 0.55 -3.24 -38.05
CA MET A 119 1.10 -3.94 -39.22
C MET A 119 2.33 -3.20 -39.78
N PRO A 120 3.58 -3.69 -39.58
CA PRO A 120 4.77 -3.00 -40.07
C PRO A 120 5.19 -3.27 -41.50
N SER A 121 4.55 -4.27 -42.14
CA SER A 121 4.78 -4.68 -43.52
C SER A 121 4.28 -3.62 -44.49
N TRP A 122 3.10 -3.11 -44.16
CA TRP A 122 2.46 -2.04 -44.87
C TRP A 122 3.05 -0.70 -44.44
N LYS A 123 4.38 -0.58 -44.54
CA LYS A 123 5.06 0.68 -44.28
C LYS A 123 4.71 1.67 -45.41
N GLY A 124 4.65 2.95 -45.04
CA GLY A 124 4.25 4.02 -45.95
C GLY A 124 2.74 4.06 -46.20
N CYS A 125 1.92 3.43 -45.34
CA CYS A 125 0.51 3.19 -45.64
C CYS A 125 -0.23 4.50 -45.94
N VAL A 126 0.15 5.61 -45.29
CA VAL A 126 -0.49 6.91 -45.50
C VAL A 126 -0.54 7.20 -47.00
N GLN A 127 0.62 7.13 -47.65
CA GLN A 127 0.76 7.48 -49.05
C GLN A 127 -0.06 6.52 -49.93
N THR A 128 -0.22 5.26 -49.48
CA THR A 128 -0.95 4.23 -50.19
C THR A 128 -2.47 4.47 -50.13
N LEU A 129 -2.96 4.95 -48.98
CA LEU A 129 -4.37 5.29 -48.80
C LEU A 129 -4.73 6.49 -49.66
N VAL A 130 -3.85 7.51 -49.67
CA VAL A 130 -3.98 8.66 -50.56
C VAL A 130 -3.96 8.20 -52.01
N GLU A 131 -2.97 7.39 -52.42
CA GLU A 131 -2.88 6.91 -53.80
C GLU A 131 -4.18 6.25 -54.25
N LYS A 132 -4.77 5.43 -53.39
CA LYS A 132 -5.92 4.63 -53.77
C LYS A 132 -7.21 5.45 -53.84
N TYR A 133 -7.36 6.52 -53.03
CA TYR A 133 -8.65 7.16 -52.83
C TYR A 133 -8.70 8.67 -53.06
N SER A 134 -7.55 9.33 -53.19
CA SER A 134 -7.44 10.79 -53.19
C SER A 134 -8.41 11.48 -54.14
N ASN A 135 -8.59 10.92 -55.35
CA ASN A 135 -9.18 11.67 -56.46
C ASN A 135 -10.65 11.31 -56.71
N ASP A 136 -11.17 10.27 -56.05
CA ASP A 136 -12.60 10.00 -56.04
C ASP A 136 -13.24 10.78 -54.88
N VAL A 137 -14.18 11.69 -55.18
CA VAL A 137 -14.70 12.64 -54.20
C VAL A 137 -15.61 11.91 -53.21
N THR A 138 -16.14 10.77 -53.64
CA THR A 138 -16.98 9.96 -52.79
C THR A 138 -16.18 9.14 -51.78
N SER A 139 -14.87 8.94 -52.00
CA SER A 139 -13.99 8.29 -51.03
C SER A 139 -13.46 9.27 -50.00
N LEU A 140 -13.47 10.59 -50.28
CA LEU A 140 -12.86 11.56 -49.38
C LEU A 140 -13.49 11.54 -47.99
N PRO A 141 -14.83 11.41 -47.80
CA PRO A 141 -15.40 11.28 -46.46
C PRO A 141 -14.77 10.21 -45.55
N PHE A 142 -14.55 8.98 -46.05
CA PHE A 142 -13.99 7.92 -45.22
C PHE A 142 -12.45 8.00 -45.19
N LEU A 143 -11.79 8.51 -46.23
CA LEU A 143 -10.34 8.66 -46.19
C LEU A 143 -9.94 9.65 -45.11
N LEU A 144 -10.70 10.75 -44.99
CA LEU A 144 -10.52 11.72 -43.94
C LEU A 144 -10.79 11.10 -42.57
N GLU A 145 -11.82 10.27 -42.47
CA GLU A 145 -12.20 9.64 -41.21
C GLU A 145 -11.07 8.75 -40.70
N ILE A 146 -10.40 7.98 -41.58
CA ILE A 146 -9.25 7.11 -41.29
C ILE A 146 -8.03 7.94 -40.90
N LEU A 147 -7.72 8.94 -41.72
CA LEU A 147 -6.57 9.79 -41.50
C LEU A 147 -6.75 10.66 -40.26
N THR A 148 -7.99 10.92 -39.83
CA THR A 148 -8.25 11.67 -38.61
C THR A 148 -8.00 10.79 -37.38
N VAL A 149 -8.57 9.56 -37.36
CA VAL A 149 -8.46 8.67 -36.22
C VAL A 149 -7.06 8.04 -36.10
N LEU A 150 -6.29 8.00 -37.20
CA LEU A 150 -5.00 7.34 -37.20
C LEU A 150 -4.04 8.00 -36.19
N PRO A 151 -3.80 9.33 -36.17
CA PRO A 151 -3.01 9.98 -35.12
C PRO A 151 -3.59 9.91 -33.70
N GLU A 152 -4.90 9.72 -33.57
CA GLU A 152 -5.57 9.60 -32.28
C GLU A 152 -5.33 8.23 -31.63
N GLU A 153 -5.25 7.16 -32.43
CA GLU A 153 -5.00 5.83 -31.91
C GLU A 153 -3.50 5.50 -31.77
N VAL A 154 -2.58 6.37 -32.19
CA VAL A 154 -1.14 6.09 -32.07
C VAL A 154 -0.78 5.73 -30.64
N HIS A 155 -1.26 6.52 -29.66
CA HIS A 155 -0.88 6.32 -28.26
C HIS A 155 -1.96 5.55 -27.46
N SER A 156 -2.87 4.87 -28.16
CA SER A 156 -3.95 4.13 -27.54
C SER A 156 -3.39 2.89 -26.84
N ARG A 157 -3.51 2.82 -25.50
CA ARG A 157 -2.98 1.70 -24.72
C ARG A 157 -3.91 0.48 -24.77
N SER A 158 -4.92 0.54 -25.64
CA SER A 158 -5.62 -0.63 -26.16
C SER A 158 -4.76 -1.50 -27.09
N LEU A 159 -3.56 -1.06 -27.51
CA LEU A 159 -3.04 -1.42 -28.84
C LEU A 159 -1.74 -2.23 -28.87
N ARG A 160 -1.01 -2.44 -27.76
CA ARG A 160 0.14 -3.37 -27.73
C ARG A 160 1.23 -2.99 -28.73
N ILE A 161 1.89 -1.83 -28.51
CA ILE A 161 3.01 -1.36 -29.33
C ILE A 161 4.12 -0.85 -28.40
N GLY A 162 5.38 -1.25 -28.65
CA GLY A 162 6.49 -0.85 -27.80
C GLY A 162 6.97 0.57 -28.07
N ALA A 163 7.79 1.13 -27.17
CA ALA A 163 8.37 2.46 -27.36
C ALA A 163 9.12 2.56 -28.68
N ASN A 164 9.90 1.51 -29.02
CA ASN A 164 10.59 1.41 -30.29
C ASN A 164 9.62 1.57 -31.46
N ARG A 165 8.66 0.64 -31.61
CA ARG A 165 7.76 0.63 -32.76
C ARG A 165 6.89 1.90 -32.82
N ARG A 166 6.44 2.43 -31.68
CA ARG A 166 5.58 3.61 -31.66
C ARG A 166 6.34 4.86 -32.11
N THR A 167 7.59 5.02 -31.66
CA THR A 167 8.42 6.13 -32.12
C THR A 167 8.81 5.98 -33.59
N GLU A 168 8.93 4.76 -34.13
CA GLU A 168 9.08 4.57 -35.56
C GLU A 168 7.83 4.94 -36.36
N ILE A 169 6.65 4.58 -35.85
CA ILE A 169 5.37 5.00 -36.43
C ILE A 169 5.30 6.53 -36.53
N ILE A 170 5.58 7.23 -35.41
CA ILE A 170 5.37 8.67 -35.33
C ILE A 170 6.34 9.42 -36.28
N GLU A 171 7.60 8.96 -36.39
CA GLU A 171 8.53 9.62 -37.29
C GLU A 171 8.15 9.37 -38.75
N ASP A 172 7.51 8.22 -39.05
CA ASP A 172 6.95 7.97 -40.38
C ASP A 172 5.74 8.88 -40.62
N LEU A 173 4.79 8.92 -39.68
CA LEU A 173 3.64 9.80 -39.83
C LEU A 173 4.11 11.24 -40.06
N ALA A 174 5.16 11.67 -39.35
CA ALA A 174 5.72 13.00 -39.51
C ALA A 174 6.23 13.21 -40.94
N PHE A 175 6.90 12.20 -41.50
CA PHE A 175 7.46 12.25 -42.85
C PHE A 175 6.37 12.40 -43.91
N TYR A 176 5.23 11.72 -43.76
CA TYR A 176 4.13 11.81 -44.72
C TYR A 176 3.09 12.87 -44.37
N SER A 177 3.33 13.73 -43.37
CA SER A 177 2.30 14.67 -42.94
C SER A 177 2.01 15.73 -44.02
N SER A 178 3.04 16.13 -44.77
CA SER A 178 2.86 17.08 -45.87
C SER A 178 1.96 16.50 -46.96
N THR A 179 2.03 15.18 -47.22
CA THR A 179 1.10 14.49 -48.10
C THR A 179 -0.35 14.64 -47.61
N VAL A 180 -0.56 14.50 -46.30
CA VAL A 180 -1.89 14.59 -45.69
C VAL A 180 -2.41 16.02 -45.80
N VAL A 181 -1.56 17.02 -45.58
CA VAL A 181 -1.97 18.41 -45.70
C VAL A 181 -2.35 18.70 -47.16
N SER A 182 -1.56 18.21 -48.10
CA SER A 182 -1.84 18.37 -49.53
C SER A 182 -3.18 17.75 -49.92
N LEU A 183 -3.53 16.61 -49.34
CA LEU A 183 -4.85 16.02 -49.54
C LEU A 183 -5.94 16.96 -49.01
N LEU A 184 -5.72 17.58 -47.83
CA LEU A 184 -6.73 18.45 -47.24
C LEU A 184 -6.98 19.68 -48.11
N MET A 185 -5.93 20.22 -48.73
CA MET A 185 -6.08 21.27 -49.73
C MET A 185 -6.87 20.77 -50.95
N THR A 186 -6.67 19.52 -51.38
CA THR A 186 -7.44 18.92 -52.47
C THR A 186 -8.92 18.81 -52.07
N CYS A 187 -9.18 18.45 -50.80
CA CYS A 187 -10.52 18.37 -50.27
C CYS A 187 -11.16 19.75 -50.10
N VAL A 188 -10.48 20.87 -50.42
CA VAL A 188 -11.16 22.16 -50.42
C VAL A 188 -11.15 22.85 -51.79
N GLU A 189 -10.22 22.50 -52.70
CA GLU A 189 -10.45 22.80 -54.11
C GLU A 189 -11.69 22.03 -54.57
N LYS A 190 -11.77 20.73 -54.27
CA LYS A 190 -12.99 19.97 -54.50
C LYS A 190 -13.92 20.10 -53.29
N ALA A 191 -15.15 20.58 -53.48
CA ALA A 191 -16.19 20.61 -52.44
C ALA A 191 -15.86 21.49 -51.23
N GLY A 192 -14.97 22.49 -51.36
CA GLY A 192 -14.70 23.42 -50.26
C GLY A 192 -15.85 24.37 -49.91
N THR A 193 -16.96 24.31 -50.66
CA THR A 193 -18.16 25.11 -50.41
C THR A 193 -19.12 24.39 -49.44
N ASP A 194 -18.89 23.09 -49.16
CA ASP A 194 -19.75 22.27 -48.29
C ASP A 194 -19.19 22.14 -46.87
N GLU A 195 -19.97 22.55 -45.87
CA GLU A 195 -19.51 22.59 -44.48
C GLU A 195 -19.17 21.19 -43.95
N LYS A 196 -19.83 20.14 -44.43
CA LYS A 196 -19.53 18.78 -44.03
C LYS A 196 -18.10 18.40 -44.37
N MET A 197 -17.58 18.88 -45.50
CA MET A 197 -16.22 18.55 -45.90
C MET A 197 -15.23 19.44 -45.13
N LEU A 198 -15.57 20.71 -44.87
CA LEU A 198 -14.72 21.61 -44.09
C LEU A 198 -14.52 21.09 -42.67
N MET A 199 -15.58 20.56 -42.04
CA MET A 199 -15.49 19.94 -40.73
C MET A 199 -14.47 18.82 -40.75
N LYS A 200 -14.60 17.87 -41.69
CA LYS A 200 -13.71 16.73 -41.79
C LYS A 200 -12.27 17.19 -42.01
N VAL A 201 -12.08 18.23 -42.83
CA VAL A 201 -10.76 18.80 -43.06
C VAL A 201 -10.19 19.40 -41.78
N PHE A 202 -10.96 20.22 -41.05
CA PHE A 202 -10.44 20.85 -39.84
C PHE A 202 -10.25 19.83 -38.71
N ARG A 203 -11.12 18.81 -38.61
CA ARG A 203 -10.93 17.72 -37.67
C ARG A 203 -9.65 16.95 -38.00
N CYS A 204 -9.38 16.71 -39.28
CA CYS A 204 -8.18 16.01 -39.71
C CYS A 204 -6.92 16.82 -39.41
N LEU A 205 -6.90 18.09 -39.84
CA LEU A 205 -5.77 18.98 -39.59
C LEU A 205 -5.50 19.07 -38.08
N GLY A 206 -6.56 19.22 -37.28
CA GLY A 206 -6.44 19.26 -35.84
C GLY A 206 -5.82 18.00 -35.25
N SER A 207 -6.25 16.82 -35.74
CA SER A 207 -5.70 15.54 -35.29
C SER A 207 -4.19 15.45 -35.55
N TRP A 208 -3.73 15.93 -36.70
CA TRP A 208 -2.32 15.88 -37.08
C TRP A 208 -1.49 16.96 -36.38
N PHE A 209 -2.11 18.09 -36.01
CA PHE A 209 -1.50 19.05 -35.11
C PHE A 209 -1.29 18.43 -33.73
N ASN A 210 -2.32 17.75 -33.19
CA ASN A 210 -2.26 17.15 -31.87
C ASN A 210 -1.15 16.10 -31.73
N LEU A 211 -0.75 15.43 -32.83
CA LEU A 211 0.33 14.45 -32.79
C LEU A 211 1.71 15.11 -32.85
N GLY A 212 1.78 16.41 -33.16
CA GLY A 212 3.02 17.17 -33.08
C GLY A 212 3.94 16.98 -34.29
N VAL A 213 3.40 16.47 -35.41
CA VAL A 213 4.21 15.99 -36.52
C VAL A 213 4.25 16.98 -37.68
N LEU A 214 3.29 17.90 -37.76
CA LEU A 214 3.29 18.94 -38.79
C LEU A 214 4.48 19.88 -38.63
N ASP A 215 5.18 20.16 -39.72
CA ASP A 215 6.21 21.18 -39.73
C ASP A 215 5.52 22.54 -39.70
N SER A 216 5.74 23.30 -38.63
CA SER A 216 5.08 24.57 -38.43
C SER A 216 5.47 25.59 -39.52
N ASN A 217 6.65 25.46 -40.12
CA ASN A 217 7.10 26.38 -41.17
C ASN A 217 6.33 26.14 -42.47
N PHE A 218 6.14 24.88 -42.84
CA PHE A 218 5.33 24.48 -43.97
C PHE A 218 3.88 24.93 -43.79
N MET A 219 3.35 24.77 -42.56
CA MET A 219 2.01 25.21 -42.22
C MET A 219 1.87 26.73 -42.22
N ALA A 220 2.95 27.49 -41.93
CA ALA A 220 2.94 28.94 -42.04
C ALA A 220 2.78 29.36 -43.51
N ASN A 221 3.50 28.69 -44.42
CA ASN A 221 3.36 28.90 -45.86
C ASN A 221 2.00 28.43 -46.40
N ASN A 222 1.09 27.93 -45.54
CA ASN A 222 -0.11 27.23 -46.00
C ASN A 222 -1.37 28.11 -45.86
N LYS A 223 -2.13 28.23 -46.96
CA LYS A 223 -3.36 29.01 -47.00
C LYS A 223 -4.55 28.26 -46.38
N LEU A 224 -4.35 27.04 -45.90
CA LEU A 224 -5.34 26.25 -45.18
C LEU A 224 -5.59 26.84 -43.77
N LEU A 225 -4.60 27.54 -43.18
CA LEU A 225 -4.83 28.27 -41.93
C LEU A 225 -5.56 29.60 -42.18
N ALA A 226 -5.34 30.24 -43.34
CA ALA A 226 -6.12 31.40 -43.74
C ALA A 226 -7.60 30.99 -43.91
N LEU A 227 -7.88 29.85 -44.55
CA LEU A 227 -9.24 29.32 -44.67
C LEU A 227 -9.84 29.06 -43.29
N LEU A 228 -9.07 28.43 -42.40
CA LEU A 228 -9.49 28.16 -41.04
C LEU A 228 -9.89 29.43 -40.28
N PHE A 229 -9.11 30.51 -40.37
CA PHE A 229 -9.49 31.79 -39.78
C PHE A 229 -10.64 32.47 -40.51
N GLU A 230 -10.73 32.34 -41.84
CA GLU A 230 -11.79 32.99 -42.59
C GLU A 230 -13.16 32.42 -42.19
N VAL A 231 -13.26 31.10 -42.03
CA VAL A 231 -14.45 30.42 -41.55
C VAL A 231 -14.86 30.95 -40.17
N LEU A 232 -13.89 31.17 -39.27
CA LEU A 232 -14.16 31.73 -37.94
C LEU A 232 -14.58 33.19 -37.97
N GLN A 233 -14.22 33.96 -39.01
CA GLN A 233 -14.67 35.33 -39.17
C GLN A 233 -16.11 35.38 -39.71
N GLN A 234 -16.48 34.48 -40.64
CA GLN A 234 -17.81 34.50 -41.25
C GLN A 234 -18.91 34.16 -40.23
N ASP A 235 -19.95 35.00 -40.23
CA ASP A 235 -21.09 34.88 -39.34
C ASP A 235 -21.95 33.65 -39.62
N LYS A 236 -22.02 33.26 -40.91
CA LYS A 236 -23.01 32.34 -41.46
C LYS A 236 -22.65 30.85 -41.29
N THR A 237 -21.53 30.52 -40.63
CA THR A 237 -21.13 29.14 -40.44
C THR A 237 -22.01 28.44 -39.40
N SER A 238 -22.12 27.11 -39.51
CA SER A 238 -22.89 26.31 -38.56
C SER A 238 -22.13 26.17 -37.23
N SER A 239 -22.86 25.75 -36.19
CA SER A 239 -22.29 25.50 -34.88
C SER A 239 -21.13 24.50 -34.95
N ASN A 240 -21.36 23.45 -35.75
CA ASN A 240 -20.47 22.32 -35.86
C ASN A 240 -19.19 22.71 -36.59
N LEU A 241 -19.30 23.48 -37.68
CA LEU A 241 -18.12 23.93 -38.39
C LEU A 241 -17.32 24.92 -37.55
N HIS A 242 -18.03 25.86 -36.94
CA HIS A 242 -17.40 26.87 -36.10
C HIS A 242 -16.63 26.19 -34.96
N GLU A 243 -17.23 25.19 -34.32
CA GLU A 243 -16.54 24.42 -33.28
C GLU A 243 -15.37 23.61 -33.85
N ALA A 244 -15.52 22.96 -35.01
CA ALA A 244 -14.43 22.22 -35.63
C ALA A 244 -13.25 23.14 -35.94
N ALA A 245 -13.54 24.32 -36.49
CA ALA A 245 -12.50 25.30 -36.79
C ALA A 245 -11.86 25.82 -35.50
N SER A 246 -12.67 26.05 -34.46
CA SER A 246 -12.20 26.51 -33.15
C SER A 246 -11.28 25.48 -32.49
N ASP A 247 -11.69 24.22 -32.50
CA ASP A 247 -10.88 23.15 -31.95
C ASP A 247 -9.59 23.02 -32.75
N CYS A 248 -9.63 23.22 -34.07
CA CYS A 248 -8.46 23.16 -34.91
C CYS A 248 -7.48 24.31 -34.60
N VAL A 249 -7.96 25.54 -34.43
CA VAL A 249 -7.10 26.65 -34.05
C VAL A 249 -6.47 26.39 -32.68
N CYS A 250 -7.24 25.87 -31.72
CA CYS A 250 -6.67 25.48 -30.44
C CYS A 250 -5.62 24.38 -30.61
N SER A 251 -5.85 23.39 -31.48
CA SER A 251 -4.88 22.35 -31.80
C SER A 251 -3.57 22.94 -32.33
N ALA A 252 -3.68 23.94 -33.20
CA ALA A 252 -2.52 24.64 -33.75
C ALA A 252 -1.77 25.41 -32.67
N LEU A 253 -2.48 26.05 -31.75
CA LEU A 253 -1.87 26.71 -30.59
C LEU A 253 -1.21 25.70 -29.64
N TYR A 254 -1.87 24.58 -29.35
CA TYR A 254 -1.35 23.55 -28.44
C TYR A 254 0.03 23.05 -28.89
N ALA A 255 0.22 22.91 -30.21
CA ALA A 255 1.42 22.38 -30.82
C ALA A 255 2.65 23.29 -30.67
N ILE A 256 2.49 24.59 -30.36
CA ILE A 256 3.58 25.55 -30.51
C ILE A 256 4.07 26.12 -29.16
N GLU A 257 4.03 25.32 -28.08
CA GLU A 257 4.45 25.77 -26.75
C GLU A 257 5.93 26.18 -26.73
N ASN A 258 6.78 25.44 -27.46
CA ASN A 258 8.14 25.84 -27.74
C ASN A 258 8.13 26.95 -28.81
N VAL A 259 7.66 28.14 -28.40
CA VAL A 259 7.39 29.27 -29.28
C VAL A 259 8.59 29.59 -30.16
N GLU A 260 9.78 29.63 -29.56
CA GLU A 260 10.99 30.12 -30.21
C GLU A 260 11.46 29.20 -31.35
N THR A 261 11.03 27.94 -31.34
CA THR A 261 11.35 26.98 -32.40
C THR A 261 10.25 26.92 -33.48
N ASN A 262 9.12 27.63 -33.24
CA ASN A 262 7.92 27.59 -34.06
C ASN A 262 7.45 29.00 -34.46
N LEU A 263 8.37 29.98 -34.50
CA LEU A 263 8.00 31.38 -34.36
C LEU A 263 7.26 31.95 -35.58
N PRO A 264 7.59 31.61 -36.85
CA PRO A 264 6.77 32.00 -38.00
C PRO A 264 5.29 31.62 -37.93
N LEU A 265 4.96 30.42 -37.43
CA LEU A 265 3.57 30.01 -37.27
C LEU A 265 2.93 30.63 -36.04
N ALA A 266 3.70 30.80 -34.96
CA ALA A 266 3.22 31.50 -33.78
C ALA A 266 2.77 32.92 -34.12
N MET A 267 3.49 33.64 -34.99
CA MET A 267 3.10 35.00 -35.39
C MET A 267 1.78 34.98 -36.17
N GLN A 268 1.57 33.97 -37.03
CA GLN A 268 0.34 33.85 -37.79
C GLN A 268 -0.86 33.46 -36.93
N LEU A 269 -0.70 32.52 -35.99
CA LEU A 269 -1.78 32.17 -35.08
C LEU A 269 -2.05 33.33 -34.13
N PHE A 270 -1.01 34.01 -33.64
CA PHE A 270 -1.18 35.16 -32.76
C PHE A 270 -1.95 36.28 -33.47
N GLN A 271 -1.52 36.72 -34.67
CA GLN A 271 -2.26 37.75 -35.39
C GLN A 271 -3.66 37.23 -35.75
N GLY A 272 -3.76 35.99 -36.24
CA GLY A 272 -5.01 35.41 -36.71
C GLY A 272 -6.10 35.43 -35.64
N VAL A 273 -5.79 35.01 -34.41
CA VAL A 273 -6.73 35.02 -33.30
C VAL A 273 -7.17 36.44 -32.98
N LEU A 274 -6.28 37.43 -33.05
CA LEU A 274 -6.62 38.80 -32.66
C LEU A 274 -7.57 39.45 -33.66
N THR A 275 -7.58 38.98 -34.93
CA THR A 275 -8.52 39.45 -35.93
C THR A 275 -9.96 39.05 -35.61
N LEU A 276 -10.15 37.96 -34.85
CA LEU A 276 -11.47 37.44 -34.53
C LEU A 276 -12.21 38.35 -33.54
N GLU A 277 -11.61 39.44 -33.06
CA GLU A 277 -12.33 40.38 -32.21
C GLU A 277 -13.57 40.97 -32.88
N THR A 278 -13.49 41.34 -34.16
CA THR A 278 -14.65 41.92 -34.84
C THR A 278 -15.74 40.86 -34.95
N ALA A 279 -15.35 39.63 -35.29
CA ALA A 279 -16.25 38.50 -35.39
C ALA A 279 -16.91 38.17 -34.04
N TYR A 280 -16.12 38.22 -32.95
CA TYR A 280 -16.61 38.11 -31.58
C TYR A 280 -17.65 39.19 -31.25
N HIS A 281 -17.33 40.49 -31.44
CA HIS A 281 -18.28 41.56 -31.12
C HIS A 281 -19.61 41.38 -31.87
N MET A 282 -19.56 40.91 -33.11
CA MET A 282 -20.75 40.71 -33.91
C MET A 282 -21.59 39.53 -33.40
N ALA A 283 -20.93 38.45 -32.99
CA ALA A 283 -21.59 37.30 -32.38
C ALA A 283 -22.24 37.68 -31.04
N VAL A 284 -21.66 38.59 -30.26
CA VAL A 284 -22.30 39.07 -29.05
C VAL A 284 -23.55 39.88 -29.40
N ALA A 285 -23.41 40.81 -30.34
CA ALA A 285 -24.50 41.67 -30.78
C ALA A 285 -25.72 40.85 -31.26
N ARG A 286 -25.52 39.76 -32.01
CA ARG A 286 -26.64 38.97 -32.52
C ARG A 286 -27.02 37.78 -31.62
N GLU A 287 -26.38 37.68 -30.43
CA GLU A 287 -26.65 36.66 -29.41
C GLU A 287 -26.36 35.24 -29.93
N ASP A 288 -25.23 35.09 -30.60
CA ASP A 288 -24.78 33.81 -31.15
C ASP A 288 -23.86 33.13 -30.15
N LEU A 289 -24.45 32.64 -29.05
CA LEU A 289 -23.72 32.15 -27.90
C LEU A 289 -22.75 31.02 -28.26
N ASP A 290 -23.12 30.09 -29.16
CA ASP A 290 -22.22 29.02 -29.58
C ASP A 290 -20.87 29.57 -30.01
N LYS A 291 -20.92 30.64 -30.80
CA LYS A 291 -19.72 31.24 -31.37
C LYS A 291 -19.03 32.09 -30.32
N VAL A 292 -19.79 32.77 -29.45
CA VAL A 292 -19.20 33.57 -28.37
C VAL A 292 -18.33 32.68 -27.48
N LEU A 293 -18.87 31.52 -27.07
CA LEU A 293 -18.15 30.53 -26.29
C LEU A 293 -16.95 29.99 -27.07
N ASN A 294 -17.11 29.66 -28.35
CA ASN A 294 -16.01 29.18 -29.16
C ASN A 294 -14.85 30.19 -29.24
N TYR A 295 -15.16 31.49 -29.35
CA TYR A 295 -14.13 32.53 -29.38
C TYR A 295 -13.47 32.67 -28.01
N CYS A 296 -14.25 32.72 -26.93
CA CYS A 296 -13.67 32.83 -25.60
C CYS A 296 -12.67 31.70 -25.36
N ARG A 297 -12.95 30.48 -25.84
CA ARG A 297 -12.03 29.34 -25.76
C ARG A 297 -10.75 29.59 -26.58
N ILE A 298 -10.86 30.04 -27.84
CA ILE A 298 -9.71 30.39 -28.66
C ILE A 298 -8.88 31.51 -28.02
N PHE A 299 -9.55 32.57 -27.54
CA PHE A 299 -8.85 33.69 -26.91
C PHE A 299 -8.09 33.21 -25.68
N THR A 300 -8.75 32.41 -24.85
CA THR A 300 -8.15 31.88 -23.66
C THR A 300 -6.97 30.97 -24.01
N GLU A 301 -7.09 30.09 -25.01
CA GLU A 301 -5.97 29.25 -25.41
C GLU A 301 -4.81 30.07 -26.00
N LEU A 302 -5.06 31.20 -26.65
CA LEU A 302 -3.98 32.10 -27.03
C LEU A 302 -3.25 32.62 -25.79
N CYS A 303 -3.97 33.12 -24.79
CA CYS A 303 -3.37 33.65 -23.58
C CYS A 303 -2.60 32.59 -22.82
N GLU A 304 -3.16 31.39 -22.70
CA GLU A 304 -2.49 30.23 -22.10
C GLU A 304 -1.18 29.91 -22.81
N THR A 305 -1.17 29.98 -24.14
CA THR A 305 -0.03 29.63 -24.98
C THR A 305 1.08 30.66 -24.85
N PHE A 306 0.73 31.95 -24.67
CA PHE A 306 1.69 33.04 -24.68
C PHE A 306 1.90 33.66 -23.29
N LEU A 307 1.52 32.97 -22.21
CA LEU A 307 1.57 33.51 -20.86
C LEU A 307 2.98 34.04 -20.51
N GLU A 308 4.02 33.25 -20.80
CA GLU A 308 5.39 33.64 -20.52
C GLU A 308 5.80 34.89 -21.31
N LYS A 309 5.48 34.94 -22.61
CA LYS A 309 5.75 36.13 -23.39
C LYS A 309 5.01 37.34 -22.82
N ILE A 310 3.80 37.15 -22.31
CA ILE A 310 3.00 38.23 -21.74
C ILE A 310 3.70 38.79 -20.49
N VAL A 311 4.13 37.90 -19.58
CA VAL A 311 4.67 38.30 -18.28
C VAL A 311 6.11 38.80 -18.42
N CYS A 312 6.93 38.13 -19.23
CA CYS A 312 8.34 38.45 -19.34
C CYS A 312 8.60 39.63 -20.28
N THR A 313 7.70 39.89 -21.25
CA THR A 313 7.87 40.99 -22.19
C THR A 313 6.53 41.71 -22.41
N PRO A 314 5.93 42.33 -21.36
CA PRO A 314 4.57 42.87 -21.43
C PRO A 314 4.39 43.94 -22.50
N GLY A 315 3.50 43.69 -23.46
CA GLY A 315 3.22 44.62 -24.54
C GLY A 315 4.19 44.51 -25.72
N GLN A 316 5.13 43.55 -25.68
CA GLN A 316 6.15 43.42 -26.71
C GLN A 316 6.02 42.10 -27.47
N GLY A 317 5.81 42.19 -28.79
CA GLY A 317 5.76 41.01 -29.65
C GLY A 317 4.56 40.12 -29.28
N LEU A 318 4.81 38.82 -29.07
CA LEU A 318 3.72 37.91 -28.71
C LEU A 318 3.37 38.02 -27.22
N GLY A 319 3.94 39.00 -26.51
CA GLY A 319 3.49 39.36 -25.16
C GLY A 319 2.47 40.50 -25.12
N ASP A 320 1.99 40.93 -26.29
CA ASP A 320 1.04 42.02 -26.46
C ASP A 320 -0.22 41.82 -25.61
N LEU A 321 -0.62 42.88 -24.88
CA LEU A 321 -1.67 42.79 -23.87
C LEU A 321 -3.08 42.96 -24.46
N ARG A 322 -3.23 43.03 -25.80
CA ARG A 322 -4.52 42.84 -26.45
C ARG A 322 -5.10 41.47 -26.05
N THR A 323 -4.24 40.49 -25.81
CA THR A 323 -4.61 39.20 -25.22
C THR A 323 -5.51 39.40 -24.00
N LEU A 324 -4.99 40.05 -22.95
CA LEU A 324 -5.75 40.24 -21.72
C LEU A 324 -7.00 41.09 -21.97
N GLU A 325 -6.89 42.11 -22.82
CA GLU A 325 -8.01 42.98 -23.11
C GLU A 325 -9.17 42.19 -23.75
N LEU A 326 -8.88 41.21 -24.61
CA LEU A 326 -9.91 40.31 -25.14
C LEU A 326 -10.56 39.51 -24.02
N LEU A 327 -9.76 38.96 -23.10
CA LEU A 327 -10.35 38.19 -22.02
C LEU A 327 -11.14 39.08 -21.06
N LEU A 328 -10.82 40.38 -20.99
CA LEU A 328 -11.59 41.33 -20.18
C LEU A 328 -12.93 41.68 -20.84
N ILE A 329 -12.97 41.65 -22.17
CA ILE A 329 -14.18 41.79 -22.99
C ILE A 329 -15.08 40.59 -22.74
N CYS A 330 -14.50 39.39 -22.75
CA CYS A 330 -15.23 38.16 -22.47
C CYS A 330 -15.76 38.09 -21.05
N ALA A 331 -14.94 38.46 -20.06
CA ALA A 331 -15.35 38.40 -18.66
C ALA A 331 -16.48 39.36 -18.31
N GLY A 332 -16.85 40.26 -19.25
CA GLY A 332 -17.99 41.16 -19.09
C GLY A 332 -19.27 40.68 -19.77
N HIS A 333 -19.20 39.62 -20.57
CA HIS A 333 -20.37 39.08 -21.23
C HIS A 333 -21.42 38.68 -20.20
N PRO A 334 -22.71 38.99 -20.38
CA PRO A 334 -23.72 38.70 -19.37
C PRO A 334 -23.96 37.22 -19.09
N GLN A 335 -23.78 36.35 -20.09
CA GLN A 335 -23.86 34.90 -19.88
C GLN A 335 -22.69 34.45 -19.01
N TYR A 336 -23.00 33.89 -17.84
CA TYR A 336 -21.94 33.54 -16.90
C TYR A 336 -21.11 32.35 -17.40
N GLU A 337 -21.67 31.60 -18.34
CA GLU A 337 -21.01 30.47 -18.97
C GLU A 337 -19.82 30.91 -19.83
N VAL A 338 -19.82 32.17 -20.28
CA VAL A 338 -18.75 32.73 -21.10
C VAL A 338 -17.54 33.07 -20.25
N VAL A 339 -17.79 33.80 -19.15
CA VAL A 339 -16.72 34.28 -18.29
C VAL A 339 -15.96 33.11 -17.63
N GLU A 340 -16.67 32.04 -17.24
CA GLU A 340 -15.97 31.00 -16.50
C GLU A 340 -15.06 30.13 -17.38
N ILE A 341 -15.06 30.28 -18.72
CA ILE A 341 -14.06 29.65 -19.57
C ILE A 341 -12.67 30.23 -19.25
N SER A 342 -12.60 31.55 -19.09
CA SER A 342 -11.34 32.25 -18.90
C SER A 342 -10.73 32.05 -17.51
N PHE A 343 -11.45 31.39 -16.57
CA PHE A 343 -11.06 31.35 -15.16
C PHE A 343 -9.68 30.73 -14.92
N ASN A 344 -9.44 29.52 -15.46
CA ASN A 344 -8.22 28.78 -15.16
C ASN A 344 -6.99 29.53 -15.67
N PHE A 345 -7.12 30.28 -16.78
CA PHE A 345 -6.07 31.20 -17.21
C PHE A 345 -5.81 32.30 -16.16
N TRP A 346 -6.85 32.92 -15.58
CA TRP A 346 -6.67 33.93 -14.56
C TRP A 346 -5.99 33.38 -13.29
N TYR A 347 -6.37 32.19 -12.83
CA TYR A 347 -5.64 31.50 -11.79
C TYR A 347 -4.16 31.32 -12.16
N ARG A 348 -3.88 30.85 -13.38
CA ARG A 348 -2.53 30.57 -13.81
C ARG A 348 -1.69 31.84 -13.95
N LEU A 349 -2.25 32.92 -14.49
CA LEU A 349 -1.59 34.21 -14.51
C LEU A 349 -1.28 34.66 -13.08
N GLY A 350 -2.30 34.70 -12.21
CA GLY A 350 -2.14 35.15 -10.84
C GLY A 350 -1.07 34.37 -10.06
N GLU A 351 -1.03 33.06 -10.28
CA GLU A 351 0.00 32.19 -9.74
C GLU A 351 1.40 32.53 -10.26
N HIS A 352 1.58 32.77 -11.57
CA HIS A 352 2.88 33.15 -12.11
C HIS A 352 3.39 34.45 -11.50
N LEU A 353 2.52 35.47 -11.41
CA LEU A 353 2.85 36.73 -10.79
C LEU A 353 3.25 36.57 -9.32
N TYR A 354 2.58 35.67 -8.58
CA TYR A 354 2.92 35.38 -7.20
C TYR A 354 4.33 34.77 -7.07
N LYS A 355 4.81 34.06 -8.09
CA LYS A 355 6.18 33.53 -8.12
C LYS A 355 7.22 34.62 -8.46
N THR A 356 7.05 35.35 -9.58
CA THR A 356 8.01 36.40 -9.96
C THR A 356 7.68 37.72 -9.26
N ASN A 357 8.23 37.93 -8.07
CA ASN A 357 7.95 39.13 -7.31
C ASN A 357 8.76 40.28 -7.93
N ASP A 358 8.38 40.76 -9.12
CA ASP A 358 9.11 41.84 -9.78
C ASP A 358 8.15 43.00 -9.91
N GLU A 359 8.39 44.11 -9.21
CA GLU A 359 7.34 45.11 -9.00
C GLU A 359 6.93 45.84 -10.29
N VAL A 360 7.74 45.77 -11.35
CA VAL A 360 7.28 46.36 -12.60
C VAL A 360 6.51 45.35 -13.42
N ILE A 361 6.52 44.06 -13.07
CA ILE A 361 5.50 43.14 -13.53
C ILE A 361 4.22 43.39 -12.73
N HIS A 362 4.30 43.32 -11.40
CA HIS A 362 3.15 43.53 -10.53
C HIS A 362 2.43 44.84 -10.83
N GLY A 363 3.17 45.93 -11.07
CA GLY A 363 2.54 47.21 -11.36
C GLY A 363 1.60 47.16 -12.57
N ILE A 364 2.12 46.63 -13.69
CA ILE A 364 1.39 46.57 -14.95
C ILE A 364 0.11 45.77 -14.76
N PHE A 365 0.25 44.57 -14.19
CA PHE A 365 -0.83 43.58 -14.24
C PHE A 365 -1.90 43.86 -13.19
N LYS A 366 -1.56 44.56 -12.10
CA LYS A 366 -2.51 44.98 -11.07
C LYS A 366 -3.70 45.72 -11.68
N ALA A 367 -3.45 46.55 -12.69
CA ALA A 367 -4.50 47.21 -13.47
C ALA A 367 -5.45 46.20 -14.13
N TYR A 368 -4.89 45.16 -14.78
CA TYR A 368 -5.68 44.12 -15.42
C TYR A 368 -6.45 43.28 -14.39
N ILE A 369 -5.80 42.86 -13.32
CA ILE A 369 -6.46 42.03 -12.32
C ILE A 369 -7.60 42.82 -11.66
N GLN A 370 -7.43 44.12 -11.40
CA GLN A 370 -8.50 44.86 -10.74
C GLN A 370 -9.69 45.13 -11.68
N ARG A 371 -9.47 45.25 -12.99
CA ARG A 371 -10.56 45.36 -13.95
C ARG A 371 -11.41 44.08 -14.01
N LEU A 372 -10.73 42.93 -13.99
CA LEU A 372 -11.35 41.63 -13.93
C LEU A 372 -12.15 41.47 -12.65
N LEU A 373 -11.55 41.88 -11.53
CA LEU A 373 -12.17 41.85 -10.21
C LEU A 373 -13.50 42.60 -10.20
N HIS A 374 -13.56 43.82 -10.78
CA HIS A 374 -14.82 44.55 -10.99
C HIS A 374 -15.84 43.81 -11.88
N ALA A 375 -15.40 43.11 -12.94
CA ALA A 375 -16.32 42.41 -13.83
C ALA A 375 -16.86 41.12 -13.18
N LEU A 376 -15.96 40.37 -12.52
CA LEU A 376 -16.33 39.18 -11.76
C LEU A 376 -17.30 39.53 -10.63
N ALA A 377 -17.07 40.67 -9.96
CA ALA A 377 -17.93 41.18 -8.91
C ALA A 377 -19.32 41.54 -9.44
N ARG A 378 -19.42 42.15 -10.63
CA ARG A 378 -20.72 42.40 -11.24
C ARG A 378 -21.44 41.09 -11.56
N HIS A 379 -20.72 40.05 -12.00
CA HIS A 379 -21.32 38.74 -12.25
C HIS A 379 -21.98 38.12 -11.02
N CYS A 380 -21.49 38.44 -9.82
CA CYS A 380 -22.10 37.95 -8.58
C CYS A 380 -23.47 38.56 -8.29
N GLN A 381 -23.87 39.67 -8.92
CA GLN A 381 -25.17 40.30 -8.68
C GLN A 381 -26.30 39.40 -9.17
N LEU A 382 -27.26 39.15 -8.28
CA LEU A 382 -28.51 38.50 -8.62
C LEU A 382 -29.40 39.43 -9.44
N GLU A 383 -30.49 38.88 -9.97
CA GLU A 383 -31.51 39.67 -10.65
C GLU A 383 -32.25 40.51 -9.61
N PRO A 384 -32.62 41.78 -9.88
CA PRO A 384 -33.38 42.58 -8.91
C PRO A 384 -34.73 41.98 -8.53
N ASP A 385 -35.29 41.10 -9.39
CA ASP A 385 -36.58 40.48 -9.14
C ASP A 385 -36.45 39.09 -8.51
N HIS A 386 -35.28 38.77 -7.93
CA HIS A 386 -35.10 37.60 -7.08
C HIS A 386 -35.89 37.77 -5.78
N GLU A 387 -36.60 36.71 -5.35
CA GLU A 387 -37.46 36.75 -4.16
C GLU A 387 -36.72 36.44 -2.86
N GLY A 388 -36.15 35.23 -2.78
CA GLY A 388 -35.75 34.64 -1.50
C GLY A 388 -34.28 34.89 -1.14
N VAL A 389 -33.73 33.97 -0.35
CA VAL A 389 -32.30 33.91 -0.09
C VAL A 389 -31.60 33.41 -1.36
N PRO A 390 -30.28 33.61 -1.51
CA PRO A 390 -29.50 32.86 -2.50
C PRO A 390 -29.44 31.38 -2.18
N GLU A 391 -29.69 30.54 -3.21
CA GLU A 391 -29.48 29.10 -3.11
C GLU A 391 -28.00 28.77 -3.36
N GLU A 392 -27.54 27.61 -2.88
CA GLU A 392 -26.13 27.20 -2.96
C GLU A 392 -25.94 26.06 -3.98
N THR A 393 -26.70 24.95 -3.85
CA THR A 393 -26.60 23.81 -4.78
C THR A 393 -27.57 24.04 -5.95
N ASP A 394 -27.20 25.05 -6.75
CA ASP A 394 -28.08 25.67 -7.73
C ASP A 394 -27.21 26.11 -8.91
N ASP A 395 -27.75 26.21 -10.13
CA ASP A 395 -26.89 26.46 -11.29
C ASP A 395 -26.22 27.84 -11.26
N PHE A 396 -26.78 28.83 -10.54
CA PHE A 396 -26.12 30.10 -10.27
C PHE A 396 -25.42 30.12 -8.90
N GLY A 397 -25.99 29.41 -7.92
CA GLY A 397 -25.33 29.19 -6.64
C GLY A 397 -23.93 28.60 -6.79
N GLU A 398 -23.81 27.55 -7.61
CA GLU A 398 -22.54 26.91 -7.92
C GLU A 398 -21.59 27.88 -8.64
N PHE A 399 -22.11 28.66 -9.58
CA PHE A 399 -21.30 29.64 -10.32
C PHE A 399 -20.69 30.68 -9.38
N ARG A 400 -21.50 31.22 -8.47
CA ARG A 400 -21.05 32.17 -7.45
C ARG A 400 -19.90 31.63 -6.58
N MET A 401 -19.91 30.34 -6.23
CA MET A 401 -18.81 29.75 -5.46
C MET A 401 -17.50 29.87 -6.24
N ARG A 402 -17.52 29.47 -7.53
CA ARG A 402 -16.36 29.50 -8.40
C ARG A 402 -15.86 30.94 -8.58
N VAL A 403 -16.76 31.90 -8.79
CA VAL A 403 -16.38 33.30 -8.83
C VAL A 403 -15.72 33.69 -7.51
N SER A 404 -16.37 33.39 -6.38
CA SER A 404 -15.86 33.77 -5.06
C SER A 404 -14.44 33.28 -4.85
N ASP A 405 -14.17 32.03 -5.23
CA ASP A 405 -12.85 31.41 -5.11
C ASP A 405 -11.81 32.11 -5.99
N LEU A 406 -12.14 32.41 -7.25
CA LEU A 406 -11.20 33.14 -8.11
C LEU A 406 -10.98 34.56 -7.58
N VAL A 407 -12.05 35.23 -7.16
CA VAL A 407 -11.97 36.56 -6.57
C VAL A 407 -11.11 36.54 -5.31
N LYS A 408 -11.25 35.51 -4.47
CA LYS A 408 -10.46 35.37 -3.25
C LYS A 408 -8.98 35.27 -3.60
N ASP A 409 -8.65 34.30 -4.46
CA ASP A 409 -7.31 34.00 -4.90
C ASP A 409 -6.62 35.23 -5.51
N LEU A 410 -7.31 35.97 -6.39
CA LEU A 410 -6.74 37.13 -7.06
C LEU A 410 -6.68 38.38 -6.19
N ILE A 411 -7.62 38.55 -5.25
CA ILE A 411 -7.55 39.67 -4.31
C ILE A 411 -6.31 39.58 -3.43
N PHE A 412 -5.80 38.36 -3.20
CA PHE A 412 -4.57 38.14 -2.44
C PHE A 412 -3.37 38.81 -3.11
N LEU A 413 -3.35 38.87 -4.45
CA LEU A 413 -2.32 39.56 -5.22
C LEU A 413 -2.44 41.08 -5.12
N ILE A 414 -3.63 41.60 -4.81
CA ILE A 414 -3.91 43.04 -4.75
C ILE A 414 -3.78 43.59 -3.32
N GLY A 415 -3.97 42.71 -2.33
CA GLY A 415 -4.06 43.08 -0.92
C GLY A 415 -5.50 42.95 -0.44
N SER A 416 -5.77 41.94 0.41
CA SER A 416 -7.14 41.63 0.81
C SER A 416 -7.80 42.81 1.53
N MET A 417 -7.05 43.51 2.39
CA MET A 417 -7.58 44.63 3.15
C MET A 417 -7.87 45.85 2.24
N GLU A 418 -7.07 46.07 1.19
CA GLU A 418 -7.28 47.17 0.25
C GLU A 418 -8.57 46.98 -0.55
N CYS A 419 -8.83 45.74 -0.96
CA CYS A 419 -10.05 45.43 -1.68
C CYS A 419 -11.29 45.39 -0.77
N PHE A 420 -11.16 44.90 0.47
CA PHE A 420 -12.23 44.90 1.48
C PHE A 420 -12.65 46.32 1.86
N ALA A 421 -11.66 47.22 2.02
CA ALA A 421 -11.90 48.65 2.19
C ALA A 421 -12.73 49.22 1.04
N GLN A 422 -12.32 49.00 -0.23
CA GLN A 422 -13.01 49.52 -1.41
C GLN A 422 -14.40 48.92 -1.62
N LEU A 423 -14.58 47.64 -1.28
CA LEU A 423 -15.89 47.02 -1.22
C LEU A 423 -16.79 47.73 -0.21
N TYR A 424 -16.35 47.95 1.03
CA TYR A 424 -17.20 48.67 1.97
C TYR A 424 -17.52 50.09 1.49
N SER A 425 -16.55 50.77 0.88
CA SER A 425 -16.78 52.07 0.26
C SER A 425 -17.94 51.99 -0.73
N THR A 426 -18.05 50.90 -1.50
CA THR A 426 -19.12 50.72 -2.47
C THR A 426 -20.51 50.60 -1.80
N LEU A 427 -20.58 50.16 -0.53
CA LEU A 427 -21.84 50.16 0.20
C LEU A 427 -22.16 51.55 0.73
N LYS A 428 -21.11 52.30 1.10
CA LYS A 428 -21.25 53.60 1.74
C LYS A 428 -21.60 54.70 0.73
N GLU A 429 -21.20 54.53 -0.54
CA GLU A 429 -21.13 55.63 -1.49
C GLU A 429 -22.12 55.44 -2.64
N GLY A 430 -22.80 56.54 -2.98
CA GLY A 430 -23.97 56.51 -3.84
C GLY A 430 -25.20 55.95 -3.12
N ASN A 431 -26.21 55.56 -3.89
CA ASN A 431 -27.40 54.93 -3.35
C ASN A 431 -27.46 53.51 -3.91
N PRO A 432 -26.70 52.54 -3.37
CA PRO A 432 -26.64 51.21 -3.98
C PRO A 432 -27.95 50.46 -3.81
N PRO A 433 -28.47 49.81 -4.87
CA PRO A 433 -29.61 48.90 -4.72
C PRO A 433 -29.25 47.60 -4.01
N TRP A 434 -30.26 46.78 -3.74
CA TRP A 434 -30.11 45.64 -2.85
C TRP A 434 -29.18 44.59 -3.46
N GLU A 435 -29.26 44.39 -4.79
CA GLU A 435 -28.54 43.30 -5.45
C GLU A 435 -27.06 43.63 -5.60
N VAL A 436 -26.72 44.93 -5.58
CA VAL A 436 -25.32 45.36 -5.49
C VAL A 436 -24.81 45.19 -4.06
N THR A 437 -25.61 45.61 -3.09
CA THR A 437 -25.26 45.53 -1.68
C THR A 437 -25.01 44.09 -1.23
N GLU A 438 -25.87 43.15 -1.63
CA GLU A 438 -25.71 41.74 -1.31
C GLU A 438 -24.50 41.14 -2.04
N ALA A 439 -24.26 41.54 -3.30
CA ALA A 439 -23.10 41.06 -4.04
C ALA A 439 -21.82 41.50 -3.36
N VAL A 440 -21.76 42.75 -2.90
CA VAL A 440 -20.61 43.25 -2.18
C VAL A 440 -20.46 42.48 -0.85
N LEU A 441 -21.54 42.28 -0.08
CA LEU A 441 -21.46 41.51 1.16
C LEU A 441 -21.01 40.07 0.92
N PHE A 442 -21.38 39.48 -0.21
CA PHE A 442 -20.94 38.15 -0.63
C PHE A 442 -19.44 38.10 -0.94
N ILE A 443 -18.93 39.05 -1.75
CA ILE A 443 -17.49 39.16 -2.02
C ILE A 443 -16.75 39.35 -0.68
N MET A 444 -17.24 40.28 0.14
CA MET A 444 -16.66 40.58 1.45
C MET A 444 -16.60 39.34 2.35
N ALA A 445 -17.69 38.56 2.43
CA ALA A 445 -17.72 37.33 3.22
C ALA A 445 -16.68 36.30 2.76
N ALA A 446 -16.41 36.24 1.45
CA ALA A 446 -15.45 35.29 0.90
C ALA A 446 -14.02 35.67 1.28
N ILE A 447 -13.68 36.97 1.26
CA ILE A 447 -12.33 37.40 1.54
C ILE A 447 -12.12 37.79 3.01
N ALA A 448 -13.19 37.99 3.79
CA ALA A 448 -13.10 38.49 5.16
C ALA A 448 -12.07 37.70 5.98
N LYS A 449 -12.13 36.38 5.95
CA LYS A 449 -11.27 35.57 6.80
C LYS A 449 -9.83 35.50 6.24
N SER A 450 -9.58 36.17 5.11
CA SER A 450 -8.24 36.40 4.57
C SER A 450 -7.81 37.88 4.68
N VAL A 451 -8.69 38.73 5.24
CA VAL A 451 -8.37 40.12 5.55
C VAL A 451 -7.72 40.15 6.94
N ASP A 452 -6.91 41.18 7.21
CA ASP A 452 -5.99 41.19 8.34
C ASP A 452 -6.61 41.80 9.60
N PRO A 453 -6.77 41.05 10.73
CA PRO A 453 -7.29 41.62 11.98
C PRO A 453 -6.33 42.59 12.68
N GLU A 454 -5.12 42.81 12.11
CA GLU A 454 -4.25 43.92 12.49
C GLU A 454 -4.82 45.26 12.03
N ASN A 455 -5.49 45.27 10.87
CA ASN A 455 -6.17 46.44 10.33
C ASN A 455 -7.60 46.55 10.90
N ASN A 456 -7.68 46.48 12.23
CA ASN A 456 -8.91 46.35 12.99
C ASN A 456 -9.98 47.40 12.65
N PRO A 457 -9.68 48.73 12.51
CA PRO A 457 -10.73 49.74 12.39
C PRO A 457 -11.76 49.53 11.28
N THR A 458 -11.32 49.17 10.07
CA THR A 458 -12.23 49.00 8.94
C THR A 458 -13.14 47.79 9.18
N LEU A 459 -12.58 46.68 9.69
CA LEU A 459 -13.39 45.50 9.97
C LEU A 459 -14.41 45.82 11.05
N VAL A 460 -14.03 46.60 12.06
CA VAL A 460 -14.94 46.99 13.13
C VAL A 460 -16.08 47.87 12.58
N GLU A 461 -15.80 48.83 11.70
CA GLU A 461 -16.85 49.66 11.11
C GLU A 461 -17.86 48.82 10.33
N VAL A 462 -17.34 47.95 9.45
CA VAL A 462 -18.16 47.03 8.67
C VAL A 462 -19.03 46.21 9.61
N LEU A 463 -18.40 45.58 10.60
CA LEU A 463 -19.08 44.65 11.49
C LEU A 463 -20.19 45.35 12.25
N GLU A 464 -19.89 46.54 12.78
CA GLU A 464 -20.90 47.34 13.46
C GLU A 464 -22.03 47.67 12.48
N GLY A 465 -21.74 48.40 11.39
CA GLY A 465 -22.79 48.80 10.46
C GLY A 465 -23.71 47.64 10.04
N VAL A 466 -23.13 46.45 9.89
CA VAL A 466 -23.84 45.30 9.37
C VAL A 466 -24.78 44.65 10.40
N VAL A 467 -24.61 44.85 11.72
CA VAL A 467 -25.63 44.40 12.67
C VAL A 467 -26.69 45.47 12.93
N ARG A 468 -26.40 46.73 12.55
CA ARG A 468 -27.29 47.87 12.74
C ARG A 468 -28.32 47.98 11.60
N LEU A 469 -28.11 47.29 10.47
CA LEU A 469 -29.06 47.35 9.37
C LEU A 469 -30.38 46.71 9.80
N PRO A 470 -31.53 47.21 9.30
CA PRO A 470 -32.84 46.82 9.81
C PRO A 470 -33.48 45.58 9.18
N GLU A 471 -34.57 45.11 9.80
CA GLU A 471 -35.26 43.87 9.46
C GLU A 471 -36.04 43.99 8.14
N THR A 472 -36.29 45.24 7.69
CA THR A 472 -37.05 45.55 6.48
C THR A 472 -36.24 45.31 5.20
N VAL A 473 -34.91 45.22 5.34
CA VAL A 473 -33.97 44.95 4.26
C VAL A 473 -34.26 43.60 3.61
N HIS A 474 -34.02 43.52 2.29
CA HIS A 474 -34.30 42.33 1.48
C HIS A 474 -33.68 41.08 2.11
N THR A 475 -34.44 39.99 2.15
CA THR A 475 -34.04 38.74 2.78
C THR A 475 -32.64 38.27 2.33
N ALA A 476 -32.25 38.47 1.06
CA ALA A 476 -30.96 38.04 0.56
C ALA A 476 -29.78 38.85 1.13
N VAL A 477 -29.98 40.16 1.36
CA VAL A 477 -28.99 40.97 2.07
C VAL A 477 -28.83 40.47 3.50
N ARG A 478 -29.94 40.16 4.20
CA ARG A 478 -29.87 39.69 5.58
C ARG A 478 -29.17 38.34 5.66
N TYR A 479 -29.55 37.40 4.79
CA TYR A 479 -28.90 36.09 4.68
C TYR A 479 -27.38 36.24 4.54
N THR A 480 -26.95 37.06 3.59
CA THR A 480 -25.55 37.24 3.28
C THR A 480 -24.83 38.00 4.39
N SER A 481 -25.51 38.95 5.04
CA SER A 481 -24.93 39.67 6.16
C SER A 481 -24.70 38.72 7.34
N ILE A 482 -25.61 37.78 7.58
CA ILE A 482 -25.46 36.79 8.63
C ILE A 482 -24.25 35.90 8.35
N GLU A 483 -24.08 35.46 7.10
CA GLU A 483 -22.86 34.74 6.71
C GLU A 483 -21.61 35.58 6.98
N LEU A 484 -21.59 36.86 6.55
CA LEU A 484 -20.46 37.75 6.79
C LEU A 484 -20.17 37.93 8.29
N VAL A 485 -21.20 38.08 9.13
CA VAL A 485 -21.04 38.15 10.58
C VAL A 485 -20.38 36.88 11.11
N GLY A 486 -20.77 35.70 10.59
CA GLY A 486 -20.16 34.42 10.96
C GLY A 486 -18.71 34.28 10.49
N GLU A 487 -18.35 34.87 9.34
CA GLU A 487 -16.97 34.86 8.87
C GLU A 487 -16.11 35.80 9.70
N MET A 488 -16.67 36.97 10.07
CA MET A 488 -15.94 37.94 10.87
C MET A 488 -15.94 37.58 12.37
N SER A 489 -16.16 36.30 12.74
CA SER A 489 -16.18 35.89 14.14
C SER A 489 -14.84 36.13 14.85
N GLU A 490 -13.72 36.01 14.12
CA GLU A 490 -12.41 36.35 14.65
C GLU A 490 -12.31 37.81 15.11
N VAL A 491 -13.07 38.70 14.46
CA VAL A 491 -13.06 40.12 14.79
C VAL A 491 -13.85 40.34 16.09
N VAL A 492 -14.95 39.59 16.28
CA VAL A 492 -15.72 39.64 17.51
C VAL A 492 -14.88 39.17 18.70
N ASP A 493 -14.08 38.11 18.51
CA ASP A 493 -13.20 37.62 19.56
C ASP A 493 -12.12 38.65 19.97
N ARG A 494 -11.64 39.45 19.00
CA ARG A 494 -10.67 40.50 19.23
C ARG A 494 -11.33 41.77 19.78
N ASN A 495 -12.66 41.91 19.63
CA ASN A 495 -13.42 43.09 20.05
C ASN A 495 -14.73 42.66 20.74
N PRO A 496 -14.68 42.11 21.98
CA PRO A 496 -15.83 41.50 22.66
C PRO A 496 -17.04 42.40 22.99
N GLN A 497 -16.91 43.72 22.81
CA GLN A 497 -18.06 44.62 22.93
C GLN A 497 -19.11 44.30 21.85
N PHE A 498 -18.70 43.63 20.77
CA PHE A 498 -19.61 43.25 19.70
C PHE A 498 -20.29 41.90 19.96
N LEU A 499 -19.84 41.11 20.94
CA LEU A 499 -20.38 39.78 21.11
C LEU A 499 -21.89 39.84 21.36
N ASP A 500 -22.28 40.74 22.26
CA ASP A 500 -23.67 40.83 22.64
C ASP A 500 -24.51 41.35 21.47
N PRO A 501 -24.18 42.48 20.78
CA PRO A 501 -24.87 42.88 19.56
C PRO A 501 -24.92 41.82 18.45
N VAL A 502 -23.82 41.11 18.23
CA VAL A 502 -23.75 40.07 17.21
C VAL A 502 -24.69 38.92 17.55
N LEU A 503 -24.63 38.39 18.77
CA LEU A 503 -25.54 37.33 19.17
C LEU A 503 -26.99 37.76 19.02
N GLY A 504 -27.28 39.03 19.32
CA GLY A 504 -28.61 39.60 19.15
C GLY A 504 -29.06 39.60 17.69
N TYR A 505 -28.16 40.03 16.78
CA TYR A 505 -28.42 40.06 15.35
C TYR A 505 -28.74 38.66 14.84
N LEU A 506 -27.95 37.68 15.30
CA LEU A 506 -28.07 36.29 14.89
C LEU A 506 -29.33 35.65 15.48
N MET A 507 -29.68 35.92 16.72
CA MET A 507 -30.91 35.40 17.28
C MET A 507 -32.14 35.81 16.45
N LYS A 508 -32.17 37.04 15.93
CA LYS A 508 -33.29 37.48 15.11
C LYS A 508 -33.37 36.66 13.82
N GLY A 509 -32.24 36.44 13.14
CA GLY A 509 -32.20 35.57 11.97
C GLY A 509 -32.57 34.11 12.27
N LEU A 510 -32.13 33.60 13.43
CA LEU A 510 -32.43 32.25 13.85
C LEU A 510 -33.94 32.01 13.99
N ALA A 511 -34.71 33.08 14.24
CA ALA A 511 -36.16 32.98 14.43
C ALA A 511 -36.96 33.07 13.13
N GLU A 512 -36.28 33.18 11.98
CA GLU A 512 -36.93 33.44 10.71
C GLU A 512 -36.50 32.35 9.71
N LYS A 513 -37.43 31.45 9.36
CA LYS A 513 -37.12 30.14 8.81
C LYS A 513 -36.09 30.16 7.67
N PRO A 514 -36.18 31.02 6.62
CA PRO A 514 -35.18 31.00 5.55
C PRO A 514 -33.78 31.47 5.96
N LEU A 515 -33.70 32.31 7.01
CA LEU A 515 -32.44 32.80 7.57
C LEU A 515 -31.91 31.89 8.68
N ALA A 516 -32.74 30.99 9.21
CA ALA A 516 -32.50 30.31 10.47
C ALA A 516 -31.23 29.45 10.43
N SER A 517 -31.05 28.65 9.36
CA SER A 517 -29.93 27.74 9.27
C SER A 517 -28.60 28.49 9.06
N ALA A 518 -28.62 29.62 8.35
CA ALA A 518 -27.45 30.48 8.20
C ALA A 518 -27.11 31.19 9.52
N ALA A 519 -28.12 31.58 10.31
CA ALA A 519 -27.91 32.16 11.62
C ALA A 519 -27.28 31.14 12.56
N ALA A 520 -27.77 29.89 12.52
CA ALA A 520 -27.26 28.80 13.35
C ALA A 520 -25.78 28.51 13.08
N LYS A 521 -25.37 28.48 11.81
CA LYS A 521 -23.99 28.21 11.42
C LYS A 521 -23.06 29.33 11.89
N ALA A 522 -23.53 30.57 11.84
CA ALA A 522 -22.81 31.72 12.36
C ALA A 522 -22.72 31.72 13.90
N ILE A 523 -23.80 31.35 14.60
CA ILE A 523 -23.77 31.21 16.06
C ILE A 523 -22.78 30.13 16.45
N HIS A 524 -22.76 29.01 15.72
CA HIS A 524 -21.79 27.95 15.93
C HIS A 524 -20.34 28.42 15.76
N ASN A 525 -20.05 29.27 14.75
CA ASN A 525 -18.76 29.94 14.62
C ASN A 525 -18.45 30.84 15.82
N ILE A 526 -19.42 31.64 16.28
CA ILE A 526 -19.19 32.50 17.43
C ILE A 526 -18.93 31.66 18.68
N CYS A 527 -19.70 30.59 18.90
CA CYS A 527 -19.43 29.66 19.99
C CYS A 527 -18.02 29.10 19.91
N SER A 528 -17.66 28.60 18.73
CA SER A 528 -16.36 28.00 18.51
C SER A 528 -15.24 29.02 18.74
N VAL A 529 -15.28 30.16 18.03
CA VAL A 529 -14.16 31.07 17.94
C VAL A 529 -14.05 31.91 19.21
N CYS A 530 -15.18 32.37 19.76
CA CYS A 530 -15.17 33.23 20.92
C CYS A 530 -15.36 32.46 22.23
N ARG A 531 -14.89 31.19 22.23
CA ARG A 531 -15.07 30.20 23.29
C ARG A 531 -14.81 30.73 24.70
N ASP A 532 -13.77 31.56 24.86
CA ASP A 532 -13.42 32.15 26.15
C ASP A 532 -14.48 33.12 26.66
N HIS A 533 -15.15 33.85 25.76
CA HIS A 533 -16.06 34.91 26.14
C HIS A 533 -17.50 34.44 26.24
N MET A 534 -17.76 33.15 26.02
CA MET A 534 -19.11 32.62 25.88
C MET A 534 -19.75 32.22 27.21
N ALA A 535 -18.98 32.26 28.30
CA ALA A 535 -19.45 31.82 29.61
C ALA A 535 -20.69 32.60 30.06
N GLN A 536 -20.80 33.90 29.67
CA GLN A 536 -21.93 34.77 29.99
C GLN A 536 -23.18 34.48 29.16
N HIS A 537 -23.01 33.80 28.01
CA HIS A 537 -24.05 33.60 27.00
C HIS A 537 -24.57 32.15 26.95
N PHE A 538 -24.02 31.27 27.81
CA PHE A 538 -24.40 29.87 27.83
C PHE A 538 -25.90 29.69 28.00
N ASN A 539 -26.52 30.46 28.90
CA ASN A 539 -27.95 30.32 29.17
C ASN A 539 -28.80 30.66 27.94
N GLY A 540 -28.35 31.60 27.09
CA GLY A 540 -29.00 31.85 25.80
C GLY A 540 -28.96 30.63 24.85
N LEU A 541 -27.81 29.95 24.82
CA LEU A 541 -27.62 28.73 24.04
C LEU A 541 -28.43 27.57 24.62
N LEU A 542 -28.62 27.56 25.93
CA LEU A 542 -29.39 26.52 26.61
C LEU A 542 -30.89 26.67 26.28
N GLU A 543 -31.39 27.91 26.15
CA GLU A 543 -32.75 28.19 25.70
C GLU A 543 -32.96 27.79 24.24
N ILE A 544 -31.97 28.07 23.37
CA ILE A 544 -31.95 27.57 22.01
C ILE A 544 -32.03 26.04 22.03
N ALA A 545 -31.14 25.37 22.78
CA ALA A 545 -31.13 23.92 22.83
C ALA A 545 -32.46 23.34 23.33
N ARG A 546 -33.09 23.96 24.35
CA ARG A 546 -34.41 23.54 24.80
C ARG A 546 -35.45 23.60 23.69
N SER A 547 -35.43 24.70 22.93
CA SER A 547 -36.46 25.00 21.93
C SER A 547 -36.05 24.62 20.51
N LEU A 548 -35.05 23.73 20.35
CA LEU A 548 -34.34 23.46 19.11
C LEU A 548 -35.26 23.10 17.93
N ASP A 549 -36.34 22.36 18.21
CA ASP A 549 -37.27 21.89 17.17
C ASP A 549 -38.25 22.98 16.71
N SER A 550 -38.33 24.11 17.43
CA SER A 550 -39.26 25.19 17.13
C SER A 550 -38.79 26.10 16.00
N PHE A 551 -37.49 26.03 15.64
CA PHE A 551 -36.79 27.00 14.78
C PHE A 551 -36.86 26.68 13.28
N LEU A 552 -37.14 25.40 12.95
CA LEU A 552 -37.25 24.86 11.60
C LEU A 552 -35.89 24.95 10.89
N LEU A 553 -34.88 24.36 11.57
CA LEU A 553 -33.50 24.25 11.12
C LEU A 553 -33.27 22.99 10.28
N SER A 554 -32.25 23.06 9.42
CA SER A 554 -31.67 21.89 8.76
C SER A 554 -31.00 20.96 9.77
N PRO A 555 -30.74 19.68 9.41
CA PRO A 555 -30.04 18.77 10.32
C PRO A 555 -28.64 19.25 10.70
N GLU A 556 -27.86 19.75 9.73
CA GLU A 556 -26.49 20.18 9.99
C GLU A 556 -26.47 21.46 10.83
N ALA A 557 -27.55 22.25 10.78
CA ALA A 557 -27.67 23.44 11.59
C ALA A 557 -27.98 23.09 13.04
N ALA A 558 -28.88 22.13 13.27
CA ALA A 558 -29.22 21.68 14.62
C ALA A 558 -28.05 20.97 15.29
N VAL A 559 -27.32 20.09 14.56
CA VAL A 559 -26.16 19.38 15.10
C VAL A 559 -25.02 20.37 15.39
N GLY A 560 -24.83 21.36 14.54
CA GLY A 560 -23.80 22.38 14.78
C GLY A 560 -24.07 23.20 16.03
N LEU A 561 -25.34 23.54 16.26
CA LEU A 561 -25.75 24.32 17.41
C LEU A 561 -25.50 23.53 18.70
N LEU A 562 -25.96 22.28 18.81
CA LEU A 562 -25.67 21.44 19.98
C LEU A 562 -24.17 21.29 20.23
N LYS A 563 -23.43 20.93 19.17
CA LYS A 563 -21.98 20.81 19.21
C LYS A 563 -21.37 22.05 19.86
N GLY A 564 -21.73 23.24 19.36
CA GLY A 564 -21.29 24.52 19.92
C GLY A 564 -21.60 24.68 21.41
N THR A 565 -22.84 24.40 21.82
CA THR A 565 -23.23 24.56 23.21
C THR A 565 -22.41 23.62 24.12
N ALA A 566 -22.11 22.41 23.64
CA ALA A 566 -21.34 21.42 24.38
C ALA A 566 -19.85 21.77 24.48
N LEU A 567 -19.31 22.37 23.40
CA LEU A 567 -17.93 22.82 23.36
C LEU A 567 -17.69 24.02 24.28
N VAL A 568 -18.69 24.90 24.50
CA VAL A 568 -18.54 26.01 25.45
C VAL A 568 -18.88 25.56 26.89
N LEU A 569 -19.86 24.67 27.06
CA LEU A 569 -20.10 24.00 28.32
C LEU A 569 -18.81 23.34 28.85
N ALA A 570 -18.09 22.61 27.99
CA ALA A 570 -16.81 22.01 28.34
C ALA A 570 -15.78 23.02 28.87
N ARG A 571 -15.99 24.33 28.68
CA ARG A 571 -15.05 25.39 29.06
C ARG A 571 -15.52 26.19 30.28
N LEU A 572 -16.72 25.90 30.82
CA LEU A 572 -17.21 26.49 32.05
C LEU A 572 -16.32 26.06 33.22
N PRO A 573 -16.41 26.73 34.39
CA PRO A 573 -15.76 26.23 35.61
C PRO A 573 -16.39 24.90 36.03
N LEU A 574 -15.56 24.01 36.58
CA LEU A 574 -15.99 22.67 36.98
C LEU A 574 -17.10 22.71 38.04
N ASP A 575 -17.19 23.83 38.77
CA ASP A 575 -18.29 24.13 39.69
C ASP A 575 -19.65 24.04 39.00
N LYS A 576 -19.72 24.47 37.73
CA LYS A 576 -20.96 24.84 37.07
C LYS A 576 -21.42 23.78 36.06
N ILE A 577 -20.53 22.86 35.67
CA ILE A 577 -20.75 21.98 34.54
C ILE A 577 -21.88 20.97 34.80
N THR A 578 -22.00 20.41 36.00
CA THR A 578 -22.96 19.35 36.25
C THR A 578 -24.41 19.79 36.03
N GLU A 579 -24.81 20.91 36.64
CA GLU A 579 -26.16 21.45 36.47
C GLU A 579 -26.39 21.93 35.03
N CYS A 580 -25.34 22.43 34.36
CA CYS A 580 -25.47 22.91 32.99
C CYS A 580 -25.61 21.77 31.99
N LEU A 581 -24.79 20.71 32.16
CA LEU A 581 -24.81 19.54 31.31
C LEU A 581 -26.13 18.79 31.46
N SER A 582 -26.61 18.63 32.69
CA SER A 582 -27.89 17.98 32.94
C SER A 582 -29.05 18.78 32.36
N GLU A 583 -29.03 20.12 32.39
CA GLU A 583 -30.12 20.88 31.78
C GLU A 583 -30.06 20.84 30.25
N LEU A 584 -28.88 20.66 29.66
CA LEU A 584 -28.71 20.44 28.23
C LEU A 584 -29.27 19.07 27.80
N CYS A 585 -29.00 18.02 28.59
CA CYS A 585 -29.41 16.66 28.29
C CYS A 585 -30.87 16.35 28.63
N SER A 586 -31.42 16.98 29.68
CA SER A 586 -32.70 16.54 30.23
C SER A 586 -33.81 16.64 29.17
N VAL A 587 -33.76 17.66 28.30
CA VAL A 587 -34.77 17.82 27.26
C VAL A 587 -34.79 16.62 26.29
N GLN A 588 -33.66 15.90 26.15
CA GLN A 588 -33.56 14.64 25.41
C GLN A 588 -33.90 13.43 26.29
N VAL A 589 -33.43 13.43 27.53
CA VAL A 589 -33.66 12.34 28.47
C VAL A 589 -35.15 12.19 28.80
N MET A 590 -35.88 13.30 28.91
CA MET A 590 -37.31 13.28 29.17
C MET A 590 -38.04 12.54 28.04
N ALA A 591 -37.69 12.83 26.78
CA ALA A 591 -38.31 12.21 25.63
C ALA A 591 -38.11 10.69 25.63
N LEU A 592 -36.91 10.24 26.03
CA LEU A 592 -36.63 8.83 26.15
C LEU A 592 -37.43 8.19 27.29
N LYS A 593 -37.52 8.85 28.47
CA LYS A 593 -38.35 8.37 29.57
C LYS A 593 -39.81 8.19 29.15
N LYS A 594 -40.33 9.14 28.36
CA LYS A 594 -41.67 9.01 27.80
C LYS A 594 -41.76 7.73 26.96
N LEU A 595 -40.84 7.51 26.00
CA LEU A 595 -40.90 6.33 25.13
C LEU A 595 -40.73 5.00 25.86
N LEU A 596 -40.08 5.00 27.02
CA LEU A 596 -40.02 3.81 27.87
C LEU A 596 -41.39 3.55 28.52
N SER A 597 -42.13 4.62 28.87
CA SER A 597 -43.48 4.54 29.41
C SER A 597 -44.50 4.12 28.32
N GLN A 598 -44.32 4.60 27.08
CA GLN A 598 -45.20 4.29 25.96
C GLN A 598 -44.94 2.87 25.42
N GLU A 599 -45.41 1.84 26.17
CA GLU A 599 -45.37 0.45 25.72
C GLU A 599 -46.44 0.14 24.65
N PRO A 600 -47.70 0.69 24.72
CA PRO A 600 -48.80 0.20 23.87
C PRO A 600 -48.76 0.66 22.41
N SER A 601 -47.75 0.16 21.69
CA SER A 601 -47.54 0.37 20.26
C SER A 601 -46.33 -0.47 19.84
N ASN A 602 -46.23 -0.82 18.54
CA ASN A 602 -44.91 -1.07 17.97
C ASN A 602 -44.18 0.28 17.93
N GLY A 603 -42.84 0.27 18.11
CA GLY A 603 -42.06 1.48 18.28
C GLY A 603 -42.12 2.48 17.12
N ILE A 604 -42.46 2.03 15.90
CA ILE A 604 -42.27 2.86 14.69
C ILE A 604 -43.05 4.18 14.83
N SER A 605 -42.44 5.27 14.32
CA SER A 605 -42.88 6.67 14.44
C SER A 605 -42.83 7.20 15.89
N SER A 606 -42.23 6.42 16.79
CA SER A 606 -41.85 6.82 18.14
C SER A 606 -40.54 6.10 18.49
N ASP A 607 -39.63 6.28 17.52
CA ASP A 607 -38.28 5.78 17.47
C ASP A 607 -37.39 6.70 18.32
N PRO A 608 -36.58 6.18 19.27
CA PRO A 608 -35.71 7.01 20.10
C PRO A 608 -34.49 7.61 19.41
N THR A 609 -34.32 7.40 18.10
CA THR A 609 -33.11 7.77 17.34
C THR A 609 -32.68 9.22 17.54
N VAL A 610 -33.55 10.21 17.32
CA VAL A 610 -33.13 11.60 17.32
C VAL A 610 -32.63 12.02 18.72
N PHE A 611 -33.20 11.45 19.77
CA PHE A 611 -32.80 11.77 21.15
C PHE A 611 -31.45 11.14 21.48
N LEU A 612 -31.24 9.86 21.10
CA LEU A 612 -29.96 9.19 21.28
C LEU A 612 -28.85 9.90 20.51
N ASP A 613 -29.14 10.32 19.27
CA ASP A 613 -28.23 11.08 18.44
C ASP A 613 -27.83 12.40 19.11
N ARG A 614 -28.80 13.19 19.59
CA ARG A 614 -28.50 14.45 20.25
C ARG A 614 -27.67 14.26 21.52
N LEU A 615 -28.01 13.27 22.35
CA LEU A 615 -27.24 12.95 23.55
C LEU A 615 -25.80 12.55 23.18
N ALA A 616 -25.64 11.80 22.09
CA ALA A 616 -24.33 11.40 21.59
C ALA A 616 -23.49 12.62 21.20
N VAL A 617 -24.04 13.60 20.50
CA VAL A 617 -23.33 14.85 20.19
C VAL A 617 -22.93 15.60 21.45
N ILE A 618 -23.83 15.65 22.45
CA ILE A 618 -23.53 16.35 23.69
C ILE A 618 -22.38 15.66 24.43
N PHE A 619 -22.44 14.34 24.62
CA PHE A 619 -21.41 13.58 25.32
C PHE A 619 -20.09 13.61 24.55
N ARG A 620 -20.18 13.57 23.21
CA ARG A 620 -19.02 13.62 22.34
C ARG A 620 -18.18 14.86 22.60
N HIS A 621 -18.83 16.03 22.76
CA HIS A 621 -18.13 17.30 22.80
C HIS A 621 -17.97 17.88 24.20
N THR A 622 -18.67 17.36 25.21
CA THR A 622 -18.46 17.83 26.57
C THR A 622 -17.24 17.14 27.18
N ASN A 623 -16.06 17.70 26.92
CA ASN A 623 -14.79 17.09 27.33
C ASN A 623 -13.99 18.09 28.17
N PRO A 624 -14.42 18.37 29.43
CA PRO A 624 -13.71 19.31 30.30
C PRO A 624 -12.33 18.82 30.73
N ILE A 625 -11.43 19.80 30.93
CA ILE A 625 -10.09 19.53 31.42
C ILE A 625 -10.16 19.37 32.94
N VAL A 626 -10.07 18.10 33.37
CA VAL A 626 -10.23 17.70 34.75
C VAL A 626 -8.97 16.95 35.17
N GLU A 627 -8.29 17.44 36.21
CA GLU A 627 -7.20 16.68 36.82
C GLU A 627 -7.75 15.65 37.81
N ASN A 628 -6.96 14.60 38.08
CA ASN A 628 -7.42 13.48 38.89
C ASN A 628 -7.81 13.89 40.32
N GLY A 629 -7.30 15.05 40.78
CA GLY A 629 -7.64 15.60 42.08
C GLY A 629 -9.01 16.29 42.12
N GLN A 630 -9.63 16.46 40.94
CA GLN A 630 -10.92 17.13 40.82
C GLN A 630 -12.02 16.10 40.55
N THR A 631 -13.18 16.30 41.19
CA THR A 631 -14.33 15.48 40.88
C THR A 631 -14.68 15.71 39.41
N HIS A 632 -14.80 14.64 38.61
CA HIS A 632 -15.19 14.85 37.22
C HIS A 632 -16.68 15.17 37.15
N PRO A 633 -17.06 16.37 36.64
CA PRO A 633 -18.45 16.83 36.72
C PRO A 633 -19.44 16.13 35.80
N CYS A 634 -18.96 15.31 34.85
CA CYS A 634 -19.84 14.56 33.97
C CYS A 634 -20.28 13.23 34.60
N GLN A 635 -19.46 12.67 35.49
CA GLN A 635 -19.68 11.35 36.05
C GLN A 635 -21.06 11.28 36.71
N LYS A 636 -21.38 12.34 37.46
CA LYS A 636 -22.65 12.49 38.18
C LYS A 636 -23.84 12.41 37.21
N VAL A 637 -23.76 13.15 36.11
CA VAL A 637 -24.84 13.26 35.14
C VAL A 637 -25.01 11.95 34.37
N ILE A 638 -23.90 11.38 33.89
CA ILE A 638 -23.95 10.17 33.10
C ILE A 638 -24.50 9.01 33.96
N GLN A 639 -24.14 8.93 35.25
CA GLN A 639 -24.67 7.89 36.12
C GLN A 639 -26.18 8.05 36.37
N GLU A 640 -26.74 9.26 36.34
CA GLU A 640 -28.19 9.41 36.43
C GLU A 640 -28.90 9.08 35.10
N ILE A 641 -28.26 9.38 33.95
CA ILE A 641 -28.86 9.13 32.65
C ILE A 641 -28.74 7.66 32.26
N TRP A 642 -27.69 6.99 32.75
CA TRP A 642 -27.31 5.65 32.35
C TRP A 642 -28.50 4.67 32.33
N PRO A 643 -29.31 4.51 33.41
CA PRO A 643 -30.51 3.67 33.35
C PRO A 643 -31.46 3.96 32.19
N VAL A 644 -31.72 5.22 31.83
CA VAL A 644 -32.58 5.55 30.70
C VAL A 644 -32.08 4.90 29.41
N LEU A 645 -30.76 4.97 29.17
CA LEU A 645 -30.17 4.47 27.94
C LEU A 645 -30.09 2.94 27.98
N SER A 646 -29.69 2.39 29.13
CA SER A 646 -29.64 0.96 29.41
C SER A 646 -31.00 0.29 29.16
N GLU A 647 -32.08 0.95 29.58
CA GLU A 647 -33.45 0.46 29.43
C GLU A 647 -33.94 0.64 28.00
N THR A 648 -33.53 1.73 27.33
CA THR A 648 -33.82 1.95 25.90
C THR A 648 -33.20 0.83 25.05
N LEU A 649 -31.95 0.48 25.35
CA LEU A 649 -31.24 -0.57 24.64
C LEU A 649 -31.92 -1.93 24.82
N ASN A 650 -32.36 -2.27 26.03
CA ASN A 650 -33.08 -3.52 26.27
C ASN A 650 -34.46 -3.54 25.60
N LYS A 651 -35.20 -2.41 25.58
CA LYS A 651 -36.50 -2.35 24.93
C LYS A 651 -36.38 -2.59 23.42
N HIS A 652 -35.34 -2.03 22.78
CA HIS A 652 -35.18 -2.09 21.33
C HIS A 652 -34.14 -3.14 20.87
N ARG A 653 -33.86 -4.13 21.72
CA ARG A 653 -32.79 -5.11 21.54
C ARG A 653 -32.87 -5.87 20.22
N ALA A 654 -34.07 -5.96 19.63
CA ALA A 654 -34.26 -6.71 18.40
C ALA A 654 -33.94 -5.89 17.15
N ASP A 655 -33.95 -4.55 17.23
CA ASP A 655 -33.73 -3.69 16.08
C ASP A 655 -32.25 -3.33 15.97
N ASN A 656 -31.59 -3.80 14.89
CA ASN A 656 -30.16 -3.61 14.67
C ASN A 656 -29.78 -2.13 14.63
N ARG A 657 -30.60 -1.31 13.97
CA ARG A 657 -30.27 0.10 13.79
C ARG A 657 -30.41 0.84 15.11
N ILE A 658 -31.50 0.64 15.85
CA ILE A 658 -31.67 1.36 17.11
C ILE A 658 -30.60 0.91 18.10
N VAL A 659 -30.24 -0.37 18.12
CA VAL A 659 -29.19 -0.87 18.98
C VAL A 659 -27.85 -0.21 18.64
N GLU A 660 -27.57 0.04 17.36
CA GLU A 660 -26.37 0.75 16.95
C GLU A 660 -26.39 2.19 17.48
N ARG A 661 -27.51 2.90 17.30
CA ARG A 661 -27.67 4.24 17.84
C ARG A 661 -27.48 4.28 19.38
N CYS A 662 -27.86 3.20 20.07
CA CYS A 662 -27.64 3.07 21.50
C CYS A 662 -26.16 2.82 21.83
N CYS A 663 -25.50 1.91 21.10
CA CYS A 663 -24.08 1.63 21.27
C CYS A 663 -23.25 2.89 21.02
N ARG A 664 -23.63 3.68 20.00
CA ARG A 664 -22.94 4.92 19.70
C ARG A 664 -23.13 5.95 20.82
N CYS A 665 -24.33 6.05 21.40
CA CYS A 665 -24.60 6.92 22.52
C CYS A 665 -23.82 6.48 23.77
N LEU A 666 -23.86 5.19 24.09
CA LEU A 666 -23.17 4.64 25.26
C LEU A 666 -21.65 4.73 25.13
N ARG A 667 -21.08 4.66 23.92
CA ARG A 667 -19.66 4.96 23.74
C ARG A 667 -19.35 6.35 24.29
N PHE A 668 -20.00 7.35 23.70
CA PHE A 668 -19.65 8.73 23.96
C PHE A 668 -19.97 9.12 25.40
N ALA A 669 -21.01 8.52 26.00
CA ALA A 669 -21.29 8.66 27.43
C ALA A 669 -20.10 8.24 28.29
N VAL A 670 -19.50 7.07 28.04
CA VAL A 670 -18.37 6.59 28.82
C VAL A 670 -17.13 7.44 28.55
N ARG A 671 -16.92 7.85 27.29
CA ARG A 671 -15.77 8.63 26.86
C ARG A 671 -15.74 10.01 27.55
N CYS A 672 -16.94 10.58 27.76
CA CYS A 672 -17.20 11.92 28.29
C CYS A 672 -16.70 12.07 29.72
N VAL A 673 -16.76 10.98 30.48
CA VAL A 673 -16.54 10.93 31.93
C VAL A 673 -15.06 10.79 32.31
N GLY A 674 -14.16 10.77 31.32
CA GLY A 674 -12.72 10.80 31.56
C GLY A 674 -12.23 9.58 32.35
N LYS A 675 -11.45 9.82 33.41
CA LYS A 675 -10.86 8.75 34.19
C LYS A 675 -11.92 7.98 34.98
N GLY A 676 -13.16 8.49 35.06
CA GLY A 676 -14.24 7.85 35.81
C GLY A 676 -14.92 6.71 35.05
N SER A 677 -14.40 6.39 33.85
CA SER A 677 -14.75 5.22 33.04
C SER A 677 -14.72 3.92 33.84
N ALA A 678 -13.86 3.85 34.87
CA ALA A 678 -13.78 2.75 35.83
C ALA A 678 -15.13 2.38 36.45
N ALA A 679 -16.01 3.37 36.66
CA ALA A 679 -17.32 3.13 37.25
C ALA A 679 -18.36 2.67 36.22
N LEU A 680 -18.00 2.60 34.92
CA LEU A 680 -18.98 2.40 33.85
C LEU A 680 -18.62 1.25 32.91
N LEU A 681 -17.34 0.82 32.85
CA LEU A 681 -16.97 -0.23 31.91
C LEU A 681 -17.64 -1.56 32.25
N GLN A 682 -17.65 -1.99 33.52
CA GLN A 682 -18.28 -3.28 33.86
C GLN A 682 -19.78 -3.26 33.54
N PRO A 683 -20.60 -2.26 33.96
CA PRO A 683 -22.00 -2.15 33.54
C PRO A 683 -22.22 -2.21 32.04
N LEU A 684 -21.36 -1.55 31.26
CA LEU A 684 -21.49 -1.51 29.81
C LEU A 684 -21.19 -2.90 29.23
N VAL A 685 -20.01 -3.43 29.54
CA VAL A 685 -19.53 -4.69 29.02
C VAL A 685 -20.50 -5.82 29.38
N THR A 686 -21.01 -5.83 30.61
CA THR A 686 -22.05 -6.75 31.03
C THR A 686 -23.25 -6.67 30.08
N GLN A 687 -23.86 -5.50 29.95
CA GLN A 687 -25.05 -5.35 29.14
C GLN A 687 -24.78 -5.67 27.67
N MET A 688 -23.60 -5.32 27.14
CA MET A 688 -23.21 -5.69 25.78
C MET A 688 -23.24 -7.21 25.62
N VAL A 689 -22.56 -7.95 26.49
CA VAL A 689 -22.54 -9.41 26.44
C VAL A 689 -23.96 -9.96 26.55
N ASN A 690 -24.78 -9.47 27.49
CA ASN A 690 -26.13 -9.95 27.70
C ASN A 690 -27.00 -9.78 26.45
N VAL A 691 -27.01 -8.59 25.86
CA VAL A 691 -27.81 -8.33 24.66
C VAL A 691 -27.24 -9.11 23.48
N TYR A 692 -25.91 -9.11 23.30
CA TYR A 692 -25.27 -9.80 22.18
C TYR A 692 -25.56 -11.31 22.23
N HIS A 693 -25.59 -11.90 23.42
CA HIS A 693 -25.90 -13.30 23.63
C HIS A 693 -27.24 -13.72 23.02
N VAL A 694 -28.20 -12.79 22.93
CA VAL A 694 -29.51 -13.05 22.35
C VAL A 694 -29.57 -12.48 20.93
N HIS A 695 -29.06 -11.27 20.70
CA HIS A 695 -29.09 -10.63 19.39
C HIS A 695 -27.67 -10.26 18.96
N GLN A 696 -27.13 -11.04 18.03
CA GLN A 696 -25.73 -10.92 17.59
C GLN A 696 -25.55 -9.80 16.55
N HIS A 697 -25.87 -8.57 16.96
CA HIS A 697 -25.58 -7.36 16.20
C HIS A 697 -24.07 -7.09 16.20
N SER A 698 -23.43 -6.85 15.05
CA SER A 698 -21.97 -6.73 14.99
C SER A 698 -21.46 -5.44 15.65
N CYS A 699 -22.33 -4.45 15.84
CA CYS A 699 -21.93 -3.20 16.48
C CYS A 699 -21.45 -3.43 17.92
N PHE A 700 -21.90 -4.47 18.62
CA PHE A 700 -21.35 -4.80 19.93
C PHE A 700 -19.91 -5.29 19.84
N LEU A 701 -19.57 -6.06 18.80
CA LEU A 701 -18.19 -6.44 18.55
C LEU A 701 -17.38 -5.17 18.27
N TYR A 702 -17.91 -4.28 17.43
CA TYR A 702 -17.23 -3.02 17.13
C TYR A 702 -17.07 -2.16 18.39
N LEU A 703 -18.10 -2.01 19.23
CA LEU A 703 -17.97 -1.22 20.44
C LEU A 703 -16.95 -1.86 21.38
N GLY A 704 -16.98 -3.19 21.51
CA GLY A 704 -15.95 -3.93 22.23
C GLY A 704 -14.55 -3.61 21.72
N SER A 705 -14.39 -3.49 20.40
CA SER A 705 -13.12 -3.13 19.80
C SER A 705 -12.64 -1.75 20.24
N ILE A 706 -13.56 -0.79 20.37
CA ILE A 706 -13.24 0.55 20.83
C ILE A 706 -12.88 0.53 22.31
N LEU A 707 -13.60 -0.24 23.12
CA LEU A 707 -13.23 -0.37 24.53
C LEU A 707 -11.85 -1.03 24.67
N VAL A 708 -11.52 -2.01 23.83
CA VAL A 708 -10.20 -2.61 23.85
C VAL A 708 -9.14 -1.60 23.39
N ASP A 709 -9.39 -0.85 22.31
CA ASP A 709 -8.43 0.14 21.83
C ASP A 709 -8.16 1.21 22.88
N GLU A 710 -9.20 1.75 23.50
CA GLU A 710 -9.09 2.88 24.41
C GLU A 710 -8.71 2.47 25.84
N TYR A 711 -9.05 1.25 26.31
CA TYR A 711 -8.78 0.85 27.68
C TYR A 711 -7.90 -0.40 27.79
N GLY A 712 -7.44 -0.99 26.68
CA GLY A 712 -6.66 -2.22 26.74
C GLY A 712 -5.24 -2.00 27.24
N MET A 713 -4.81 -0.73 27.24
CA MET A 713 -3.51 -0.32 27.76
C MET A 713 -3.46 -0.28 29.28
N GLU A 714 -4.63 -0.36 29.94
CA GLU A 714 -4.73 -0.42 31.39
C GLU A 714 -4.84 -1.86 31.89
N GLU A 715 -3.91 -2.26 32.76
CA GLU A 715 -3.79 -3.63 33.23
C GLU A 715 -5.04 -4.07 33.99
N GLY A 716 -5.77 -3.13 34.61
CA GLY A 716 -7.00 -3.45 35.33
C GLY A 716 -8.16 -3.88 34.43
N CYS A 717 -8.20 -3.37 33.19
CA CYS A 717 -9.28 -3.63 32.25
C CYS A 717 -9.00 -4.84 31.37
N ARG A 718 -7.73 -5.26 31.24
CA ARG A 718 -7.32 -6.32 30.33
C ARG A 718 -8.10 -7.61 30.59
N GLN A 719 -8.30 -7.97 31.86
CA GLN A 719 -9.02 -9.20 32.20
C GLN A 719 -10.50 -9.10 31.83
N GLY A 720 -11.16 -8.03 32.27
CA GLY A 720 -12.57 -7.81 31.97
C GLY A 720 -12.83 -7.80 30.46
N LEU A 721 -11.93 -7.21 29.70
CA LEU A 721 -12.05 -7.16 28.25
C LEU A 721 -11.81 -8.53 27.63
N LEU A 722 -10.96 -9.38 28.23
CA LEU A 722 -10.75 -10.72 27.71
C LEU A 722 -11.94 -11.63 28.03
N ASP A 723 -12.52 -11.46 29.23
CA ASP A 723 -13.78 -12.11 29.60
C ASP A 723 -14.87 -11.73 28.59
N MET A 724 -14.91 -10.46 28.18
CA MET A 724 -15.85 -10.00 27.17
C MET A 724 -15.57 -10.68 25.82
N LEU A 725 -14.31 -10.76 25.36
CA LEU A 725 -14.02 -11.36 24.07
C LEU A 725 -14.45 -12.83 24.07
N GLN A 726 -14.07 -13.58 25.12
CA GLN A 726 -14.48 -14.97 25.26
C GLN A 726 -16.02 -15.11 25.25
N ALA A 727 -16.73 -14.19 25.91
CA ALA A 727 -18.19 -14.24 26.03
C ALA A 727 -18.89 -13.80 24.75
N LEU A 728 -18.25 -12.93 23.94
CA LEU A 728 -18.80 -12.52 22.66
C LEU A 728 -18.50 -13.57 21.57
N CYS A 729 -17.44 -14.38 21.76
CA CYS A 729 -17.04 -15.38 20.79
C CYS A 729 -18.03 -16.53 20.71
N ILE A 730 -18.52 -17.06 21.85
CA ILE A 730 -19.45 -18.19 21.87
C ILE A 730 -20.62 -17.90 20.91
N PRO A 731 -21.43 -16.85 21.12
CA PRO A 731 -22.54 -16.56 20.22
C PRO A 731 -22.14 -16.20 18.79
N THR A 732 -20.97 -15.58 18.61
CA THR A 732 -20.44 -15.21 17.30
C THR A 732 -20.17 -16.45 16.46
N PHE A 733 -19.43 -17.42 17.03
CA PHE A 733 -19.02 -18.62 16.31
C PHE A 733 -20.24 -19.46 15.94
N GLN A 734 -21.18 -19.62 16.88
CA GLN A 734 -22.43 -20.33 16.62
C GLN A 734 -23.17 -19.77 15.40
N LEU A 735 -23.10 -18.46 15.16
CA LEU A 735 -23.78 -17.84 14.05
C LEU A 735 -23.00 -18.04 12.74
N LEU A 736 -21.67 -18.17 12.81
CA LEU A 736 -20.87 -18.37 11.61
C LEU A 736 -20.84 -19.84 11.17
N GLU A 737 -21.03 -20.78 12.11
CA GLU A 737 -21.17 -22.21 11.84
C GLU A 737 -22.36 -22.53 10.92
N GLN A 738 -23.38 -21.67 10.89
CA GLN A 738 -24.59 -21.90 10.11
C GLN A 738 -24.28 -21.85 8.60
N GLN A 739 -25.20 -22.37 7.79
CA GLN A 739 -24.98 -22.50 6.35
C GLN A 739 -24.77 -21.11 5.74
N ASN A 740 -23.65 -20.93 5.04
CA ASN A 740 -23.21 -19.66 4.45
C ASN A 740 -23.07 -18.55 5.50
N GLY A 741 -22.63 -18.90 6.71
CA GLY A 741 -22.50 -17.97 7.81
C GLY A 741 -21.46 -16.87 7.57
N LEU A 742 -20.33 -17.21 6.94
CA LEU A 742 -19.36 -16.22 6.51
C LEU A 742 -19.99 -15.21 5.53
N GLN A 743 -20.59 -15.73 4.45
CA GLN A 743 -21.14 -14.93 3.37
C GLN A 743 -22.32 -14.07 3.83
N ASN A 744 -23.07 -14.57 4.82
CA ASN A 744 -24.31 -13.95 5.25
C ASN A 744 -24.07 -12.92 6.36
N HIS A 745 -22.90 -12.97 6.99
CA HIS A 745 -22.58 -12.12 8.13
C HIS A 745 -21.18 -11.54 7.95
N PRO A 746 -20.87 -10.85 6.83
CA PRO A 746 -19.53 -10.31 6.61
C PRO A 746 -19.19 -9.21 7.62
N ASP A 747 -20.20 -8.48 8.10
CA ASP A 747 -19.98 -7.48 9.14
C ASP A 747 -19.62 -8.11 10.49
N THR A 748 -20.19 -9.27 10.82
CA THR A 748 -19.77 -10.03 11.99
C THR A 748 -18.30 -10.45 11.88
N VAL A 749 -17.87 -10.88 10.69
CA VAL A 749 -16.50 -11.27 10.42
C VAL A 749 -15.58 -10.05 10.54
N ASP A 750 -15.96 -8.95 9.89
CA ASP A 750 -15.24 -7.68 9.94
C ASP A 750 -15.04 -7.22 11.39
N ASP A 751 -16.12 -7.13 12.18
CA ASP A 751 -16.06 -6.60 13.52
C ASP A 751 -15.43 -7.56 14.52
N LEU A 752 -15.49 -8.89 14.28
CA LEU A 752 -14.79 -9.85 15.13
C LEU A 752 -13.27 -9.67 15.00
N PHE A 753 -12.77 -9.56 13.76
CA PHE A 753 -11.32 -9.46 13.57
C PHE A 753 -10.84 -8.05 13.90
N ARG A 754 -11.66 -7.01 13.75
CA ARG A 754 -11.34 -5.68 14.28
C ARG A 754 -11.03 -5.75 15.77
N LEU A 755 -11.93 -6.37 16.53
CA LEU A 755 -11.78 -6.55 17.97
C LEU A 755 -10.54 -7.40 18.30
N ALA A 756 -10.35 -8.54 17.64
CA ALA A 756 -9.17 -9.35 17.91
C ALA A 756 -7.88 -8.57 17.61
N THR A 757 -7.88 -7.74 16.57
CA THR A 757 -6.72 -6.95 16.20
C THR A 757 -6.45 -5.82 17.20
N ARG A 758 -7.47 -5.24 17.84
CA ARG A 758 -7.23 -4.23 18.85
C ARG A 758 -6.59 -4.85 20.08
N PHE A 759 -6.92 -6.11 20.38
CA PHE A 759 -6.27 -6.85 21.45
C PHE A 759 -4.80 -7.04 21.11
N ILE A 760 -4.49 -7.48 19.90
CA ILE A 760 -3.11 -7.63 19.42
C ILE A 760 -2.35 -6.31 19.55
N GLN A 761 -3.01 -5.17 19.28
CA GLN A 761 -2.38 -3.87 19.36
C GLN A 761 -2.08 -3.43 20.81
N ARG A 762 -3.04 -3.62 21.75
CA ARG A 762 -2.95 -3.00 23.07
C ARG A 762 -2.53 -3.97 24.18
N SER A 763 -2.84 -5.26 24.02
CA SER A 763 -2.60 -6.27 25.05
C SER A 763 -2.39 -7.65 24.40
N PRO A 764 -1.33 -7.81 23.59
CA PRO A 764 -1.13 -9.04 22.82
C PRO A 764 -0.93 -10.29 23.67
N VAL A 765 -0.18 -10.19 24.78
CA VAL A 765 0.07 -11.32 25.66
C VAL A 765 -1.22 -11.76 26.37
N THR A 766 -2.19 -10.85 26.55
CA THR A 766 -3.47 -11.15 27.19
C THR A 766 -4.29 -12.12 26.31
N LEU A 767 -4.41 -11.81 25.02
CA LEU A 767 -5.06 -12.69 24.07
C LEU A 767 -4.25 -13.97 23.84
N LEU A 768 -2.92 -13.89 23.69
CA LEU A 768 -2.10 -15.04 23.31
C LEU A 768 -2.01 -16.14 24.39
N ARG A 769 -2.23 -15.83 25.69
CA ARG A 769 -2.29 -16.86 26.73
C ARG A 769 -3.67 -17.52 26.80
N SER A 770 -4.64 -17.03 26.02
CA SER A 770 -6.03 -17.39 26.19
C SER A 770 -6.43 -18.65 25.40
N GLN A 771 -7.47 -19.32 25.90
CA GLN A 771 -8.16 -20.42 25.23
C GLN A 771 -8.60 -20.02 23.81
N VAL A 772 -8.90 -18.73 23.59
CA VAL A 772 -9.72 -18.27 22.49
C VAL A 772 -8.90 -17.83 21.27
N VAL A 773 -7.57 -17.69 21.39
CA VAL A 773 -6.76 -17.21 20.28
C VAL A 773 -6.77 -18.23 19.14
N ILE A 774 -6.66 -19.53 19.47
CA ILE A 774 -6.64 -20.60 18.48
C ILE A 774 -7.97 -20.64 17.72
N PRO A 775 -9.17 -20.69 18.35
CA PRO A 775 -10.43 -20.55 17.61
C PRO A 775 -10.53 -19.31 16.74
N ILE A 776 -10.04 -18.15 17.21
CA ILE A 776 -10.05 -16.93 16.42
C ILE A 776 -9.16 -17.08 15.17
N LEU A 777 -7.95 -17.66 15.27
CA LEU A 777 -7.17 -18.00 14.08
C LEU A 777 -7.84 -19.00 13.15
N GLN A 778 -8.49 -20.03 13.70
CA GLN A 778 -9.14 -21.05 12.90
C GLN A 778 -10.23 -20.41 12.03
N TRP A 779 -11.04 -19.53 12.63
CA TRP A 779 -12.03 -18.75 11.91
C TRP A 779 -11.41 -17.73 10.96
N ALA A 780 -10.25 -17.14 11.31
CA ALA A 780 -9.53 -16.24 10.42
C ALA A 780 -9.10 -16.97 9.15
N ILE A 781 -8.55 -18.18 9.32
CA ILE A 781 -8.15 -19.01 8.20
C ILE A 781 -9.37 -19.35 7.33
N ALA A 782 -10.51 -19.77 7.91
CA ALA A 782 -11.73 -19.98 7.13
C ALA A 782 -12.19 -18.69 6.42
N SER A 783 -12.11 -17.56 7.13
CA SER A 783 -12.60 -16.28 6.62
C SER A 783 -11.72 -15.68 5.52
N THR A 784 -10.48 -16.16 5.34
CA THR A 784 -9.68 -15.78 4.18
C THR A 784 -10.38 -16.13 2.85
N THR A 785 -11.35 -17.05 2.88
CA THR A 785 -12.08 -17.47 1.68
C THR A 785 -13.23 -16.52 1.34
N LEU A 786 -13.70 -15.70 2.28
CA LEU A 786 -14.87 -14.86 2.11
C LEU A 786 -14.57 -13.72 1.15
N ASP A 787 -15.31 -13.67 0.03
CA ASP A 787 -15.20 -12.60 -0.93
C ASP A 787 -16.03 -11.39 -0.49
N HIS A 788 -15.46 -10.57 0.40
CA HIS A 788 -16.04 -9.31 0.80
C HIS A 788 -14.87 -8.39 1.12
N ARG A 789 -14.75 -7.26 0.44
CA ARG A 789 -13.52 -6.46 0.49
C ARG A 789 -13.18 -6.01 1.91
N ASP A 790 -14.19 -5.58 2.69
CA ASP A 790 -13.95 -5.08 4.04
C ASP A 790 -13.73 -6.22 5.04
N ALA A 791 -14.54 -7.27 4.98
CA ALA A 791 -14.33 -8.43 5.84
C ALA A 791 -12.96 -9.08 5.56
N ASN A 792 -12.55 -9.13 4.29
CA ASN A 792 -11.23 -9.60 3.88
C ASN A 792 -10.15 -8.70 4.47
N CYS A 793 -10.29 -7.39 4.25
CA CYS A 793 -9.35 -6.40 4.76
C CYS A 793 -9.17 -6.57 6.27
N SER A 794 -10.27 -6.78 7.00
CA SER A 794 -10.24 -6.97 8.44
C SER A 794 -9.55 -8.28 8.84
N VAL A 795 -9.82 -9.39 8.15
CA VAL A 795 -9.20 -10.68 8.45
C VAL A 795 -7.70 -10.66 8.17
N MET A 796 -7.28 -10.09 7.04
CA MET A 796 -5.87 -10.07 6.67
C MET A 796 -5.09 -9.14 7.59
N ARG A 797 -5.71 -8.06 8.10
CA ARG A 797 -5.07 -7.20 9.09
C ARG A 797 -4.84 -8.00 10.37
N PHE A 798 -5.84 -8.76 10.83
CA PHE A 798 -5.68 -9.57 12.04
C PHE A 798 -4.53 -10.54 11.86
N LEU A 799 -4.53 -11.31 10.76
CA LEU A 799 -3.44 -12.24 10.47
C LEU A 799 -2.09 -11.54 10.44
N ARG A 800 -1.96 -10.41 9.72
CA ARG A 800 -0.71 -9.68 9.66
C ARG A 800 -0.23 -9.25 11.05
N ASP A 801 -1.08 -8.55 11.78
CA ASP A 801 -0.70 -7.94 13.05
C ASP A 801 -0.50 -8.98 14.15
N LEU A 802 -1.18 -10.13 14.04
CA LEU A 802 -0.97 -11.29 14.88
C LEU A 802 0.41 -11.91 14.67
N ILE A 803 0.72 -12.26 13.41
CA ILE A 803 2.00 -12.90 13.10
C ILE A 803 3.15 -11.93 13.40
N HIS A 804 3.01 -10.64 13.09
CA HIS A 804 4.02 -9.63 13.36
C HIS A 804 4.46 -9.64 14.83
N THR A 805 3.58 -10.00 15.77
CA THR A 805 3.98 -9.98 17.19
C THR A 805 5.06 -11.03 17.52
N GLY A 806 5.52 -11.80 16.55
CA GLY A 806 6.70 -12.64 16.67
C GLY A 806 7.99 -12.08 16.05
N VAL A 807 8.03 -10.85 15.49
CA VAL A 807 9.24 -10.43 14.78
C VAL A 807 10.34 -9.93 15.72
N ALA A 808 10.01 -9.08 16.71
CA ALA A 808 10.93 -8.74 17.79
C ALA A 808 12.34 -8.36 17.32
N ASN A 809 12.49 -7.33 16.47
CA ASN A 809 13.80 -6.94 15.96
C ASN A 809 14.63 -6.22 17.04
N ASP A 810 13.98 -5.45 17.92
CA ASP A 810 14.67 -4.84 19.07
C ASP A 810 14.77 -5.83 20.22
N HIS A 811 15.96 -6.40 20.45
CA HIS A 811 16.17 -7.37 21.51
C HIS A 811 16.21 -6.73 22.90
N GLU A 812 16.05 -5.40 23.00
CA GLU A 812 16.02 -4.71 24.28
C GLU A 812 14.59 -4.61 24.84
N GLU A 813 13.56 -5.00 24.07
CA GLU A 813 12.15 -4.96 24.50
C GLU A 813 11.76 -6.23 25.29
N ASP A 814 10.62 -6.17 25.99
CA ASP A 814 10.04 -7.33 26.67
C ASP A 814 9.33 -8.26 25.67
N PHE A 815 10.10 -8.87 24.76
CA PHE A 815 9.56 -9.64 23.64
C PHE A 815 9.46 -11.14 23.91
N GLU A 816 10.20 -11.68 24.89
CA GLU A 816 10.46 -13.11 24.95
C GLU A 816 9.18 -13.93 25.19
N LEU A 817 8.25 -13.43 26.01
CA LEU A 817 7.03 -14.19 26.26
C LEU A 817 6.09 -14.08 25.05
N ARG A 818 5.92 -12.89 24.44
CA ARG A 818 5.20 -12.79 23.17
C ARG A 818 5.73 -13.85 22.19
N LYS A 819 7.00 -13.73 21.82
CA LYS A 819 7.67 -14.56 20.83
C LYS A 819 7.34 -16.03 21.02
N GLU A 820 7.38 -16.48 22.28
CA GLU A 820 7.10 -17.85 22.66
C GLU A 820 5.65 -18.23 22.40
N LEU A 821 4.70 -17.38 22.78
CA LEU A 821 3.28 -17.66 22.58
C LEU A 821 2.85 -17.59 21.10
N ILE A 822 3.36 -16.65 20.29
CA ILE A 822 3.13 -16.69 18.85
C ILE A 822 3.73 -17.99 18.33
N GLY A 823 4.95 -18.34 18.79
CA GLY A 823 5.61 -19.58 18.40
C GLY A 823 4.70 -20.79 18.57
N GLN A 824 4.14 -20.97 19.79
CA GLN A 824 3.23 -22.07 20.08
C GLN A 824 1.98 -22.05 19.20
N VAL A 825 1.42 -20.88 18.92
CA VAL A 825 0.26 -20.74 18.04
C VAL A 825 0.61 -21.11 16.60
N MET A 826 1.77 -20.67 16.12
CA MET A 826 2.18 -20.88 14.74
C MET A 826 2.74 -22.29 14.52
N ASN A 827 3.29 -22.93 15.56
CA ASN A 827 3.71 -24.32 15.51
C ASN A 827 2.54 -25.22 15.11
N GLN A 828 1.31 -24.81 15.46
CA GLN A 828 0.14 -25.68 15.35
C GLN A 828 -0.84 -25.21 14.26
N LEU A 829 -0.69 -23.98 13.72
CA LEU A 829 -1.57 -23.47 12.66
C LEU A 829 -0.85 -22.76 11.51
N GLY A 830 0.47 -22.58 11.58
CA GLY A 830 1.20 -21.81 10.58
C GLY A 830 1.21 -22.43 9.18
N GLN A 831 1.36 -23.76 9.11
CA GLN A 831 1.31 -24.48 7.84
C GLN A 831 -0.07 -24.36 7.19
N GLN A 832 -1.12 -24.54 8.01
CA GLN A 832 -2.50 -24.50 7.56
C GLN A 832 -2.85 -23.10 7.05
N LEU A 833 -2.31 -22.07 7.71
CA LEU A 833 -2.43 -20.69 7.26
C LEU A 833 -1.75 -20.50 5.89
N VAL A 834 -0.48 -20.89 5.71
CA VAL A 834 0.23 -20.68 4.46
C VAL A 834 -0.47 -21.40 3.30
N SER A 835 -0.98 -22.61 3.55
CA SER A 835 -1.71 -23.38 2.56
C SER A 835 -2.99 -22.67 2.11
N GLN A 836 -3.82 -22.22 3.04
CA GLN A 836 -5.07 -21.54 2.71
C GLN A 836 -4.81 -20.18 2.06
N LEU A 837 -3.77 -19.45 2.50
CA LEU A 837 -3.41 -18.19 1.88
C LEU A 837 -3.09 -18.36 0.40
N LEU A 838 -2.28 -19.37 0.07
CA LEU A 838 -1.90 -19.68 -1.29
C LEU A 838 -3.12 -20.10 -2.10
N HIS A 839 -3.90 -21.05 -1.53
CA HIS A 839 -5.14 -21.55 -2.11
C HIS A 839 -6.10 -20.42 -2.45
N THR A 840 -6.39 -19.55 -1.47
CA THR A 840 -7.38 -18.49 -1.68
C THR A 840 -6.93 -17.46 -2.70
N CYS A 841 -5.62 -17.25 -2.88
CA CYS A 841 -5.14 -16.40 -3.96
C CYS A 841 -5.40 -17.03 -5.33
N CYS A 842 -5.12 -18.33 -5.44
CA CYS A 842 -5.15 -19.06 -6.70
C CYS A 842 -6.58 -19.40 -7.13
N PHE A 843 -7.50 -19.71 -6.19
CA PHE A 843 -8.80 -20.26 -6.54
C PHE A 843 -9.98 -19.42 -6.04
N CYS A 844 -9.90 -18.86 -4.83
CA CYS A 844 -11.08 -18.27 -4.20
C CYS A 844 -11.33 -16.82 -4.62
N LEU A 845 -10.31 -15.96 -4.45
CA LEU A 845 -10.57 -14.54 -4.35
C LEU A 845 -9.87 -13.75 -5.46
N PRO A 846 -10.45 -12.61 -5.87
CA PRO A 846 -9.85 -11.76 -6.90
C PRO A 846 -8.55 -11.08 -6.46
N PRO A 847 -7.81 -10.48 -7.42
CA PRO A 847 -6.54 -9.83 -7.11
C PRO A 847 -6.51 -8.77 -6.01
N TYR A 848 -7.67 -8.27 -5.56
CA TYR A 848 -7.66 -7.21 -4.54
C TYR A 848 -7.02 -7.65 -3.23
N THR A 849 -6.92 -8.97 -3.01
CA THR A 849 -6.37 -9.54 -1.79
C THR A 849 -4.85 -9.64 -1.79
N LEU A 850 -4.22 -9.61 -2.97
CA LEU A 850 -2.86 -10.11 -3.11
C LEU A 850 -1.87 -9.30 -2.28
N PRO A 851 -1.96 -7.94 -2.21
CA PRO A 851 -0.99 -7.18 -1.44
C PRO A 851 -1.12 -7.46 0.06
N ASP A 852 -2.32 -7.87 0.49
CA ASP A 852 -2.64 -8.17 1.88
C ASP A 852 -2.16 -9.57 2.23
N VAL A 853 -2.34 -10.52 1.32
CA VAL A 853 -1.77 -11.86 1.52
C VAL A 853 -0.25 -11.77 1.49
N ALA A 854 0.31 -10.97 0.58
CA ALA A 854 1.75 -10.74 0.48
C ALA A 854 2.32 -10.16 1.77
N GLU A 855 1.60 -9.24 2.41
CA GLU A 855 1.95 -8.75 3.74
C GLU A 855 1.98 -9.87 4.78
N VAL A 856 0.97 -10.75 4.80
CA VAL A 856 0.93 -11.83 5.77
C VAL A 856 2.10 -12.79 5.56
N LEU A 857 2.34 -13.20 4.30
CA LEU A 857 3.43 -14.10 3.96
C LEU A 857 4.77 -13.47 4.34
N TRP A 858 4.93 -12.18 4.05
CA TRP A 858 6.13 -11.44 4.38
C TRP A 858 6.35 -11.40 5.88
N GLU A 859 5.28 -11.23 6.67
CA GLU A 859 5.43 -11.28 8.12
C GLU A 859 5.88 -12.67 8.58
N ILE A 860 5.35 -13.75 7.99
CA ILE A 860 5.74 -15.09 8.43
C ILE A 860 7.25 -15.29 8.16
N MET A 861 7.74 -14.90 6.98
CA MET A 861 9.17 -14.92 6.68
C MET A 861 9.99 -14.07 7.66
N GLN A 862 9.48 -12.90 8.05
CA GLN A 862 10.21 -12.01 8.96
C GLN A 862 10.22 -12.52 10.40
N VAL A 863 9.28 -13.41 10.78
CA VAL A 863 9.34 -14.10 12.07
C VAL A 863 10.38 -15.23 11.98
N ASP A 864 10.22 -16.13 10.99
CA ASP A 864 11.08 -17.30 10.88
C ASP A 864 11.12 -17.83 9.43
N ARG A 865 12.11 -17.37 8.66
CA ARG A 865 12.21 -17.64 7.23
C ARG A 865 12.42 -19.13 6.91
N PRO A 866 13.34 -19.90 7.55
CA PRO A 866 13.53 -21.30 7.16
C PRO A 866 12.30 -22.16 7.44
N THR A 867 11.51 -21.81 8.46
CA THR A 867 10.25 -22.48 8.70
C THR A 867 9.23 -22.12 7.61
N PHE A 868 9.17 -20.83 7.23
CA PHE A 868 8.31 -20.38 6.16
C PHE A 868 8.60 -21.13 4.87
N CYS A 869 9.91 -21.29 4.56
CA CYS A 869 10.34 -21.99 3.36
C CYS A 869 9.68 -23.37 3.26
N ARG A 870 9.76 -24.15 4.34
CA ARG A 870 9.15 -25.47 4.40
C ARG A 870 7.64 -25.41 4.18
N TRP A 871 6.98 -24.47 4.87
CA TRP A 871 5.54 -24.34 4.79
C TRP A 871 5.08 -24.00 3.37
N LEU A 872 5.74 -23.07 2.69
CA LEU A 872 5.36 -22.71 1.32
C LEU A 872 5.61 -23.91 0.40
N GLU A 873 6.73 -24.61 0.60
CA GLU A 873 7.07 -25.83 -0.14
C GLU A 873 5.97 -26.89 0.00
N ASN A 874 5.64 -27.29 1.22
CA ASN A 874 4.60 -28.28 1.46
C ASN A 874 3.22 -27.80 0.98
N SER A 875 2.98 -26.48 0.91
CA SER A 875 1.78 -25.93 0.32
C SER A 875 1.75 -26.16 -1.19
N LEU A 876 2.88 -25.86 -1.85
CA LEU A 876 2.99 -26.02 -3.29
C LEU A 876 2.87 -27.49 -3.69
N LYS A 877 3.39 -28.41 -2.87
CA LYS A 877 3.16 -29.83 -3.11
C LYS A 877 1.68 -30.18 -2.93
N GLY A 878 1.06 -29.66 -1.87
CA GLY A 878 -0.33 -29.96 -1.53
C GLY A 878 -1.37 -29.36 -2.49
N LEU A 879 -0.91 -28.44 -3.36
CA LEU A 879 -1.69 -27.79 -4.42
C LEU A 879 -2.14 -28.85 -5.44
N PRO A 880 -3.44 -28.89 -5.82
CA PRO A 880 -3.98 -30.00 -6.61
C PRO A 880 -3.29 -30.27 -7.95
N VAL A 888 -2.63 -30.12 -15.61
CA VAL A 888 -1.37 -29.98 -16.39
C VAL A 888 -0.88 -28.53 -16.41
N THR A 889 -1.67 -27.62 -15.83
CA THR A 889 -1.57 -26.18 -16.08
C THR A 889 -0.29 -25.59 -15.46
N VAL A 890 0.21 -26.18 -14.36
CA VAL A 890 1.51 -25.81 -13.80
C VAL A 890 2.46 -27.00 -13.72
N THR A 891 3.75 -26.69 -13.89
CA THR A 891 4.83 -27.67 -13.79
C THR A 891 5.66 -27.42 -12.52
N HIS A 892 6.27 -28.50 -11.99
CA HIS A 892 7.14 -28.49 -10.83
C HIS A 892 8.15 -27.34 -10.88
N LYS A 893 8.61 -27.00 -12.09
CA LYS A 893 9.60 -25.94 -12.25
C LYS A 893 9.01 -24.56 -11.92
N GLN A 894 7.75 -24.30 -12.34
CA GLN A 894 7.06 -23.06 -11.99
C GLN A 894 6.79 -22.98 -10.48
N LEU A 895 6.44 -24.11 -9.84
CA LEU A 895 6.26 -24.15 -8.38
C LEU A 895 7.57 -23.74 -7.69
N THR A 896 8.67 -24.30 -8.18
CA THR A 896 9.99 -24.10 -7.60
C THR A 896 10.48 -22.69 -7.88
N ASP A 897 10.22 -22.15 -9.08
CA ASP A 897 10.56 -20.77 -9.41
C ASP A 897 9.81 -19.76 -8.52
N PHE A 898 8.52 -20.03 -8.26
CA PHE A 898 7.72 -19.17 -7.41
C PHE A 898 8.18 -19.23 -5.96
N HIS A 899 8.41 -20.43 -5.45
CA HIS A 899 9.02 -20.61 -4.13
C HIS A 899 10.30 -19.77 -3.99
N LYS A 900 11.19 -19.87 -4.98
CA LYS A 900 12.48 -19.20 -4.98
C LYS A 900 12.31 -17.67 -5.04
N GLN A 901 11.42 -17.22 -5.94
CA GLN A 901 11.09 -15.82 -6.18
C GLN A 901 10.45 -15.18 -4.93
N VAL A 902 9.70 -15.96 -4.14
CA VAL A 902 9.10 -15.47 -2.91
C VAL A 902 10.15 -15.44 -1.79
N THR A 903 10.83 -16.56 -1.56
CA THR A 903 11.62 -16.72 -0.36
C THR A 903 12.90 -15.90 -0.38
N SER A 904 13.37 -15.44 -1.56
CA SER A 904 14.60 -14.68 -1.65
C SER A 904 14.40 -13.17 -1.52
N ALA A 905 13.14 -12.71 -1.44
CA ALA A 905 12.75 -11.30 -1.47
C ALA A 905 13.31 -10.47 -0.31
N GLU A 906 13.67 -9.20 -0.61
CA GLU A 906 14.21 -8.24 0.35
C GLU A 906 13.20 -7.13 0.71
N GLU A 907 12.04 -7.07 0.00
CA GLU A 907 10.94 -6.17 0.30
C GLU A 907 9.60 -6.90 0.15
N CYS A 908 8.59 -6.45 0.89
CA CYS A 908 7.24 -7.00 0.84
C CYS A 908 6.65 -7.02 -0.58
N LYS A 909 6.84 -5.95 -1.37
CA LYS A 909 6.19 -5.79 -2.67
C LYS A 909 6.69 -6.80 -3.72
N GLN A 910 7.91 -7.34 -3.57
CA GLN A 910 8.39 -8.40 -4.43
C GLN A 910 7.52 -9.67 -4.29
N VAL A 911 7.05 -9.96 -3.08
CA VAL A 911 6.10 -11.06 -2.85
C VAL A 911 4.79 -10.79 -3.59
N CYS A 912 4.35 -9.52 -3.60
CA CYS A 912 3.11 -9.16 -4.26
C CYS A 912 3.15 -9.54 -5.75
N TRP A 913 4.23 -9.14 -6.45
CA TRP A 913 4.45 -9.41 -7.86
C TRP A 913 4.57 -10.92 -8.13
N ALA A 914 5.36 -11.62 -7.30
CA ALA A 914 5.58 -13.05 -7.44
C ALA A 914 4.26 -13.82 -7.35
N LEU A 915 3.50 -13.53 -6.30
CA LEU A 915 2.22 -14.16 -6.02
C LEU A 915 1.17 -13.83 -7.09
N ARG A 916 1.19 -12.60 -7.62
CA ARG A 916 0.32 -12.21 -8.72
C ARG A 916 0.59 -13.04 -9.98
N ASP A 917 1.84 -13.04 -10.44
CA ASP A 917 2.25 -13.79 -11.63
C ASP A 917 1.94 -15.28 -11.48
N PHE A 918 2.18 -15.82 -10.29
CA PHE A 918 1.81 -17.20 -9.96
C PHE A 918 0.29 -17.40 -10.02
N THR A 919 -0.47 -16.43 -9.50
CA THR A 919 -1.92 -16.51 -9.47
C THR A 919 -2.53 -16.55 -10.88
N ARG A 920 -1.93 -15.89 -11.87
CA ARG A 920 -2.43 -15.90 -13.25
C ARG A 920 -2.46 -17.32 -13.84
N LEU A 921 -1.71 -18.27 -13.27
CA LEU A 921 -1.63 -19.64 -13.77
C LEU A 921 -2.86 -20.48 -13.37
N PHE A 922 -3.85 -19.91 -12.66
CA PHE A 922 -5.00 -20.67 -12.17
C PHE A 922 -6.30 -19.91 -12.49
N TYR B 12 34.41 -4.41 -26.77
CA TYR B 12 35.37 -3.27 -26.66
C TYR B 12 36.74 -3.78 -26.22
N GLN B 13 37.81 -3.25 -26.85
CA GLN B 13 39.19 -3.70 -26.63
C GLN B 13 39.66 -3.44 -25.19
N ALA B 14 39.13 -2.37 -24.55
CA ALA B 14 39.56 -1.96 -23.22
C ALA B 14 38.95 -2.83 -22.10
N VAL B 15 38.48 -4.03 -22.45
CA VAL B 15 37.93 -5.02 -21.52
C VAL B 15 39.02 -5.92 -20.92
N GLN B 16 40.31 -5.56 -21.10
CA GLN B 16 41.47 -6.40 -20.80
C GLN B 16 41.49 -6.93 -19.37
N ALA B 17 41.10 -6.11 -18.38
CA ALA B 17 41.17 -6.50 -16.97
C ALA B 17 40.00 -7.40 -16.53
N LEU B 18 38.86 -7.36 -17.25
CA LEU B 18 37.57 -7.87 -16.77
C LEU B 18 37.65 -9.29 -16.21
N TYR B 19 38.24 -10.20 -16.99
CA TYR B 19 38.26 -11.62 -16.68
C TYR B 19 39.33 -12.01 -15.66
N HIS B 20 40.32 -11.12 -15.41
CA HIS B 20 41.61 -11.51 -14.88
C HIS B 20 42.00 -10.62 -13.68
N ASP B 23 42.62 -5.54 -6.46
CA ASP B 23 42.67 -4.24 -7.19
C ASP B 23 41.44 -4.08 -8.08
N PRO B 24 40.54 -3.10 -7.84
CA PRO B 24 39.45 -2.80 -8.76
C PRO B 24 39.79 -1.85 -9.91
N SER B 25 40.96 -1.19 -9.88
CA SER B 25 41.23 0.05 -10.60
C SER B 25 41.21 -0.10 -12.13
N GLY B 26 41.37 -1.32 -12.66
CA GLY B 26 41.22 -1.58 -14.08
C GLY B 26 39.82 -2.09 -14.44
N LYS B 27 39.32 -3.05 -13.65
CA LYS B 27 38.01 -3.68 -13.85
C LYS B 27 36.85 -2.69 -13.69
N GLU B 28 37.02 -1.63 -12.87
CA GLU B 28 36.07 -0.52 -12.77
C GLU B 28 35.87 0.16 -14.12
N ARG B 29 36.91 0.15 -14.99
CA ARG B 29 36.87 0.74 -16.33
C ARG B 29 36.00 -0.14 -17.26
N ALA B 30 36.29 -1.45 -17.32
CA ALA B 30 35.53 -2.42 -18.10
C ALA B 30 34.01 -2.39 -17.78
N SER B 31 33.68 -2.21 -16.49
CA SER B 31 32.31 -2.31 -15.98
C SER B 31 31.44 -1.13 -16.42
N PHE B 32 32.02 0.07 -16.59
CA PHE B 32 31.29 1.29 -16.94
C PHE B 32 30.59 1.15 -18.30
N TRP B 33 31.27 0.55 -19.28
CA TRP B 33 30.75 0.39 -20.64
C TRP B 33 29.67 -0.69 -20.76
N LEU B 34 29.49 -1.54 -19.74
CA LEU B 34 28.36 -2.47 -19.69
C LEU B 34 27.03 -1.69 -19.62
N GLY B 35 26.91 -0.81 -18.62
CA GLY B 35 25.68 -0.10 -18.31
C GLY B 35 25.28 0.93 -19.38
N GLU B 36 26.27 1.44 -20.12
CA GLU B 36 26.02 2.25 -21.30
C GLU B 36 25.23 1.44 -22.34
N LEU B 37 25.64 0.19 -22.56
CA LEU B 37 25.23 -0.57 -23.73
C LEU B 37 23.98 -1.41 -23.48
N GLN B 38 23.69 -1.77 -22.22
CA GLN B 38 22.60 -2.67 -21.82
C GLN B 38 21.28 -2.36 -22.54
N ARG B 39 20.89 -1.07 -22.56
CA ARG B 39 19.59 -0.62 -23.02
C ARG B 39 19.44 -0.71 -24.55
N SER B 40 20.57 -0.76 -25.27
CA SER B 40 20.62 -0.60 -26.73
C SER B 40 20.22 -1.87 -27.48
N VAL B 41 20.08 -1.73 -28.82
CA VAL B 41 19.80 -2.84 -29.73
C VAL B 41 21.08 -3.68 -29.91
N GLU B 45 22.84 -8.92 -35.56
CA GLU B 45 22.74 -7.83 -36.58
C GLU B 45 23.56 -6.61 -36.15
N ILE B 46 23.60 -6.33 -34.82
CA ILE B 46 24.40 -5.27 -34.22
C ILE B 46 25.31 -5.87 -33.13
N SER B 47 24.83 -6.92 -32.45
CA SER B 47 25.62 -7.69 -31.49
C SER B 47 26.55 -8.69 -32.21
N ASP B 48 26.07 -9.30 -33.30
CA ASP B 48 26.84 -10.29 -34.05
C ASP B 48 27.87 -9.64 -34.99
N GLN B 49 28.33 -8.42 -34.67
CA GLN B 49 29.36 -7.71 -35.43
C GLN B 49 30.77 -8.21 -35.11
N LEU B 50 30.93 -9.03 -34.06
CA LEU B 50 32.19 -9.74 -33.81
C LEU B 50 32.45 -10.74 -34.93
N LEU B 51 33.62 -11.40 -34.92
CA LEU B 51 33.97 -12.50 -35.81
C LEU B 51 34.11 -12.01 -37.27
N GLN B 52 34.52 -10.75 -37.48
CA GLN B 52 34.92 -10.24 -38.80
C GLN B 52 36.01 -11.14 -39.41
N ILE B 53 36.95 -11.55 -38.54
CA ILE B 53 37.80 -12.73 -38.70
C ILE B 53 37.71 -13.50 -37.37
N ARG B 54 37.64 -14.83 -37.44
CA ARG B 54 37.50 -15.66 -36.25
C ARG B 54 38.87 -16.14 -35.77
N GLN B 55 39.29 -15.67 -34.58
CA GLN B 55 40.49 -16.14 -33.92
C GLN B 55 40.29 -16.09 -32.40
N ASP B 56 40.85 -17.07 -31.69
CA ASP B 56 40.70 -17.21 -30.24
C ASP B 56 41.18 -15.93 -29.52
N SER B 59 36.92 -12.32 -25.11
CA SER B 59 35.92 -11.45 -25.79
C SER B 59 34.66 -12.23 -26.16
N CYS B 60 34.84 -13.50 -26.58
CA CYS B 60 33.72 -14.31 -27.05
C CYS B 60 32.77 -14.71 -25.92
N TYR B 61 33.26 -14.80 -24.67
CA TYR B 61 32.37 -14.98 -23.53
C TYR B 61 31.39 -13.81 -23.39
N PHE B 62 31.91 -12.58 -23.26
CA PHE B 62 31.09 -11.37 -23.15
C PHE B 62 30.16 -11.23 -24.37
N ALA B 63 30.65 -11.59 -25.56
CA ALA B 63 29.85 -11.65 -26.77
C ALA B 63 28.68 -12.63 -26.62
N ALA B 64 28.96 -13.92 -26.35
CA ALA B 64 27.95 -14.96 -26.25
C ALA B 64 26.95 -14.68 -25.12
N GLN B 65 27.46 -14.23 -23.96
CA GLN B 65 26.65 -13.84 -22.81
C GLN B 65 25.68 -12.71 -23.18
N THR B 66 26.17 -11.73 -23.97
CA THR B 66 25.37 -10.63 -24.50
C THR B 66 24.37 -11.09 -25.55
N MET B 67 24.79 -12.00 -26.43
CA MET B 67 23.91 -12.57 -27.45
C MET B 67 22.72 -13.28 -26.81
N LYS B 68 22.90 -14.04 -25.72
CA LYS B 68 21.77 -14.63 -25.03
C LYS B 68 20.76 -13.56 -24.62
N MET B 69 21.14 -12.63 -23.72
CA MET B 69 20.17 -11.67 -23.17
C MET B 69 19.57 -10.79 -24.29
N LYS B 70 20.36 -10.34 -25.27
CA LYS B 70 19.84 -9.48 -26.32
C LYS B 70 18.95 -10.26 -27.28
N ILE B 71 19.35 -11.45 -27.74
CA ILE B 71 18.50 -12.21 -28.66
C ILE B 71 17.19 -12.61 -27.98
N GLN B 72 17.22 -12.95 -26.69
CA GLN B 72 16.03 -13.11 -25.87
C GLN B 72 15.11 -11.88 -25.95
N THR B 73 15.64 -10.67 -25.70
CA THR B 73 14.81 -9.47 -25.82
C THR B 73 14.37 -9.23 -27.26
N SER B 74 15.17 -9.67 -28.24
CA SER B 74 14.93 -9.45 -29.65
C SER B 74 13.73 -10.25 -30.16
N PHE B 75 13.34 -11.34 -29.48
CA PHE B 75 12.15 -12.12 -29.82
C PHE B 75 10.94 -11.22 -30.04
N TYR B 76 10.78 -10.25 -29.13
CA TYR B 76 9.64 -9.34 -29.10
C TYR B 76 10.01 -7.94 -29.59
N GLU B 77 10.99 -7.85 -30.51
CA GLU B 77 11.45 -6.60 -31.11
C GLU B 77 11.61 -6.71 -32.63
N LEU B 78 12.10 -7.86 -33.13
CA LEU B 78 12.55 -8.03 -34.52
C LEU B 78 11.40 -8.23 -35.51
N PRO B 79 11.64 -8.03 -36.83
CA PRO B 79 10.71 -8.47 -37.88
C PRO B 79 10.56 -9.98 -38.05
N THR B 80 9.46 -10.38 -38.74
CA THR B 80 9.24 -11.74 -39.23
C THR B 80 10.04 -11.99 -40.53
N ASP B 81 10.47 -10.90 -41.19
CA ASP B 81 11.56 -10.91 -42.17
C ASP B 81 12.86 -11.36 -41.50
N SER B 82 13.47 -12.43 -42.04
CA SER B 82 14.71 -13.03 -41.54
C SER B 82 14.50 -13.75 -40.21
N HIS B 83 13.55 -14.70 -40.24
CA HIS B 83 13.27 -15.65 -39.16
C HIS B 83 14.25 -16.84 -39.17
N ALA B 84 14.36 -17.55 -40.31
CA ALA B 84 15.26 -18.69 -40.48
C ALA B 84 16.73 -18.25 -40.38
N SER B 85 17.02 -16.97 -40.64
CA SER B 85 18.31 -16.37 -40.31
C SER B 85 18.70 -16.62 -38.85
N LEU B 86 17.77 -16.41 -37.89
CA LEU B 86 18.09 -16.65 -36.48
C LEU B 86 18.43 -18.13 -36.28
N ARG B 87 17.57 -19.05 -36.75
CA ARG B 87 17.83 -20.48 -36.70
C ARG B 87 19.20 -20.81 -37.27
N ASP B 88 19.51 -20.34 -38.48
CA ASP B 88 20.70 -20.77 -39.21
C ASP B 88 21.96 -20.09 -38.67
N SER B 89 21.86 -18.84 -38.21
CA SER B 89 22.98 -18.20 -37.52
C SER B 89 23.28 -18.95 -36.22
N LEU B 90 22.26 -19.22 -35.40
CA LEU B 90 22.45 -19.97 -34.16
C LEU B 90 22.98 -21.38 -34.42
N LEU B 91 22.33 -22.16 -35.29
CA LEU B 91 22.79 -23.50 -35.66
C LEU B 91 24.28 -23.48 -36.05
N THR B 92 24.70 -22.43 -36.78
CA THR B 92 26.08 -22.30 -37.21
C THR B 92 27.00 -22.03 -36.02
N HIS B 93 26.67 -21.01 -35.22
CA HIS B 93 27.49 -20.59 -34.10
C HIS B 93 27.69 -21.75 -33.11
N ILE B 94 26.64 -22.51 -32.77
CA ILE B 94 26.74 -23.52 -31.74
C ILE B 94 27.60 -24.70 -32.17
N GLN B 95 27.51 -25.07 -33.45
CA GLN B 95 28.37 -26.09 -34.04
C GLN B 95 29.83 -25.62 -34.00
N ASN B 96 30.10 -24.33 -34.23
CA ASN B 96 31.45 -23.79 -34.29
C ASN B 96 32.02 -23.47 -32.89
N LEU B 97 31.18 -23.41 -31.83
CA LEU B 97 31.62 -23.10 -30.47
C LEU B 97 31.43 -24.28 -29.49
N LYS B 98 31.54 -25.51 -30.01
CA LYS B 98 31.29 -26.75 -29.30
C LYS B 98 32.22 -26.99 -28.12
N ASP B 99 33.47 -26.47 -28.18
CA ASP B 99 34.49 -26.77 -27.18
C ASP B 99 34.82 -25.60 -26.26
N LEU B 100 34.00 -24.54 -26.25
CA LEU B 100 34.18 -23.44 -25.31
C LEU B 100 33.84 -23.85 -23.88
N SER B 101 32.60 -24.27 -23.66
CA SER B 101 32.06 -24.50 -22.33
C SER B 101 30.72 -25.22 -22.42
N PRO B 102 30.46 -26.27 -21.59
CA PRO B 102 29.13 -26.92 -21.54
C PRO B 102 27.98 -25.99 -21.15
N VAL B 103 28.31 -24.91 -20.41
CA VAL B 103 27.30 -23.99 -19.91
C VAL B 103 26.94 -22.93 -20.95
N ILE B 104 27.82 -22.60 -21.91
CA ILE B 104 27.43 -21.66 -22.96
C ILE B 104 26.39 -22.32 -23.87
N VAL B 105 26.53 -23.63 -24.10
CA VAL B 105 25.59 -24.43 -24.90
C VAL B 105 24.17 -24.22 -24.39
N THR B 106 23.97 -24.28 -23.06
CA THR B 106 22.66 -24.06 -22.44
C THR B 106 22.07 -22.69 -22.78
N GLN B 107 22.90 -21.62 -22.76
CA GLN B 107 22.44 -20.26 -23.09
C GLN B 107 21.90 -20.20 -24.51
N LEU B 108 22.65 -20.82 -25.43
CA LEU B 108 22.34 -20.77 -26.84
C LEU B 108 21.13 -21.66 -27.14
N ALA B 109 21.04 -22.82 -26.48
CA ALA B 109 19.93 -23.75 -26.65
C ALA B 109 18.61 -23.07 -26.23
N LEU B 110 18.61 -22.44 -25.05
CA LEU B 110 17.47 -21.67 -24.56
C LEU B 110 17.10 -20.54 -25.51
N ALA B 111 18.09 -19.78 -25.99
CA ALA B 111 17.88 -18.69 -26.95
C ALA B 111 17.18 -19.19 -28.22
N ILE B 112 17.64 -20.32 -28.77
CA ILE B 112 17.02 -20.94 -29.93
C ILE B 112 15.59 -21.35 -29.58
N ALA B 113 15.42 -22.09 -28.48
CA ALA B 113 14.19 -22.79 -28.16
C ALA B 113 13.02 -21.83 -27.90
N ASP B 114 13.22 -20.76 -27.13
CA ASP B 114 12.16 -19.80 -26.88
C ASP B 114 11.78 -19.01 -28.13
N LEU B 115 12.66 -18.91 -29.14
CA LEU B 115 12.24 -18.39 -30.44
C LEU B 115 11.53 -19.49 -31.24
N ALA B 116 12.21 -20.63 -31.43
CA ALA B 116 11.76 -21.74 -32.26
C ALA B 116 10.37 -22.27 -31.85
N LEU B 117 10.04 -22.17 -30.55
CA LEU B 117 8.73 -22.55 -30.03
C LEU B 117 7.62 -21.71 -30.66
N GLN B 118 7.89 -20.41 -30.91
CA GLN B 118 6.87 -19.50 -31.39
C GLN B 118 6.51 -19.90 -32.82
N MET B 119 5.22 -20.23 -33.05
CA MET B 119 4.77 -20.98 -34.21
C MET B 119 4.77 -20.17 -35.53
N PRO B 120 5.07 -18.84 -35.58
CA PRO B 120 5.58 -18.23 -36.81
C PRO B 120 6.94 -18.78 -37.24
N SER B 121 7.72 -17.98 -37.97
CA SER B 121 8.99 -18.41 -38.55
C SER B 121 8.75 -19.56 -39.55
N TRP B 122 9.45 -20.70 -39.39
CA TRP B 122 9.24 -21.89 -40.21
C TRP B 122 8.20 -22.85 -39.60
N LYS B 123 7.60 -22.52 -38.41
CA LYS B 123 6.54 -23.28 -37.74
C LYS B 123 6.89 -24.75 -37.47
N GLY B 124 8.18 -25.06 -37.25
CA GLY B 124 8.64 -26.43 -37.33
C GLY B 124 8.34 -27.25 -36.06
N CYS B 125 7.23 -28.01 -36.07
CA CYS B 125 6.87 -28.90 -34.97
C CYS B 125 7.84 -30.08 -34.84
N VAL B 126 7.73 -30.89 -33.76
CA VAL B 126 8.75 -31.86 -33.33
C VAL B 126 9.34 -32.67 -34.49
N GLN B 127 8.49 -33.26 -35.34
CA GLN B 127 8.92 -34.09 -36.46
C GLN B 127 9.97 -33.39 -37.35
N THR B 128 9.92 -32.05 -37.46
CA THR B 128 10.81 -31.31 -38.35
C THR B 128 12.26 -31.34 -37.87
N LEU B 129 12.50 -31.17 -36.57
CA LEU B 129 13.85 -31.20 -36.05
C LEU B 129 14.40 -32.63 -36.14
N VAL B 130 13.53 -33.61 -35.83
CA VAL B 130 13.84 -35.02 -35.97
C VAL B 130 14.27 -35.30 -37.41
N GLU B 131 13.48 -34.92 -38.42
CA GLU B 131 13.81 -35.28 -39.80
C GLU B 131 15.09 -34.56 -40.27
N LYS B 132 15.28 -33.28 -39.92
CA LYS B 132 16.37 -32.49 -40.46
C LYS B 132 17.72 -32.88 -39.84
N TYR B 133 17.72 -33.38 -38.60
CA TYR B 133 18.97 -33.53 -37.86
C TYR B 133 19.28 -34.93 -37.37
N SER B 134 18.27 -35.77 -37.11
CA SER B 134 18.42 -36.95 -36.25
C SER B 134 19.62 -37.84 -36.62
N ASN B 135 19.79 -38.13 -37.93
CA ASN B 135 20.69 -39.21 -38.34
C ASN B 135 22.11 -38.68 -38.52
N ASP B 136 22.30 -37.36 -38.38
CA ASP B 136 23.61 -36.75 -38.27
C ASP B 136 24.12 -36.96 -36.83
N VAL B 137 25.29 -37.60 -36.71
CA VAL B 137 25.76 -38.14 -35.44
C VAL B 137 26.10 -37.00 -34.48
N THR B 138 26.43 -35.82 -35.02
CA THR B 138 26.79 -34.70 -34.16
C THR B 138 25.69 -33.64 -34.14
N SER B 139 24.48 -33.98 -34.57
CA SER B 139 23.29 -33.19 -34.30
C SER B 139 22.85 -33.50 -32.86
N LEU B 140 23.05 -34.74 -32.38
CA LEU B 140 22.44 -35.21 -31.14
C LEU B 140 22.86 -34.39 -29.91
N PRO B 141 24.15 -34.03 -29.68
CA PRO B 141 24.49 -33.21 -28.50
C PRO B 141 23.60 -31.95 -28.32
N PHE B 142 23.26 -31.33 -29.44
CA PHE B 142 22.58 -30.05 -29.46
C PHE B 142 21.07 -30.17 -29.69
N LEU B 143 20.69 -31.16 -30.50
CA LEU B 143 19.28 -31.50 -30.70
C LEU B 143 18.65 -31.87 -29.36
N LEU B 144 19.34 -32.68 -28.56
CA LEU B 144 18.89 -33.01 -27.21
C LEU B 144 18.81 -31.75 -26.35
N GLU B 145 19.81 -30.87 -26.43
CA GLU B 145 19.82 -29.68 -25.59
C GLU B 145 18.60 -28.80 -25.85
N ILE B 146 18.21 -28.63 -27.12
CA ILE B 146 17.07 -27.78 -27.45
C ILE B 146 15.74 -28.49 -27.20
N LEU B 147 15.64 -29.82 -27.43
CA LEU B 147 14.44 -30.57 -27.08
C LEU B 147 14.24 -30.68 -25.57
N THR B 148 15.32 -30.62 -24.78
CA THR B 148 15.22 -30.61 -23.33
C THR B 148 14.53 -29.32 -22.87
N VAL B 149 15.08 -28.18 -23.29
CA VAL B 149 14.69 -26.89 -22.77
C VAL B 149 13.34 -26.43 -23.35
N LEU B 150 13.00 -26.81 -24.59
CA LEU B 150 11.79 -26.29 -25.26
C LEU B 150 10.49 -26.52 -24.45
N PRO B 151 10.05 -27.76 -24.08
CA PRO B 151 8.83 -27.93 -23.28
C PRO B 151 8.98 -27.47 -21.83
N GLU B 152 10.24 -27.28 -21.38
CA GLU B 152 10.55 -26.75 -20.06
C GLU B 152 10.31 -25.23 -20.00
N GLU B 153 10.51 -24.52 -21.14
CA GLU B 153 10.32 -23.08 -21.20
C GLU B 153 9.04 -22.65 -21.97
N VAL B 154 8.27 -23.60 -22.52
CA VAL B 154 6.82 -23.40 -22.68
C VAL B 154 6.27 -22.96 -21.33
N HIS B 155 5.32 -22.00 -21.31
CA HIS B 155 4.68 -21.47 -20.10
C HIS B 155 5.65 -21.02 -18.99
N SER B 156 6.91 -20.62 -19.31
CA SER B 156 7.92 -20.47 -18.25
C SER B 156 8.85 -19.25 -18.46
N ARG B 157 9.71 -19.04 -17.43
CA ARG B 157 10.25 -17.77 -16.92
C ARG B 157 11.28 -17.04 -17.81
N SER B 158 11.48 -15.74 -17.48
CA SER B 158 12.36 -14.76 -18.11
C SER B 158 11.73 -14.21 -19.40
N LEU B 159 11.44 -15.07 -20.38
CA LEU B 159 10.39 -14.75 -21.34
C LEU B 159 9.04 -14.77 -20.60
N ARG B 160 8.09 -13.97 -21.09
CA ARG B 160 6.78 -13.87 -20.46
C ARG B 160 5.96 -15.10 -20.84
N ILE B 161 5.01 -15.48 -19.97
CA ILE B 161 4.46 -16.84 -19.88
C ILE B 161 3.90 -17.33 -21.22
N GLY B 162 3.22 -16.45 -21.98
CA GLY B 162 2.78 -16.76 -23.33
C GLY B 162 1.55 -17.68 -23.37
N ALA B 163 0.55 -17.38 -22.52
CA ALA B 163 -0.72 -18.09 -22.51
C ALA B 163 -1.42 -18.04 -23.88
N ASN B 164 -1.12 -17.00 -24.67
CA ASN B 164 -1.55 -16.84 -26.06
C ASN B 164 -1.23 -18.08 -26.91
N ARG B 165 0.03 -18.54 -26.83
CA ARG B 165 0.56 -19.58 -27.71
C ARG B 165 0.35 -20.97 -27.11
N ARG B 166 0.46 -21.07 -25.77
CA ARG B 166 0.29 -22.25 -24.94
C ARG B 166 -0.88 -23.16 -25.36
N THR B 167 -2.03 -22.57 -25.76
CA THR B 167 -3.28 -23.29 -25.95
C THR B 167 -3.15 -24.54 -26.84
N GLU B 168 -2.33 -24.48 -27.90
CA GLU B 168 -2.25 -25.55 -28.88
C GLU B 168 -1.13 -26.55 -28.56
N ILE B 169 -0.02 -26.07 -27.99
CA ILE B 169 1.29 -26.70 -28.18
C ILE B 169 1.43 -27.97 -27.35
N ILE B 170 1.05 -27.94 -26.06
CA ILE B 170 1.29 -29.06 -25.16
C ILE B 170 0.59 -30.33 -25.65
N GLU B 171 -0.56 -30.17 -26.33
CA GLU B 171 -1.30 -31.30 -26.85
C GLU B 171 -0.66 -31.88 -28.13
N ASP B 172 0.09 -31.07 -28.88
CA ASP B 172 0.95 -31.59 -29.95
C ASP B 172 2.19 -32.27 -29.37
N LEU B 173 2.79 -31.72 -28.31
CA LEU B 173 3.94 -32.37 -27.69
C LEU B 173 3.51 -33.68 -27.00
N ALA B 174 2.28 -33.77 -26.49
CA ALA B 174 1.70 -35.04 -26.04
C ALA B 174 1.60 -36.05 -27.18
N PHE B 175 1.32 -35.60 -28.41
CA PHE B 175 1.19 -36.46 -29.58
C PHE B 175 2.57 -36.95 -30.06
N TYR B 176 3.58 -36.06 -30.04
CA TYR B 176 4.86 -36.34 -30.64
C TYR B 176 5.88 -36.99 -29.70
N SER B 177 5.54 -37.22 -28.43
CA SER B 177 6.54 -37.61 -27.43
C SER B 177 7.21 -38.94 -27.80
N SER B 178 6.43 -39.87 -28.39
CA SER B 178 6.93 -41.14 -28.90
C SER B 178 8.13 -40.97 -29.85
N THR B 179 8.05 -39.97 -30.76
CA THR B 179 9.18 -39.68 -31.65
C THR B 179 10.43 -39.27 -30.86
N VAL B 180 10.26 -38.49 -29.78
CA VAL B 180 11.38 -38.00 -28.98
C VAL B 180 11.99 -39.14 -28.15
N VAL B 181 11.16 -40.02 -27.59
CA VAL B 181 11.63 -41.22 -26.92
C VAL B 181 12.45 -42.09 -27.88
N SER B 182 11.97 -42.26 -29.13
CA SER B 182 12.66 -43.11 -30.09
C SER B 182 14.01 -42.51 -30.50
N LEU B 183 14.09 -41.17 -30.60
CA LEU B 183 15.36 -40.48 -30.77
C LEU B 183 16.31 -40.80 -29.62
N LEU B 184 15.82 -40.74 -28.38
CA LEU B 184 16.66 -40.95 -27.21
C LEU B 184 17.18 -42.40 -27.17
N MET B 185 16.39 -43.37 -27.65
CA MET B 185 16.85 -44.75 -27.79
C MET B 185 17.92 -44.88 -28.88
N THR B 186 17.85 -44.06 -29.93
CA THR B 186 18.92 -43.98 -30.92
C THR B 186 20.21 -43.46 -30.27
N CYS B 187 20.09 -42.50 -29.35
CA CYS B 187 21.25 -41.91 -28.68
C CYS B 187 22.00 -42.89 -27.76
N VAL B 188 21.33 -43.90 -27.20
CA VAL B 188 22.03 -44.84 -26.31
C VAL B 188 22.70 -45.94 -27.13
N GLU B 189 22.11 -46.37 -28.24
CA GLU B 189 22.78 -47.35 -29.08
C GLU B 189 23.99 -46.69 -29.73
N LYS B 190 23.79 -45.50 -30.33
CA LYS B 190 24.87 -44.70 -30.89
C LYS B 190 25.71 -44.08 -29.77
N ALA B 191 26.70 -44.83 -29.27
CA ALA B 191 27.68 -44.36 -28.29
C ALA B 191 27.04 -43.84 -26.99
N GLY B 192 26.12 -44.64 -26.44
CA GLY B 192 25.79 -44.57 -25.03
C GLY B 192 26.88 -45.21 -24.16
N THR B 193 28.14 -45.04 -24.58
CA THR B 193 29.32 -45.67 -24.02
C THR B 193 29.93 -44.78 -22.93
N ASP B 194 29.85 -43.45 -23.12
CA ASP B 194 30.51 -42.52 -22.20
C ASP B 194 29.60 -41.32 -21.87
N GLU B 195 29.85 -40.75 -20.68
CA GLU B 195 28.83 -40.17 -19.82
C GLU B 195 28.14 -38.94 -20.40
N LYS B 196 28.87 -38.08 -21.13
CA LYS B 196 28.34 -36.78 -21.51
C LYS B 196 27.05 -36.92 -22.34
N MET B 197 26.98 -37.96 -23.19
CA MET B 197 25.78 -38.21 -23.97
C MET B 197 24.62 -38.62 -23.04
N LEU B 198 24.87 -39.54 -22.09
CA LEU B 198 23.79 -39.98 -21.21
C LEU B 198 23.32 -38.85 -20.28
N MET B 199 24.24 -37.98 -19.82
CA MET B 199 23.86 -36.80 -19.06
C MET B 199 22.86 -35.95 -19.84
N LYS B 200 23.06 -35.78 -21.16
CA LYS B 200 22.10 -35.08 -22.00
C LYS B 200 20.80 -35.88 -22.16
N VAL B 201 20.90 -37.19 -22.39
CA VAL B 201 19.72 -38.05 -22.59
C VAL B 201 18.83 -38.00 -21.35
N PHE B 202 19.41 -38.14 -20.15
CA PHE B 202 18.67 -38.12 -18.91
C PHE B 202 18.01 -36.76 -18.69
N ARG B 203 18.70 -35.65 -18.94
CA ARG B 203 18.09 -34.33 -18.82
C ARG B 203 16.92 -34.17 -19.80
N CYS B 204 17.10 -34.58 -21.06
CA CYS B 204 16.04 -34.57 -22.05
C CYS B 204 14.83 -35.42 -21.62
N LEU B 205 15.05 -36.70 -21.31
CA LEU B 205 14.00 -37.61 -20.87
C LEU B 205 13.28 -37.05 -19.64
N GLY B 206 14.01 -36.49 -18.67
CA GLY B 206 13.43 -35.91 -17.48
C GLY B 206 12.43 -34.79 -17.78
N SER B 207 12.71 -33.98 -18.81
CA SER B 207 11.82 -32.93 -19.26
C SER B 207 10.51 -33.50 -19.84
N TRP B 208 10.61 -34.45 -20.78
CA TRP B 208 9.44 -35.02 -21.45
C TRP B 208 8.64 -35.93 -20.50
N PHE B 209 9.30 -36.53 -19.51
CA PHE B 209 8.62 -37.03 -18.32
C PHE B 209 7.87 -35.92 -17.58
N ASN B 210 8.59 -34.85 -17.17
CA ASN B 210 8.12 -33.79 -16.27
C ASN B 210 6.83 -33.15 -16.80
N LEU B 211 6.80 -32.80 -18.10
CA LEU B 211 5.61 -32.26 -18.74
C LEU B 211 4.56 -33.35 -19.06
N GLY B 212 4.73 -34.55 -18.50
CA GLY B 212 3.74 -35.62 -18.56
C GLY B 212 3.63 -36.32 -19.91
N VAL B 213 4.18 -35.69 -20.97
CA VAL B 213 3.73 -35.86 -22.35
C VAL B 213 3.92 -37.28 -22.91
N LEU B 214 4.56 -38.19 -22.16
CA LEU B 214 4.54 -39.61 -22.46
C LEU B 214 3.10 -40.18 -22.45
N ASP B 215 2.33 -39.86 -21.40
CA ASP B 215 0.89 -40.12 -21.29
C ASP B 215 0.42 -41.55 -21.69
N SER B 216 1.22 -42.61 -21.45
CA SER B 216 0.84 -43.98 -21.82
C SER B 216 1.69 -45.06 -21.13
N ASN B 217 1.18 -46.32 -21.16
CA ASN B 217 1.68 -47.43 -20.33
C ASN B 217 3.01 -48.06 -20.75
N PHE B 218 3.67 -47.54 -21.79
CA PHE B 218 4.55 -48.30 -22.66
C PHE B 218 5.96 -48.57 -22.12
N MET B 219 6.44 -47.82 -21.11
CA MET B 219 7.85 -47.85 -20.69
C MET B 219 8.32 -49.22 -20.18
N ALA B 220 7.41 -50.15 -19.88
CA ALA B 220 7.74 -51.54 -19.60
C ALA B 220 8.45 -52.22 -20.78
N ASN B 221 8.28 -51.65 -21.99
CA ASN B 221 8.84 -52.14 -23.24
C ASN B 221 9.86 -51.15 -23.82
N ASN B 222 10.79 -50.68 -22.97
CA ASN B 222 11.70 -49.59 -23.31
C ASN B 222 13.09 -49.78 -22.71
N LYS B 223 14.12 -49.19 -23.36
CA LYS B 223 15.53 -49.33 -23.01
C LYS B 223 15.97 -48.30 -21.97
N LEU B 224 15.39 -47.09 -22.01
CA LEU B 224 15.93 -45.90 -21.35
C LEU B 224 15.81 -46.00 -19.82
N LEU B 225 14.68 -46.54 -19.35
CA LEU B 225 14.38 -46.56 -17.94
C LEU B 225 15.26 -47.58 -17.21
N ALA B 226 15.60 -48.68 -17.88
CA ALA B 226 16.53 -49.67 -17.33
C ALA B 226 17.96 -49.12 -17.27
N LEU B 227 18.39 -48.43 -18.34
CA LEU B 227 19.69 -47.77 -18.39
C LEU B 227 19.84 -46.78 -17.24
N LEU B 228 18.81 -45.96 -17.01
CA LEU B 228 18.80 -44.97 -15.95
C LEU B 228 19.11 -45.59 -14.57
N PHE B 229 18.43 -46.69 -14.20
CA PHE B 229 18.65 -47.35 -12.92
C PHE B 229 19.96 -48.12 -12.87
N GLU B 230 20.40 -48.72 -13.99
CA GLU B 230 21.67 -49.43 -14.07
C GLU B 230 22.84 -48.50 -13.72
N VAL B 231 22.86 -47.33 -14.34
CA VAL B 231 23.85 -46.27 -14.11
C VAL B 231 23.85 -45.85 -12.65
N LEU B 232 22.69 -45.86 -11.97
CA LEU B 232 22.60 -45.49 -10.57
C LEU B 232 23.09 -46.59 -9.64
N GLN B 233 23.05 -47.87 -10.08
CA GLN B 233 23.53 -48.99 -9.27
C GLN B 233 25.06 -49.16 -9.36
N GLN B 234 25.66 -48.76 -10.49
CA GLN B 234 27.10 -48.79 -10.71
C GLN B 234 27.85 -48.02 -9.61
N ASP B 235 28.93 -48.64 -9.11
CA ASP B 235 29.91 -47.97 -8.25
C ASP B 235 30.90 -47.13 -9.05
N LYS B 236 31.13 -47.50 -10.32
CA LYS B 236 32.09 -46.87 -11.23
C LYS B 236 31.55 -45.64 -11.99
N THR B 237 30.33 -45.20 -11.67
CA THR B 237 29.66 -44.06 -12.29
C THR B 237 30.15 -42.73 -11.70
N SER B 238 30.08 -41.64 -12.48
CA SER B 238 30.57 -40.34 -12.04
C SER B 238 29.52 -39.59 -11.21
N SER B 239 29.95 -38.62 -10.39
CA SER B 239 29.04 -37.79 -9.62
C SER B 239 28.11 -36.98 -10.52
N ASN B 240 28.65 -36.49 -11.63
CA ASN B 240 27.91 -35.74 -12.63
C ASN B 240 26.75 -36.57 -13.19
N LEU B 241 27.09 -37.78 -13.66
CA LEU B 241 26.13 -38.68 -14.28
C LEU B 241 25.16 -39.21 -13.23
N HIS B 242 25.67 -39.58 -12.05
CA HIS B 242 24.86 -40.06 -10.94
C HIS B 242 23.81 -39.02 -10.54
N GLU B 243 24.20 -37.75 -10.41
CA GLU B 243 23.24 -36.70 -10.10
C GLU B 243 22.27 -36.44 -11.27
N ALA B 244 22.74 -36.43 -12.52
CA ALA B 244 21.86 -36.22 -13.66
C ALA B 244 20.82 -37.34 -13.82
N ALA B 245 21.21 -38.57 -13.48
CA ALA B 245 20.32 -39.72 -13.40
C ALA B 245 19.38 -39.62 -12.20
N SER B 246 19.90 -39.20 -11.03
CA SER B 246 19.08 -39.03 -9.83
C SER B 246 17.98 -38.00 -10.03
N ASP B 247 18.36 -36.89 -10.67
CA ASP B 247 17.45 -35.79 -10.95
C ASP B 247 16.42 -36.18 -12.01
N CYS B 248 16.82 -36.99 -12.99
CA CYS B 248 15.91 -37.59 -13.95
C CYS B 248 14.86 -38.46 -13.26
N VAL B 249 15.28 -39.34 -12.34
CA VAL B 249 14.36 -40.17 -11.55
C VAL B 249 13.42 -39.30 -10.72
N CYS B 250 13.92 -38.24 -10.06
CA CYS B 250 13.04 -37.32 -9.35
C CYS B 250 12.03 -36.67 -10.31
N SER B 251 12.49 -36.19 -11.48
CA SER B 251 11.62 -35.62 -12.51
C SER B 251 10.52 -36.60 -12.92
N ALA B 252 10.89 -37.88 -13.09
CA ALA B 252 9.96 -38.95 -13.43
C ALA B 252 8.97 -39.20 -12.30
N LEU B 253 9.39 -39.11 -11.02
CA LEU B 253 8.49 -39.20 -9.88
C LEU B 253 7.53 -38.00 -9.82
N TYR B 254 8.02 -36.77 -10.00
CA TYR B 254 7.16 -35.59 -10.01
C TYR B 254 6.11 -35.67 -11.15
N ALA B 255 6.48 -36.31 -12.27
CA ALA B 255 5.58 -36.57 -13.39
C ALA B 255 4.42 -37.49 -13.04
N ILE B 256 4.47 -38.20 -11.90
CA ILE B 256 3.31 -38.90 -11.33
C ILE B 256 2.43 -37.85 -10.64
N GLU B 257 1.73 -37.06 -11.47
CA GLU B 257 0.92 -35.93 -11.04
C GLU B 257 -0.12 -36.41 -10.05
N ASN B 258 -0.81 -37.47 -10.47
CA ASN B 258 -1.57 -38.35 -9.59
C ASN B 258 -1.24 -39.80 -9.98
N VAL B 259 -1.18 -40.69 -8.98
CA VAL B 259 -0.67 -42.05 -9.09
C VAL B 259 -1.36 -42.87 -10.20
N GLU B 260 -2.61 -42.51 -10.56
CA GLU B 260 -3.48 -43.33 -11.41
C GLU B 260 -4.05 -42.56 -12.62
N THR B 261 -3.61 -41.30 -12.87
CA THR B 261 -4.18 -40.45 -13.94
C THR B 261 -3.89 -40.99 -15.34
N ASN B 262 -2.81 -41.77 -15.48
CA ASN B 262 -2.61 -42.67 -16.62
C ASN B 262 -2.05 -43.99 -16.08
N LEU B 263 -2.09 -45.07 -16.88
CA LEU B 263 -1.70 -46.40 -16.46
C LEU B 263 -0.28 -46.41 -15.85
N PRO B 264 -0.07 -47.15 -14.73
CA PRO B 264 1.05 -46.84 -13.84
C PRO B 264 2.44 -47.31 -14.29
N LEU B 265 3.07 -46.47 -15.11
CA LEU B 265 4.51 -46.33 -15.21
C LEU B 265 5.08 -46.08 -13.80
N ALA B 266 4.25 -45.49 -12.92
CA ALA B 266 4.44 -45.47 -11.49
C ALA B 266 4.94 -46.82 -10.92
N MET B 267 4.36 -47.96 -11.27
CA MET B 267 4.80 -49.24 -10.71
C MET B 267 6.24 -49.53 -11.09
N GLN B 268 6.62 -49.19 -12.32
CA GLN B 268 7.97 -49.37 -12.84
C GLN B 268 8.94 -48.49 -12.05
N LEU B 269 8.61 -47.20 -11.87
CA LEU B 269 9.45 -46.28 -11.11
C LEU B 269 9.54 -46.70 -9.65
N PHE B 270 8.46 -47.24 -9.08
CA PHE B 270 8.41 -47.61 -7.68
C PHE B 270 9.28 -48.83 -7.42
N GLN B 271 9.16 -49.89 -8.22
CA GLN B 271 10.03 -51.05 -8.07
C GLN B 271 11.48 -50.65 -8.35
N GLY B 272 11.70 -49.84 -9.39
CA GLY B 272 13.01 -49.31 -9.73
C GLY B 272 13.74 -48.68 -8.54
N VAL B 273 13.12 -47.73 -7.84
CA VAL B 273 13.80 -47.08 -6.71
C VAL B 273 14.12 -48.07 -5.60
N LEU B 274 13.23 -49.03 -5.35
CA LEU B 274 13.42 -49.98 -4.25
C LEU B 274 14.65 -50.87 -4.50
N THR B 275 15.04 -51.06 -5.77
CA THR B 275 16.22 -51.84 -6.13
C THR B 275 17.51 -51.16 -5.65
N LEU B 276 17.49 -49.83 -5.45
CA LEU B 276 18.71 -49.09 -5.20
C LEU B 276 19.18 -49.23 -3.75
N GLU B 277 18.50 -50.01 -2.90
CA GLU B 277 18.94 -50.20 -1.53
C GLU B 277 20.31 -50.88 -1.45
N THR B 278 20.58 -51.87 -2.30
CA THR B 278 21.87 -52.54 -2.29
C THR B 278 22.98 -51.56 -2.68
N ALA B 279 22.73 -50.79 -3.75
CA ALA B 279 23.66 -49.75 -4.20
C ALA B 279 23.85 -48.68 -3.11
N TYR B 280 22.78 -48.32 -2.39
CA TYR B 280 22.87 -47.41 -1.27
C TYR B 280 23.81 -47.96 -0.20
N HIS B 281 23.53 -49.17 0.32
CA HIS B 281 24.30 -49.73 1.42
C HIS B 281 25.77 -49.86 1.06
N MET B 282 26.07 -50.16 -0.21
CA MET B 282 27.45 -50.28 -0.64
C MET B 282 28.13 -48.91 -0.74
N ALA B 283 27.41 -47.88 -1.22
CA ALA B 283 27.94 -46.53 -1.27
C ALA B 283 28.23 -46.00 0.14
N VAL B 284 27.45 -46.39 1.17
CA VAL B 284 27.75 -45.92 2.52
C VAL B 284 28.96 -46.69 3.08
N ALA B 285 29.11 -47.98 2.74
CA ALA B 285 30.29 -48.74 3.16
C ALA B 285 31.58 -48.17 2.56
N ARG B 286 31.53 -47.67 1.32
CA ARG B 286 32.64 -46.99 0.66
C ARG B 286 32.83 -45.54 1.10
N GLU B 287 31.86 -45.00 1.86
CA GLU B 287 31.75 -43.60 2.22
C GLU B 287 31.74 -42.69 0.99
N ASP B 288 30.94 -43.09 -0.02
CA ASP B 288 30.75 -42.32 -1.25
C ASP B 288 29.60 -41.34 -1.04
N LEU B 289 29.90 -40.25 -0.33
CA LEU B 289 28.87 -39.44 0.28
C LEU B 289 27.99 -38.75 -0.76
N ASP B 290 28.56 -38.24 -1.86
CA ASP B 290 27.72 -37.54 -2.83
C ASP B 290 26.69 -38.48 -3.46
N LYS B 291 26.99 -39.79 -3.50
CA LYS B 291 26.03 -40.78 -3.99
C LYS B 291 25.05 -41.15 -2.89
N VAL B 292 25.51 -41.28 -1.64
CA VAL B 292 24.61 -41.52 -0.51
C VAL B 292 23.54 -40.43 -0.43
N LEU B 293 23.95 -39.17 -0.60
CA LEU B 293 23.03 -38.04 -0.62
C LEU B 293 22.07 -38.12 -1.81
N ASN B 294 22.57 -38.45 -3.01
CA ASN B 294 21.73 -38.65 -4.18
C ASN B 294 20.65 -39.71 -3.94
N TYR B 295 21.00 -40.82 -3.28
CA TYR B 295 20.04 -41.86 -2.96
C TYR B 295 19.00 -41.38 -1.94
N CYS B 296 19.44 -40.74 -0.85
CA CYS B 296 18.51 -40.27 0.17
C CYS B 296 17.49 -39.29 -0.44
N ARG B 297 17.91 -38.46 -1.41
CA ARG B 297 17.01 -37.60 -2.15
C ARG B 297 16.00 -38.45 -2.92
N ILE B 298 16.45 -39.42 -3.71
CA ILE B 298 15.55 -40.26 -4.49
C ILE B 298 14.54 -40.96 -3.57
N PHE B 299 15.02 -41.52 -2.45
CA PHE B 299 14.17 -42.22 -1.50
C PHE B 299 13.12 -41.27 -0.93
N THR B 300 13.56 -40.08 -0.50
CA THR B 300 12.66 -39.09 0.05
C THR B 300 11.62 -38.65 -0.99
N GLU B 301 12.05 -38.38 -2.23
CA GLU B 301 11.11 -37.97 -3.25
C GLU B 301 10.17 -39.12 -3.67
N LEU B 302 10.56 -40.39 -3.52
CA LEU B 302 9.61 -41.49 -3.66
C LEU B 302 8.52 -41.38 -2.60
N CYS B 303 8.93 -41.21 -1.33
CA CYS B 303 7.98 -41.11 -0.24
C CYS B 303 7.07 -39.90 -0.37
N GLU B 304 7.62 -38.74 -0.71
CA GLU B 304 6.84 -37.53 -1.01
C GLU B 304 5.82 -37.78 -2.12
N THR B 305 6.26 -38.43 -3.20
CA THR B 305 5.44 -38.68 -4.38
C THR B 305 4.28 -39.65 -4.10
N PHE B 306 4.42 -40.53 -3.10
CA PHE B 306 3.40 -41.53 -2.80
C PHE B 306 2.85 -41.43 -1.36
N LEU B 307 3.05 -40.28 -0.69
CA LEU B 307 2.63 -40.02 0.69
C LEU B 307 1.16 -40.41 0.90
N GLU B 308 0.31 -39.96 -0.04
CA GLU B 308 -1.13 -40.18 0.03
C GLU B 308 -1.47 -41.68 0.02
N LYS B 309 -0.83 -42.42 -0.89
CA LYS B 309 -0.98 -43.86 -0.93
C LYS B 309 -0.47 -44.52 0.35
N ILE B 310 0.65 -44.04 0.93
CA ILE B 310 1.16 -44.63 2.16
C ILE B 310 0.15 -44.45 3.29
N VAL B 311 -0.37 -43.24 3.49
CA VAL B 311 -1.26 -42.91 4.60
C VAL B 311 -2.66 -43.53 4.44
N CYS B 312 -3.20 -43.55 3.21
CA CYS B 312 -4.56 -44.02 2.97
C CYS B 312 -4.65 -45.51 2.65
N THR B 313 -3.54 -46.13 2.21
CA THR B 313 -3.51 -47.57 1.95
C THR B 313 -2.20 -48.16 2.49
N PRO B 314 -1.93 -48.10 3.83
CA PRO B 314 -0.62 -48.49 4.37
C PRO B 314 -0.27 -49.94 4.08
N GLY B 315 0.88 -50.14 3.44
CA GLY B 315 1.42 -51.46 3.13
C GLY B 315 0.72 -52.12 1.95
N GLN B 316 -0.07 -51.35 1.19
CA GLN B 316 -0.85 -51.89 0.07
C GLN B 316 -0.42 -51.18 -1.21
N GLY B 317 0.13 -51.97 -2.15
CA GLY B 317 0.50 -51.45 -3.46
C GLY B 317 1.55 -50.35 -3.32
N LEU B 318 1.30 -49.20 -3.96
CA LEU B 318 2.25 -48.10 -3.94
C LEU B 318 2.21 -47.31 -2.62
N GLY B 319 1.48 -47.82 -1.60
CA GLY B 319 1.58 -47.35 -0.23
C GLY B 319 2.49 -48.20 0.65
N ASP B 320 3.26 -49.12 0.04
CA ASP B 320 4.17 -50.03 0.73
C ASP B 320 5.13 -49.29 1.68
N LEU B 321 5.23 -49.75 2.94
CA LEU B 321 6.00 -49.11 4.01
C LEU B 321 7.51 -49.38 3.93
N ARG B 322 7.99 -50.12 2.92
CA ARG B 322 9.41 -50.18 2.62
C ARG B 322 9.96 -48.77 2.32
N THR B 323 9.09 -47.89 1.81
CA THR B 323 9.36 -46.45 1.71
C THR B 323 9.90 -45.91 3.04
N LEU B 324 9.11 -45.95 4.12
CA LEU B 324 9.56 -45.40 5.39
C LEU B 324 10.78 -46.16 5.90
N GLU B 325 10.84 -47.47 5.66
CA GLU B 325 11.94 -48.31 6.14
C GLU B 325 13.27 -47.86 5.53
N LEU B 326 13.25 -47.43 4.26
CA LEU B 326 14.42 -46.85 3.60
C LEU B 326 14.78 -45.50 4.22
N LEU B 327 13.79 -44.66 4.52
CA LEU B 327 14.09 -43.38 5.16
C LEU B 327 14.62 -43.59 6.58
N LEU B 328 14.27 -44.71 7.24
CA LEU B 328 14.77 -45.02 8.58
C LEU B 328 16.23 -45.49 8.55
N ILE B 329 16.66 -46.17 7.48
CA ILE B 329 18.06 -46.50 7.34
C ILE B 329 18.86 -45.25 6.96
N CYS B 330 18.30 -44.34 6.14
CA CYS B 330 18.96 -43.07 5.85
C CYS B 330 19.12 -42.20 7.10
N ALA B 331 18.06 -42.08 7.91
CA ALA B 331 18.10 -41.23 9.09
C ALA B 331 19.06 -41.76 10.15
N GLY B 332 19.60 -42.97 9.97
CA GLY B 332 20.60 -43.51 10.88
C GLY B 332 22.04 -43.22 10.44
N HIS B 333 22.23 -42.70 9.22
CA HIS B 333 23.55 -42.46 8.70
C HIS B 333 24.28 -41.46 9.60
N PRO B 334 25.56 -41.70 9.98
CA PRO B 334 26.26 -40.84 10.93
C PRO B 334 26.54 -39.42 10.43
N GLN B 335 26.69 -39.24 9.11
CA GLN B 335 26.83 -37.91 8.54
C GLN B 335 25.46 -37.22 8.58
N TYR B 336 25.39 -36.15 9.35
CA TYR B 336 24.11 -35.51 9.67
C TYR B 336 23.49 -34.88 8.42
N GLU B 337 24.30 -34.61 7.38
CA GLU B 337 23.82 -34.02 6.14
C GLU B 337 22.88 -34.97 5.39
N VAL B 338 23.00 -36.29 5.66
CA VAL B 338 22.19 -37.31 5.01
C VAL B 338 20.80 -37.34 5.64
N VAL B 339 20.75 -37.39 6.98
CA VAL B 339 19.48 -37.50 7.69
C VAL B 339 18.62 -36.27 7.46
N GLU B 340 19.20 -35.07 7.42
CA GLU B 340 18.34 -33.89 7.34
C GLU B 340 17.74 -33.68 5.95
N ILE B 341 18.08 -34.52 4.94
CA ILE B 341 17.36 -34.50 3.67
C ILE B 341 15.91 -34.93 3.89
N SER B 342 15.73 -36.00 4.69
CA SER B 342 14.45 -36.65 4.88
C SER B 342 13.48 -35.80 5.72
N PHE B 343 13.94 -34.68 6.29
CA PHE B 343 13.16 -33.92 7.27
C PHE B 343 11.83 -33.40 6.75
N ASN B 344 11.81 -32.72 5.59
CA ASN B 344 10.59 -32.12 5.09
C ASN B 344 9.51 -33.16 4.83
N PHE B 345 9.89 -34.38 4.42
CA PHE B 345 8.95 -35.48 4.32
C PHE B 345 8.37 -35.84 5.70
N TRP B 346 9.20 -35.90 6.75
CA TRP B 346 8.71 -36.21 8.09
C TRP B 346 7.74 -35.13 8.58
N TYR B 347 8.06 -33.85 8.41
CA TYR B 347 7.13 -32.77 8.69
C TYR B 347 5.81 -32.97 7.93
N ARG B 348 5.88 -33.34 6.64
CA ARG B 348 4.70 -33.48 5.80
C ARG B 348 3.85 -34.69 6.19
N LEU B 349 4.50 -35.83 6.48
CA LEU B 349 3.81 -36.99 7.03
C LEU B 349 3.09 -36.58 8.33
N GLY B 350 3.80 -35.90 9.24
CA GLY B 350 3.23 -35.41 10.49
C GLY B 350 1.98 -34.55 10.29
N GLU B 351 2.05 -33.56 9.40
CA GLU B 351 0.92 -32.69 9.10
C GLU B 351 -0.29 -33.46 8.54
N HIS B 352 -0.08 -34.59 7.85
CA HIS B 352 -1.21 -35.40 7.40
C HIS B 352 -1.82 -36.18 8.56
N LEU B 353 -0.99 -36.83 9.38
CA LEU B 353 -1.45 -37.56 10.57
C LEU B 353 -2.23 -36.65 11.54
N TYR B 354 -1.75 -35.42 11.71
CA TYR B 354 -2.34 -34.38 12.54
C TYR B 354 -3.79 -34.04 12.14
N LYS B 355 -4.22 -34.42 10.92
CA LYS B 355 -5.58 -34.19 10.45
C LYS B 355 -6.50 -35.41 10.61
N THR B 356 -6.14 -36.56 10.03
CA THR B 356 -7.11 -37.57 9.61
C THR B 356 -7.85 -38.23 10.78
N ASN B 357 -7.18 -38.41 11.93
CA ASN B 357 -7.78 -38.89 13.17
C ASN B 357 -8.25 -40.36 13.09
N ASP B 358 -7.88 -41.13 12.06
CA ASP B 358 -8.09 -42.57 12.10
C ASP B 358 -6.99 -43.18 12.97
N GLU B 359 -7.38 -43.78 14.10
CA GLU B 359 -6.46 -44.18 15.15
C GLU B 359 -5.51 -45.31 14.69
N VAL B 360 -5.85 -46.05 13.63
CA VAL B 360 -4.92 -47.03 13.04
C VAL B 360 -3.93 -46.31 12.13
N ILE B 361 -4.37 -45.26 11.44
CA ILE B 361 -3.51 -44.42 10.62
C ILE B 361 -2.64 -43.49 11.48
N HIS B 362 -2.94 -43.33 12.78
CA HIS B 362 -1.94 -42.97 13.76
C HIS B 362 -1.10 -44.16 14.19
N GLY B 363 -1.76 -45.28 14.54
CA GLY B 363 -1.17 -46.38 15.29
C GLY B 363 -0.02 -47.08 14.57
N ILE B 364 -0.23 -47.47 13.30
CA ILE B 364 0.80 -48.13 12.49
C ILE B 364 2.05 -47.26 12.46
N PHE B 365 1.82 -45.99 12.11
CA PHE B 365 2.88 -45.02 11.91
C PHE B 365 3.59 -44.65 13.21
N LYS B 366 2.94 -44.79 14.37
CA LYS B 366 3.55 -44.46 15.65
C LYS B 366 4.79 -45.33 15.91
N ALA B 367 4.78 -46.58 15.47
CA ALA B 367 5.95 -47.45 15.55
C ALA B 367 7.08 -46.97 14.63
N TYR B 368 6.77 -46.33 13.50
CA TYR B 368 7.80 -45.71 12.67
C TYR B 368 8.25 -44.37 13.27
N ILE B 369 7.31 -43.50 13.69
CA ILE B 369 7.66 -42.21 14.27
C ILE B 369 8.52 -42.38 15.52
N GLN B 370 8.25 -43.39 16.36
CA GLN B 370 9.10 -43.62 17.53
C GLN B 370 10.50 -44.04 17.08
N ARG B 371 10.63 -44.85 16.02
CA ARG B 371 11.94 -45.29 15.52
C ARG B 371 12.75 -44.12 14.94
N LEU B 372 12.07 -43.20 14.27
CA LEU B 372 12.65 -41.94 13.81
C LEU B 372 13.10 -41.09 14.99
N LEU B 373 12.24 -40.97 16.01
CA LEU B 373 12.52 -40.14 17.16
C LEU B 373 13.68 -40.69 17.97
N HIS B 374 13.84 -42.03 18.02
CA HIS B 374 15.02 -42.67 18.59
C HIS B 374 16.28 -42.33 17.78
N ALA B 375 16.20 -42.36 16.45
CA ALA B 375 17.35 -42.08 15.60
C ALA B 375 17.77 -40.62 15.72
N LEU B 376 16.80 -39.71 15.64
CA LEU B 376 17.03 -38.28 15.81
C LEU B 376 17.66 -37.97 17.19
N ALA B 377 17.18 -38.61 18.26
CA ALA B 377 17.73 -38.45 19.59
C ALA B 377 19.18 -38.94 19.67
N ARG B 378 19.49 -40.08 19.03
CA ARG B 378 20.85 -40.58 18.92
C ARG B 378 21.73 -39.59 18.13
N HIS B 379 21.22 -39.03 17.02
CA HIS B 379 21.91 -38.00 16.27
C HIS B 379 22.15 -36.72 17.08
N CYS B 380 21.38 -36.47 18.14
CA CYS B 380 21.61 -35.33 19.01
C CYS B 380 22.72 -35.55 20.04
N GLN B 381 23.30 -36.76 20.12
CA GLN B 381 24.38 -37.02 21.06
C GLN B 381 25.69 -36.42 20.56
N LEU B 382 26.34 -35.63 21.43
CA LEU B 382 27.69 -35.13 21.22
C LEU B 382 28.72 -36.27 21.19
N GLU B 383 29.89 -36.01 20.61
CA GLU B 383 30.98 -36.98 20.72
C GLU B 383 31.40 -37.07 22.19
N PRO B 384 31.61 -38.29 22.75
CA PRO B 384 32.14 -38.45 24.11
C PRO B 384 33.48 -37.78 24.38
N ASP B 385 34.21 -37.49 23.28
CA ASP B 385 35.44 -36.72 23.23
C ASP B 385 35.38 -35.39 23.98
N HIS B 386 34.23 -34.72 23.86
CA HIS B 386 34.05 -33.28 24.05
C HIS B 386 34.45 -32.80 25.45
N GLU B 387 34.91 -31.53 25.54
CA GLU B 387 35.48 -30.98 26.77
C GLU B 387 35.06 -29.52 26.98
N GLY B 388 33.82 -29.16 26.59
CA GLY B 388 33.29 -27.82 26.79
C GLY B 388 31.76 -27.79 26.96
N VAL B 389 31.16 -26.65 26.58
CA VAL B 389 29.72 -26.56 26.36
C VAL B 389 29.44 -26.77 24.88
N PRO B 390 28.18 -27.07 24.48
CA PRO B 390 27.81 -27.04 23.07
C PRO B 390 27.84 -25.61 22.53
N GLU B 391 28.55 -25.41 21.42
CA GLU B 391 28.35 -24.22 20.60
C GLU B 391 27.01 -24.35 19.87
N GLU B 392 26.16 -23.32 19.99
CA GLU B 392 24.90 -23.30 19.26
C GLU B 392 25.09 -22.75 17.83
N THR B 393 26.31 -22.27 17.51
CA THR B 393 26.70 -21.83 16.16
C THR B 393 27.68 -22.80 15.48
N ASP B 394 28.04 -23.92 16.12
CA ASP B 394 28.60 -25.07 15.43
C ASP B 394 27.71 -25.52 14.28
N ASP B 395 28.31 -26.26 13.35
CA ASP B 395 27.55 -26.92 12.29
C ASP B 395 26.72 -28.07 12.87
N PHE B 396 27.18 -28.70 13.96
CA PHE B 396 26.39 -29.64 14.74
C PHE B 396 25.34 -28.93 15.62
N GLY B 397 25.71 -27.77 16.16
CA GLY B 397 24.79 -26.94 16.93
C GLY B 397 23.55 -26.54 16.15
N GLU B 398 23.75 -26.07 14.91
CA GLU B 398 22.66 -25.65 14.05
C GLU B 398 21.87 -26.85 13.52
N PHE B 399 22.53 -27.99 13.32
CA PHE B 399 21.83 -29.23 12.96
C PHE B 399 20.88 -29.64 14.09
N ARG B 400 21.39 -29.57 15.33
CA ARG B 400 20.65 -29.85 16.55
C ARG B 400 19.34 -29.06 16.66
N MET B 401 19.36 -27.78 16.26
CA MET B 401 18.15 -26.96 16.26
C MET B 401 17.12 -27.56 15.29
N ARG B 402 17.52 -27.84 14.04
CA ARG B 402 16.62 -28.42 13.05
C ARG B 402 16.04 -29.74 13.55
N VAL B 403 16.87 -30.59 14.16
CA VAL B 403 16.38 -31.82 14.75
C VAL B 403 15.38 -31.49 15.86
N SER B 404 15.76 -30.60 16.78
CA SER B 404 14.97 -30.18 17.92
C SER B 404 13.56 -29.72 17.51
N ASP B 405 13.49 -28.87 16.48
CA ASP B 405 12.23 -28.36 15.96
C ASP B 405 11.39 -29.45 15.31
N LEU B 406 12.01 -30.49 14.73
CA LEU B 406 11.26 -31.60 14.16
C LEU B 406 10.79 -32.57 15.25
N VAL B 407 11.63 -32.80 16.27
CA VAL B 407 11.29 -33.60 17.43
C VAL B 407 10.05 -33.01 18.15
N LYS B 408 9.99 -31.68 18.36
CA LYS B 408 8.81 -31.02 18.89
C LYS B 408 7.54 -31.45 18.17
N ASP B 409 7.50 -31.30 16.83
CA ASP B 409 6.29 -31.50 16.06
C ASP B 409 5.79 -32.95 16.12
N LEU B 410 6.69 -33.93 15.99
CA LEU B 410 6.26 -35.32 15.95
C LEU B 410 5.95 -35.88 17.34
N ILE B 411 6.58 -35.34 18.39
CA ILE B 411 6.18 -35.61 19.76
C ILE B 411 4.78 -35.08 20.04
N PHE B 412 4.39 -33.95 19.45
CA PHE B 412 3.05 -33.41 19.64
C PHE B 412 1.97 -34.35 19.08
N LEU B 413 2.27 -35.19 18.08
CA LEU B 413 1.33 -36.20 17.60
C LEU B 413 1.26 -37.40 18.56
N ILE B 414 2.36 -37.67 19.27
CA ILE B 414 2.51 -38.87 20.08
C ILE B 414 2.02 -38.64 21.52
N GLY B 415 2.08 -37.39 22.02
CA GLY B 415 1.94 -37.15 23.44
C GLY B 415 3.27 -36.73 24.09
N SER B 416 3.35 -35.46 24.47
CA SER B 416 4.54 -34.89 25.10
C SER B 416 4.77 -35.45 26.50
N MET B 417 3.71 -35.80 27.24
CA MET B 417 3.84 -36.51 28.50
C MET B 417 4.54 -37.86 28.29
N GLU B 418 4.07 -38.66 27.32
CA GLU B 418 4.56 -40.03 27.14
C GLU B 418 6.07 -40.14 26.90
N CYS B 419 6.64 -39.19 26.14
CA CYS B 419 8.04 -39.22 25.77
C CYS B 419 8.88 -38.46 26.79
N PHE B 420 8.39 -37.34 27.36
CA PHE B 420 9.08 -36.69 28.46
C PHE B 420 9.24 -37.66 29.64
N ALA B 421 8.22 -38.52 29.86
CA ALA B 421 8.27 -39.58 30.85
C ALA B 421 9.42 -40.56 30.57
N GLN B 422 9.46 -41.10 29.35
CA GLN B 422 10.43 -42.11 28.94
C GLN B 422 11.85 -41.55 28.89
N LEU B 423 11.99 -40.28 28.49
CA LEU B 423 13.25 -39.55 28.54
C LEU B 423 13.76 -39.48 29.97
N TYR B 424 12.92 -39.07 30.93
CA TYR B 424 13.42 -38.98 32.28
C TYR B 424 13.78 -40.37 32.82
N SER B 425 13.03 -41.42 32.42
CA SER B 425 13.37 -42.78 32.82
C SER B 425 14.81 -43.10 32.42
N THR B 426 15.26 -42.67 31.23
CA THR B 426 16.62 -42.97 30.77
C THR B 426 17.68 -42.32 31.64
N LEU B 427 17.37 -41.19 32.28
CA LEU B 427 18.35 -40.47 33.10
C LEU B 427 18.61 -41.22 34.40
N LYS B 428 17.61 -41.93 34.90
CA LYS B 428 17.67 -42.46 36.24
C LYS B 428 17.72 -43.99 36.23
N GLU B 429 18.36 -44.55 35.19
CA GLU B 429 18.58 -46.00 35.13
C GLU B 429 19.86 -46.30 34.35
N GLY B 430 20.54 -47.36 34.81
CA GLY B 430 21.63 -48.00 34.09
C GLY B 430 22.79 -47.07 33.78
N ASN B 431 23.15 -46.17 34.70
CA ASN B 431 24.38 -45.40 34.63
C ASN B 431 24.59 -44.79 33.24
N PRO B 432 23.73 -43.85 32.79
CA PRO B 432 23.81 -43.36 31.42
C PRO B 432 25.05 -42.48 31.26
N PRO B 433 25.85 -42.69 30.19
CA PRO B 433 27.05 -41.87 30.00
C PRO B 433 26.66 -40.41 29.75
N TRP B 434 27.65 -39.51 29.86
CA TRP B 434 27.37 -38.09 29.95
C TRP B 434 26.69 -37.57 28.69
N GLU B 435 27.12 -38.07 27.51
CA GLU B 435 26.65 -37.58 26.22
C GLU B 435 25.23 -38.03 25.92
N VAL B 436 24.80 -39.15 26.54
CA VAL B 436 23.42 -39.60 26.50
C VAL B 436 22.58 -38.75 27.44
N THR B 437 23.08 -38.51 28.65
CA THR B 437 22.43 -37.66 29.64
C THR B 437 22.20 -36.24 29.11
N GLU B 438 23.22 -35.66 28.46
CA GLU B 438 23.11 -34.32 27.90
C GLU B 438 22.13 -34.26 26.74
N ALA B 439 22.15 -35.26 25.85
CA ALA B 439 21.23 -35.31 24.71
C ALA B 439 19.80 -35.42 25.19
N VAL B 440 19.57 -36.20 26.26
CA VAL B 440 18.25 -36.35 26.85
C VAL B 440 17.80 -35.01 27.42
N LEU B 441 18.63 -34.33 28.22
CA LEU B 441 18.28 -33.02 28.76
C LEU B 441 18.02 -31.99 27.64
N PHE B 442 18.77 -32.06 26.54
CA PHE B 442 18.55 -31.24 25.35
C PHE B 442 17.18 -31.51 24.71
N ILE B 443 16.86 -32.79 24.47
CA ILE B 443 15.56 -33.19 23.93
C ILE B 443 14.43 -32.74 24.87
N MET B 444 14.59 -32.95 26.19
CA MET B 444 13.60 -32.56 27.19
C MET B 444 13.36 -31.05 27.19
N ALA B 445 14.41 -30.23 26.98
CA ALA B 445 14.25 -28.79 26.92
C ALA B 445 13.45 -28.35 25.69
N ALA B 446 13.45 -29.15 24.62
CA ALA B 446 12.65 -28.83 23.44
C ALA B 446 11.16 -29.05 23.71
N ILE B 447 10.80 -30.05 24.54
CA ILE B 447 9.41 -30.48 24.71
C ILE B 447 8.81 -30.02 26.05
N ALA B 448 9.63 -29.64 27.04
CA ALA B 448 9.18 -28.70 28.05
C ALA B 448 8.60 -27.46 27.35
N LYS B 449 7.63 -26.78 27.99
CA LYS B 449 6.78 -25.78 27.35
C LYS B 449 5.78 -26.43 26.36
N SER B 450 5.67 -27.76 26.34
CA SER B 450 4.62 -28.44 25.59
C SER B 450 4.05 -29.65 26.33
N VAL B 451 4.45 -29.91 27.59
CA VAL B 451 3.74 -30.85 28.45
C VAL B 451 2.71 -30.08 29.28
N ASP B 452 1.54 -30.71 29.46
CA ASP B 452 0.38 -30.15 30.17
C ASP B 452 0.72 -29.80 31.63
N PRO B 453 0.62 -28.50 32.05
CA PRO B 453 0.90 -28.12 33.44
C PRO B 453 -0.27 -28.24 34.42
N GLU B 454 -1.49 -28.59 33.95
CA GLU B 454 -2.66 -28.67 34.82
C GLU B 454 -2.61 -29.87 35.78
N ASN B 455 -1.94 -30.97 35.37
CA ASN B 455 -1.73 -32.12 36.24
C ASN B 455 -0.61 -33.01 35.67
N ASN B 456 0.66 -32.63 35.91
CA ASN B 456 1.80 -33.53 35.68
C ASN B 456 2.88 -33.32 36.75
N PRO B 457 2.82 -34.01 37.90
CA PRO B 457 3.89 -33.94 38.90
C PRO B 457 5.26 -34.48 38.48
N THR B 458 5.35 -35.19 37.34
CA THR B 458 6.65 -35.62 36.85
C THR B 458 7.52 -34.43 36.43
N LEU B 459 6.92 -33.28 36.07
CA LEU B 459 7.68 -32.05 35.77
C LEU B 459 8.46 -31.59 37.00
N VAL B 460 7.82 -31.68 38.17
CA VAL B 460 8.44 -31.37 39.45
C VAL B 460 9.61 -32.33 39.73
N GLU B 461 9.50 -33.61 39.35
CA GLU B 461 10.59 -34.55 39.58
C GLU B 461 11.87 -34.08 38.87
N VAL B 462 11.77 -33.79 37.57
CA VAL B 462 12.92 -33.40 36.77
C VAL B 462 13.49 -32.09 37.32
N LEU B 463 12.63 -31.12 37.63
CA LEU B 463 13.05 -29.82 38.16
C LEU B 463 13.88 -30.00 39.45
N GLU B 464 13.28 -30.68 40.43
CA GLU B 464 13.88 -31.00 41.71
C GLU B 464 15.20 -31.79 41.51
N GLY B 465 15.15 -32.82 40.67
CA GLY B 465 16.30 -33.66 40.36
C GLY B 465 17.42 -32.93 39.60
N VAL B 466 17.13 -31.78 38.98
CA VAL B 466 18.14 -30.96 38.31
C VAL B 466 18.78 -29.96 39.27
N VAL B 467 18.02 -29.30 40.16
CA VAL B 467 18.64 -28.37 41.09
C VAL B 467 19.53 -29.13 42.09
N ARG B 468 19.30 -30.45 42.25
CA ARG B 468 20.09 -31.32 43.13
C ARG B 468 21.18 -32.09 42.37
N LEU B 469 21.40 -31.77 41.09
CA LEU B 469 22.51 -32.26 40.27
C LEU B 469 23.82 -31.62 40.74
N PRO B 470 24.95 -32.36 40.86
CA PRO B 470 26.18 -31.80 41.44
C PRO B 470 27.03 -31.00 40.46
N GLU B 471 27.89 -30.11 40.97
CA GLU B 471 28.72 -29.25 40.13
C GLU B 471 29.78 -30.05 39.36
N THR B 472 29.98 -31.33 39.73
CA THR B 472 31.08 -32.16 39.25
C THR B 472 30.79 -32.80 37.89
N VAL B 473 29.52 -32.79 37.43
CA VAL B 473 29.17 -33.33 36.12
C VAL B 473 29.70 -32.40 35.02
N HIS B 474 29.97 -32.98 33.84
CA HIS B 474 30.56 -32.28 32.69
C HIS B 474 29.81 -30.99 32.35
N THR B 475 30.57 -29.97 31.90
CA THR B 475 30.05 -28.63 31.64
C THR B 475 28.81 -28.63 30.75
N ALA B 476 28.75 -29.52 29.77
CA ALA B 476 27.61 -29.62 28.87
C ALA B 476 26.32 -30.04 29.59
N VAL B 477 26.38 -31.04 30.49
CA VAL B 477 25.21 -31.53 31.20
C VAL B 477 24.64 -30.44 32.11
N ARG B 478 25.53 -29.66 32.70
CA ARG B 478 25.13 -28.56 33.57
C ARG B 478 24.53 -27.42 32.74
N TYR B 479 25.22 -27.01 31.68
CA TYR B 479 24.75 -26.00 30.74
C TYR B 479 23.36 -26.35 30.21
N THR B 480 23.16 -27.56 29.70
CA THR B 480 21.87 -27.92 29.14
C THR B 480 20.80 -28.07 30.22
N SER B 481 21.14 -28.58 31.40
CA SER B 481 20.14 -28.63 32.46
C SER B 481 19.78 -27.23 32.92
N ILE B 482 20.69 -26.26 32.83
CA ILE B 482 20.35 -24.86 33.04
C ILE B 482 19.37 -24.37 31.94
N GLU B 483 19.60 -24.74 30.68
CA GLU B 483 18.67 -24.38 29.62
C GLU B 483 17.28 -24.97 29.87
N LEU B 484 17.19 -26.27 30.22
CA LEU B 484 15.95 -26.94 30.59
C LEU B 484 15.25 -26.25 31.77
N VAL B 485 16.00 -25.83 32.79
CA VAL B 485 15.46 -25.11 33.93
C VAL B 485 14.78 -23.81 33.48
N GLY B 486 15.30 -23.13 32.45
CA GLY B 486 14.61 -21.99 31.84
C GLY B 486 13.21 -22.32 31.32
N GLU B 487 13.08 -23.38 30.50
CA GLU B 487 11.80 -23.79 29.97
C GLU B 487 10.82 -24.11 31.11
N MET B 488 11.35 -24.84 32.08
CA MET B 488 10.60 -25.19 33.25
C MET B 488 10.26 -23.98 34.14
N SER B 489 10.67 -22.74 33.82
CA SER B 489 10.14 -21.56 34.51
C SER B 489 8.62 -21.55 34.56
N GLU B 490 7.94 -22.04 33.51
CA GLU B 490 6.49 -22.15 33.57
C GLU B 490 6.03 -23.05 34.71
N VAL B 491 6.75 -24.16 35.00
CA VAL B 491 6.36 -25.02 36.12
C VAL B 491 6.76 -24.37 37.46
N VAL B 492 7.83 -23.58 37.50
CA VAL B 492 8.23 -22.86 38.71
C VAL B 492 7.14 -21.88 39.17
N ASP B 493 6.52 -21.11 38.26
CA ASP B 493 5.47 -20.15 38.61
C ASP B 493 4.31 -20.80 39.38
N ARG B 494 3.90 -22.02 38.96
CA ARG B 494 2.84 -22.76 39.62
C ARG B 494 3.29 -23.39 40.95
N ASN B 495 4.61 -23.57 41.14
CA ASN B 495 5.14 -24.30 42.28
C ASN B 495 6.26 -23.50 42.95
N PRO B 496 5.98 -22.29 43.50
CA PRO B 496 7.03 -21.37 43.93
C PRO B 496 7.89 -21.81 45.13
N GLN B 497 7.62 -22.98 45.73
CA GLN B 497 8.56 -23.60 46.67
C GLN B 497 9.90 -23.90 45.98
N PHE B 498 9.87 -23.99 44.64
CA PHE B 498 11.05 -24.28 43.84
C PHE B 498 11.79 -23.01 43.41
N LEU B 499 11.15 -21.84 43.52
CA LEU B 499 11.75 -20.60 43.05
C LEU B 499 13.12 -20.39 43.71
N ASP B 500 13.16 -20.58 45.03
CA ASP B 500 14.34 -20.38 45.84
C ASP B 500 15.44 -21.37 45.42
N PRO B 501 15.23 -22.71 45.45
CA PRO B 501 16.21 -23.67 44.94
C PRO B 501 16.65 -23.43 43.50
N VAL B 502 15.70 -23.09 42.62
CA VAL B 502 15.97 -22.86 41.21
C VAL B 502 16.93 -21.69 41.04
N LEU B 503 16.62 -20.55 41.66
CA LEU B 503 17.49 -19.39 41.58
C LEU B 503 18.90 -19.75 42.08
N GLY B 504 18.97 -20.49 43.20
CA GLY B 504 20.24 -21.00 43.72
C GLY B 504 21.08 -21.78 42.70
N TYR B 505 20.44 -22.72 41.99
CA TYR B 505 21.09 -23.53 40.96
C TYR B 505 21.65 -22.64 39.84
N LEU B 506 20.89 -21.59 39.50
CA LEU B 506 21.25 -20.65 38.43
C LEU B 506 22.32 -19.65 38.87
N MET B 507 22.31 -19.18 40.13
CA MET B 507 23.40 -18.34 40.62
C MET B 507 24.74 -19.07 40.42
N LYS B 508 24.77 -20.34 40.83
CA LYS B 508 25.96 -21.16 40.80
C LYS B 508 26.50 -21.28 39.37
N GLY B 509 25.62 -21.52 38.39
CA GLY B 509 26.01 -21.58 36.98
C GLY B 509 26.46 -20.22 36.43
N LEU B 510 25.78 -19.16 36.87
CA LEU B 510 26.05 -17.80 36.44
C LEU B 510 27.51 -17.40 36.70
N ALA B 511 28.14 -18.04 37.70
CA ALA B 511 29.48 -17.71 38.14
C ALA B 511 30.58 -18.51 37.42
N GLU B 512 30.26 -19.16 36.29
CA GLU B 512 31.27 -19.86 35.49
C GLU B 512 31.14 -19.40 34.02
N LYS B 513 32.21 -18.82 33.44
CA LYS B 513 32.12 -18.03 32.20
C LYS B 513 31.27 -18.71 31.10
N PRO B 514 31.53 -19.96 30.63
CA PRO B 514 30.73 -20.51 29.53
C PRO B 514 29.28 -20.79 29.91
N LEU B 515 29.04 -21.11 31.19
CA LEU B 515 27.70 -21.33 31.75
C LEU B 515 26.99 -20.03 32.14
N ALA B 516 27.72 -18.91 32.15
CA ALA B 516 27.20 -17.65 32.67
C ALA B 516 26.00 -17.17 31.86
N SER B 517 26.18 -17.09 30.52
CA SER B 517 25.16 -16.58 29.62
C SER B 517 23.92 -17.46 29.61
N ALA B 518 24.09 -18.80 29.62
CA ALA B 518 22.95 -19.71 29.64
C ALA B 518 22.20 -19.59 30.97
N ALA B 519 22.94 -19.38 32.07
CA ALA B 519 22.35 -19.17 33.39
C ALA B 519 21.58 -17.86 33.44
N ALA B 520 22.14 -16.80 32.84
CA ALA B 520 21.49 -15.51 32.73
C ALA B 520 20.18 -15.61 31.96
N LYS B 521 20.17 -16.37 30.85
CA LYS B 521 18.96 -16.56 30.05
C LYS B 521 17.83 -17.16 30.90
N ALA B 522 18.19 -18.19 31.66
CA ALA B 522 17.26 -18.94 32.49
C ALA B 522 16.77 -18.11 33.67
N ILE B 523 17.63 -17.27 34.26
CA ILE B 523 17.19 -16.36 35.30
C ILE B 523 16.21 -15.36 34.70
N HIS B 524 16.53 -14.83 33.51
CA HIS B 524 15.65 -13.89 32.81
C HIS B 524 14.27 -14.52 32.51
N ASN B 525 14.25 -15.79 32.12
CA ASN B 525 13.04 -16.59 31.94
C ASN B 525 12.24 -16.69 33.24
N ILE B 526 12.93 -16.98 34.36
CA ILE B 526 12.32 -17.04 35.68
C ILE B 526 11.75 -15.67 36.06
N CYS B 527 12.55 -14.60 35.91
CA CYS B 527 12.10 -13.24 36.19
C CYS B 527 10.86 -12.88 35.38
N SER B 528 10.87 -13.16 34.08
CA SER B 528 9.76 -12.82 33.21
C SER B 528 8.51 -13.59 33.59
N VAL B 529 8.59 -14.91 33.68
CA VAL B 529 7.44 -15.77 33.89
C VAL B 529 6.88 -15.59 35.31
N CYS B 530 7.76 -15.44 36.30
CA CYS B 530 7.36 -15.36 37.70
C CYS B 530 7.38 -13.93 38.27
N ARG B 531 7.36 -12.89 37.39
CA ARG B 531 7.58 -11.48 37.72
C ARG B 531 6.72 -10.97 38.90
N ASP B 532 5.53 -11.58 39.05
CA ASP B 532 4.56 -11.22 40.07
C ASP B 532 4.94 -11.74 41.46
N HIS B 533 5.67 -12.86 41.51
CA HIS B 533 5.88 -13.66 42.70
C HIS B 533 7.33 -13.59 43.21
N MET B 534 8.06 -12.52 42.84
CA MET B 534 9.50 -12.44 43.07
C MET B 534 9.91 -11.25 43.94
N ALA B 535 8.98 -10.61 44.65
CA ALA B 535 9.30 -9.53 45.56
C ALA B 535 10.33 -9.98 46.62
N GLN B 536 10.26 -11.23 47.06
CA GLN B 536 11.20 -11.75 48.06
C GLN B 536 12.60 -11.96 47.48
N HIS B 537 12.70 -12.10 46.15
CA HIS B 537 13.94 -12.49 45.50
C HIS B 537 14.61 -11.34 44.77
N PHE B 538 13.99 -10.16 44.76
CA PHE B 538 14.50 -9.00 44.04
C PHE B 538 15.91 -8.64 44.52
N ASN B 539 16.16 -8.74 45.83
CA ASN B 539 17.46 -8.36 46.39
C ASN B 539 18.57 -9.26 45.83
N GLY B 540 18.28 -10.56 45.63
CA GLY B 540 19.25 -11.48 45.04
C GLY B 540 19.64 -11.06 43.63
N LEU B 541 18.63 -10.63 42.85
CA LEU B 541 18.81 -10.12 41.50
C LEU B 541 19.59 -8.81 41.51
N LEU B 542 19.28 -7.96 42.49
CA LEU B 542 19.89 -6.64 42.62
C LEU B 542 21.38 -6.77 42.90
N GLU B 543 21.81 -7.77 43.68
CA GLU B 543 23.24 -7.94 43.95
C GLU B 543 24.01 -8.39 42.71
N ILE B 544 23.43 -9.29 41.93
CA ILE B 544 23.95 -9.61 40.61
C ILE B 544 24.00 -8.36 39.73
N ALA B 545 22.88 -7.63 39.62
CA ALA B 545 22.79 -6.44 38.78
C ALA B 545 23.86 -5.42 39.16
N ARG B 546 24.21 -5.38 40.46
CA ARG B 546 25.25 -4.50 40.99
C ARG B 546 26.64 -4.88 40.47
N SER B 547 26.91 -6.19 40.40
CA SER B 547 28.22 -6.73 40.04
C SER B 547 28.20 -7.34 38.63
N LEU B 548 27.37 -6.75 37.74
CA LEU B 548 27.01 -7.30 36.44
C LEU B 548 28.24 -7.63 35.59
N ASP B 549 29.28 -6.81 35.74
CA ASP B 549 30.44 -6.88 34.88
C ASP B 549 31.45 -7.91 35.37
N SER B 550 31.27 -8.45 36.57
CA SER B 550 32.21 -9.42 37.13
C SER B 550 32.02 -10.82 36.53
N PHE B 551 30.86 -11.05 35.88
CA PHE B 551 30.39 -12.39 35.52
C PHE B 551 30.84 -12.85 34.13
N LEU B 552 31.13 -11.91 33.21
CA LEU B 552 31.58 -12.18 31.85
C LEU B 552 30.49 -12.87 31.02
N LEU B 553 29.40 -12.09 30.85
CA LEU B 553 28.22 -12.44 30.07
C LEU B 553 28.31 -11.88 28.65
N SER B 554 27.52 -12.43 27.71
CA SER B 554 27.29 -11.80 26.41
C SER B 554 26.48 -10.52 26.57
N PRO B 555 26.47 -9.59 25.59
CA PRO B 555 25.63 -8.39 25.65
C PRO B 555 24.15 -8.68 25.88
N GLU B 556 23.58 -9.64 25.13
CA GLU B 556 22.17 -10.03 25.25
C GLU B 556 21.92 -10.55 26.66
N ALA B 557 22.87 -11.35 27.17
CA ALA B 557 22.73 -11.96 28.48
C ALA B 557 22.70 -10.90 29.58
N ALA B 558 23.57 -9.89 29.52
CA ALA B 558 23.60 -8.85 30.53
C ALA B 558 22.36 -7.94 30.45
N VAL B 559 21.90 -7.62 29.23
CA VAL B 559 20.69 -6.85 28.99
C VAL B 559 19.45 -7.60 29.50
N GLY B 560 19.38 -8.92 29.25
CA GLY B 560 18.29 -9.75 29.72
C GLY B 560 18.20 -9.78 31.25
N LEU B 561 19.35 -9.81 31.91
CA LEU B 561 19.42 -9.88 33.36
C LEU B 561 18.97 -8.57 34.00
N LEU B 562 19.40 -7.42 33.47
CA LEU B 562 18.88 -6.12 33.90
C LEU B 562 17.38 -6.00 33.61
N LYS B 563 16.98 -6.29 32.36
CA LYS B 563 15.58 -6.24 31.96
C LYS B 563 14.69 -6.98 32.95
N GLY B 564 15.07 -8.22 33.32
CA GLY B 564 14.39 -9.03 34.32
C GLY B 564 14.31 -8.38 35.70
N THR B 565 15.43 -7.89 36.26
CA THR B 565 15.41 -7.21 37.55
C THR B 565 14.48 -6.00 37.51
N ALA B 566 14.44 -5.24 36.40
CA ALA B 566 13.61 -4.05 36.27
C ALA B 566 12.12 -4.39 36.16
N LEU B 567 11.79 -5.47 35.46
CA LEU B 567 10.40 -5.92 35.35
C LEU B 567 9.89 -6.43 36.69
N VAL B 568 10.71 -7.17 37.46
CA VAL B 568 10.40 -7.60 38.82
C VAL B 568 10.31 -6.40 39.76
N LEU B 569 11.22 -5.43 39.62
CA LEU B 569 11.16 -4.16 40.34
C LEU B 569 9.84 -3.44 40.09
N ALA B 570 9.37 -3.41 38.83
CA ALA B 570 8.12 -2.76 38.50
C ALA B 570 6.90 -3.37 39.22
N ARG B 571 7.06 -4.61 39.73
CA ARG B 571 5.97 -5.37 40.36
C ARG B 571 6.10 -5.40 41.90
N LEU B 572 7.11 -4.73 42.48
CA LEU B 572 7.21 -4.59 43.93
C LEU B 572 6.03 -3.78 44.47
N PRO B 573 5.82 -3.78 45.81
CA PRO B 573 4.95 -2.79 46.47
C PRO B 573 5.50 -1.38 46.29
N LEU B 574 4.61 -0.40 46.12
CA LEU B 574 5.01 0.95 45.71
C LEU B 574 5.99 1.60 46.70
N ASP B 575 5.96 1.13 47.95
CA ASP B 575 6.79 1.56 49.05
C ASP B 575 8.28 1.25 48.80
N LYS B 576 8.59 0.13 48.12
CA LYS B 576 9.98 -0.32 48.01
C LYS B 576 10.68 0.23 46.76
N ILE B 577 9.90 0.66 45.77
CA ILE B 577 10.44 0.93 44.44
C ILE B 577 11.51 2.02 44.49
N THR B 578 11.27 3.16 45.16
CA THR B 578 12.19 4.28 45.08
C THR B 578 13.61 3.87 45.45
N GLU B 579 13.78 3.16 46.57
CA GLU B 579 15.10 2.77 47.06
C GLU B 579 15.68 1.60 46.25
N CYS B 580 14.82 0.74 45.70
CA CYS B 580 15.25 -0.40 44.89
C CYS B 580 15.71 0.07 43.53
N LEU B 581 15.00 1.06 42.97
CA LEU B 581 15.32 1.62 41.68
C LEU B 581 16.65 2.39 41.77
N SER B 582 16.84 3.16 42.84
CA SER B 582 18.06 3.92 42.98
C SER B 582 19.24 2.97 43.20
N GLU B 583 19.05 1.84 43.89
CA GLU B 583 20.15 0.89 44.07
C GLU B 583 20.51 0.17 42.77
N LEU B 584 19.54 -0.05 41.86
CA LEU B 584 19.82 -0.56 40.52
C LEU B 584 20.67 0.44 39.72
N CYS B 585 20.24 1.70 39.74
CA CYS B 585 20.80 2.75 38.90
C CYS B 585 22.14 3.25 39.41
N SER B 586 22.34 3.23 40.74
CA SER B 586 23.48 3.90 41.35
C SER B 586 24.79 3.44 40.71
N VAL B 587 24.91 2.13 40.49
CA VAL B 587 26.11 1.53 39.93
C VAL B 587 26.51 2.22 38.64
N GLN B 588 25.51 2.59 37.84
CA GLN B 588 25.69 3.25 36.56
C GLN B 588 25.83 4.77 36.75
N VAL B 589 25.07 5.37 37.67
CA VAL B 589 25.13 6.81 37.93
C VAL B 589 26.51 7.20 38.45
N MET B 590 27.09 6.40 39.35
CA MET B 590 28.43 6.66 39.88
C MET B 590 29.47 6.68 38.75
N ALA B 591 29.40 5.69 37.84
CA ALA B 591 30.31 5.59 36.72
C ALA B 591 30.25 6.85 35.85
N LEU B 592 29.04 7.35 35.60
CA LEU B 592 28.84 8.56 34.82
C LEU B 592 29.41 9.78 35.55
N LYS B 593 29.17 9.92 36.86
CA LYS B 593 29.73 11.03 37.63
C LYS B 593 31.26 11.04 37.55
N LYS B 594 31.90 9.87 37.65
CA LYS B 594 33.35 9.78 37.54
C LYS B 594 33.80 10.25 36.16
N LEU B 595 33.08 9.84 35.10
CA LEU B 595 33.43 10.22 33.73
C LEU B 595 33.21 11.71 33.45
N LEU B 596 32.38 12.44 34.21
CA LEU B 596 32.32 13.89 34.06
C LEU B 596 33.58 14.54 34.62
N SER B 597 34.11 13.99 35.72
CA SER B 597 35.36 14.48 36.29
C SER B 597 36.58 13.98 35.50
N GLN B 598 36.37 13.30 34.37
CA GLN B 598 37.44 12.82 33.50
C GLN B 598 37.54 13.76 32.30
N GLU B 599 38.62 14.57 32.22
CA GLU B 599 38.66 15.65 31.22
C GLU B 599 39.33 15.16 29.93
N PRO B 600 38.74 15.38 28.73
CA PRO B 600 39.26 14.79 27.50
C PRO B 600 40.71 15.16 27.19
N SER B 605 37.09 12.37 25.83
CA SER B 605 37.79 11.06 25.63
C SER B 605 36.96 9.91 26.17
N SER B 606 36.39 10.12 27.36
CA SER B 606 35.47 9.18 28.00
C SER B 606 34.34 8.73 27.06
N ASP B 607 33.80 7.53 27.31
CA ASP B 607 32.63 7.09 26.59
C ASP B 607 31.59 6.58 27.60
N PRO B 608 30.55 7.40 27.88
CA PRO B 608 29.48 6.99 28.80
C PRO B 608 28.47 5.98 28.27
N THR B 609 28.66 5.48 27.04
CA THR B 609 27.66 4.71 26.31
C THR B 609 27.13 3.51 27.11
N VAL B 610 28.03 2.66 27.63
CA VAL B 610 27.62 1.41 28.26
C VAL B 610 26.79 1.67 29.51
N PHE B 611 27.02 2.80 30.19
CA PHE B 611 26.28 3.13 31.41
C PHE B 611 24.92 3.76 31.08
N LEU B 612 24.88 4.62 30.05
CA LEU B 612 23.63 5.18 29.56
C LEU B 612 22.69 4.09 29.08
N ASP B 613 23.23 3.09 28.38
CA ASP B 613 22.45 2.03 27.80
C ASP B 613 21.92 1.04 28.84
N ARG B 614 22.62 0.86 29.98
CA ARG B 614 22.09 0.10 31.10
C ARG B 614 20.97 0.86 31.84
N LEU B 615 21.13 2.17 32.05
CA LEU B 615 20.08 2.99 32.63
C LEU B 615 18.83 2.97 31.75
N ALA B 616 19.01 3.04 30.42
CA ALA B 616 17.93 2.94 29.45
C ALA B 616 17.14 1.62 29.60
N VAL B 617 17.80 0.47 29.70
CA VAL B 617 17.10 -0.80 29.95
C VAL B 617 16.29 -0.72 31.24
N ILE B 618 16.86 -0.10 32.28
CA ILE B 618 16.21 -0.04 33.59
C ILE B 618 14.97 0.85 33.49
N PHE B 619 15.08 2.03 32.85
CA PHE B 619 13.96 2.97 32.78
C PHE B 619 12.89 2.47 31.82
N ARG B 620 13.29 1.77 30.75
CA ARG B 620 12.37 1.19 29.79
C ARG B 620 11.38 0.21 30.45
N HIS B 621 11.85 -0.58 31.43
CA HIS B 621 11.06 -1.66 32.01
C HIS B 621 10.50 -1.36 33.40
N THR B 622 11.03 -0.36 34.10
CA THR B 622 10.48 -0.01 35.40
C THR B 622 9.24 0.87 35.21
N ASN B 623 8.09 0.23 34.99
CA ASN B 623 6.83 0.93 34.74
C ASN B 623 5.78 0.43 35.73
N PRO B 624 5.86 0.83 37.01
CA PRO B 624 4.87 0.42 38.01
C PRO B 624 3.48 0.95 37.70
N ILE B 625 2.48 0.23 38.20
CA ILE B 625 1.08 0.63 38.10
C ILE B 625 0.77 1.55 39.28
N VAL B 626 0.54 2.84 39.00
CA VAL B 626 0.21 3.80 40.04
C VAL B 626 -1.15 4.45 39.77
N GLU B 627 -1.99 4.51 40.80
CA GLU B 627 -3.28 5.15 40.72
C GLU B 627 -3.08 6.67 40.74
N ASN B 628 -4.15 7.40 40.44
CA ASN B 628 -4.06 8.84 40.28
C ASN B 628 -4.09 9.55 41.65
N GLY B 629 -3.39 10.67 41.73
CA GLY B 629 -3.14 11.34 43.00
C GLY B 629 -2.03 10.67 43.82
N GLN B 630 -1.67 9.42 43.48
CA GLN B 630 -0.61 8.71 44.18
C GLN B 630 0.75 9.16 43.66
N THR B 631 1.70 9.39 44.58
CA THR B 631 3.05 9.80 44.22
C THR B 631 3.75 8.65 43.50
N HIS B 632 4.18 8.89 42.26
CA HIS B 632 4.82 7.86 41.46
C HIS B 632 6.24 7.67 41.99
N PRO B 633 6.63 6.43 42.36
CA PRO B 633 7.88 6.18 43.06
C PRO B 633 9.18 6.38 42.28
N CYS B 634 9.13 6.52 40.95
CA CYS B 634 10.34 6.77 40.17
C CYS B 634 10.70 8.25 40.12
N GLN B 635 9.74 9.16 40.36
CA GLN B 635 9.93 10.59 40.14
C GLN B 635 11.13 11.11 40.92
N LYS B 636 11.28 10.64 42.17
CA LYS B 636 12.35 11.08 43.06
C LYS B 636 13.72 10.64 42.53
N VAL B 637 13.79 9.41 42.00
CA VAL B 637 15.03 8.85 41.51
C VAL B 637 15.43 9.55 40.22
N ILE B 638 14.48 9.78 39.32
CA ILE B 638 14.75 10.41 38.04
C ILE B 638 15.13 11.88 38.23
N GLN B 639 14.51 12.61 39.18
CA GLN B 639 14.95 13.95 39.52
C GLN B 639 16.37 14.00 40.10
N GLU B 640 16.80 13.00 40.86
CA GLU B 640 18.16 12.99 41.40
C GLU B 640 19.18 12.63 40.31
N ILE B 641 18.79 11.75 39.37
CA ILE B 641 19.67 11.31 38.30
C ILE B 641 19.77 12.34 37.18
N TRP B 642 18.69 13.10 36.93
CA TRP B 642 18.57 13.97 35.76
C TRP B 642 19.81 14.85 35.57
N PRO B 643 20.33 15.57 36.60
CA PRO B 643 21.56 16.35 36.44
C PRO B 643 22.75 15.58 35.91
N VAL B 644 22.98 14.31 36.30
CA VAL B 644 24.15 13.61 35.79
C VAL B 644 23.97 13.29 34.30
N LEU B 645 22.73 13.01 33.84
CA LEU B 645 22.44 12.75 32.44
C LEU B 645 22.43 14.04 31.61
N SER B 646 21.86 15.11 32.15
CA SER B 646 21.87 16.44 31.55
C SER B 646 23.31 16.91 31.30
N GLU B 647 24.18 16.76 32.31
CA GLU B 647 25.58 17.15 32.25
C GLU B 647 26.35 16.28 31.25
N THR B 648 26.05 14.97 31.21
CA THR B 648 26.67 14.05 30.26
C THR B 648 26.34 14.45 28.82
N LEU B 649 25.09 14.84 28.58
CA LEU B 649 24.64 15.26 27.27
C LEU B 649 25.36 16.52 26.83
N ASN B 650 25.45 17.53 27.71
CA ASN B 650 26.17 18.75 27.38
C ASN B 650 27.68 18.51 27.19
N LYS B 651 28.31 17.62 27.98
CA LYS B 651 29.72 17.32 27.82
C LYS B 651 29.98 16.75 26.44
N HIS B 652 29.16 15.81 25.97
CA HIS B 652 29.41 15.12 24.73
C HIS B 652 28.61 15.69 23.57
N ARG B 653 28.19 16.96 23.66
CA ARG B 653 27.22 17.56 22.75
C ARG B 653 27.68 17.54 21.29
N ALA B 654 28.98 17.45 21.04
CA ALA B 654 29.50 17.50 19.68
C ALA B 654 29.47 16.14 18.99
N ASP B 655 29.36 15.04 19.78
CA ASP B 655 29.40 13.68 19.25
C ASP B 655 27.98 13.16 18.99
N ASN B 656 27.65 12.94 17.72
CA ASN B 656 26.31 12.54 17.30
C ASN B 656 25.89 11.22 17.94
N ARG B 657 26.83 10.26 18.02
CA ARG B 657 26.52 8.94 18.53
C ARG B 657 26.24 8.99 20.03
N ILE B 658 27.08 9.67 20.81
CA ILE B 658 26.87 9.72 22.25
C ILE B 658 25.61 10.53 22.58
N VAL B 659 25.31 11.56 21.80
CA VAL B 659 24.09 12.33 21.97
C VAL B 659 22.85 11.49 21.68
N GLU B 660 22.88 10.56 20.71
CA GLU B 660 21.76 9.65 20.51
C GLU B 660 21.62 8.68 21.69
N ARG B 661 22.72 8.17 22.22
CA ARG B 661 22.71 7.32 23.41
C ARG B 661 22.20 8.07 24.65
N CYS B 662 22.38 9.39 24.70
CA CYS B 662 21.75 10.24 25.71
C CYS B 662 20.26 10.40 25.46
N CYS B 663 19.87 10.75 24.22
CA CYS B 663 18.46 10.97 23.88
C CYS B 663 17.59 9.76 24.21
N ARG B 664 18.10 8.56 23.92
CA ARG B 664 17.39 7.33 24.21
C ARG B 664 17.32 7.04 25.71
N CYS B 665 18.36 7.39 26.48
CA CYS B 665 18.33 7.26 27.93
C CYS B 665 17.33 8.23 28.57
N LEU B 666 17.35 9.50 28.15
CA LEU B 666 16.44 10.52 28.66
C LEU B 666 15.00 10.30 28.22
N ARG B 667 14.74 9.69 27.04
CA ARG B 667 13.40 9.33 26.58
C ARG B 667 12.73 8.38 27.58
N PHE B 668 13.45 7.31 27.95
CA PHE B 668 12.87 6.33 28.83
C PHE B 668 12.81 6.85 30.27
N ALA B 669 13.74 7.72 30.67
CA ALA B 669 13.72 8.32 32.00
C ALA B 669 12.44 9.13 32.23
N VAL B 670 11.98 9.89 31.23
CA VAL B 670 10.73 10.62 31.38
C VAL B 670 9.53 9.66 31.30
N ARG B 671 9.56 8.63 30.45
CA ARG B 671 8.46 7.65 30.40
C ARG B 671 8.33 6.86 31.72
N CYS B 672 9.45 6.63 32.40
CA CYS B 672 9.55 5.91 33.67
C CYS B 672 8.73 6.59 34.78
N VAL B 673 8.43 7.89 34.64
CA VAL B 673 7.78 8.68 35.68
C VAL B 673 6.26 8.80 35.45
N GLY B 674 5.71 8.06 34.48
CA GLY B 674 4.27 7.92 34.35
C GLY B 674 3.58 9.24 34.02
N LYS B 675 2.47 9.55 34.70
CA LYS B 675 1.74 10.77 34.43
C LYS B 675 2.47 11.99 35.01
N GLY B 676 3.55 11.81 35.80
CA GLY B 676 4.23 12.92 36.46
C GLY B 676 5.38 13.51 35.64
N SER B 677 5.43 13.12 34.35
CA SER B 677 6.31 13.61 33.28
C SER B 677 6.45 15.12 33.24
N ALA B 678 5.38 15.85 33.62
CA ALA B 678 5.32 17.31 33.51
C ALA B 678 6.47 18.03 34.22
N ALA B 679 6.97 17.46 35.32
CA ALA B 679 8.05 18.04 36.11
C ALA B 679 9.39 18.03 35.37
N LEU B 680 9.51 17.21 34.31
CA LEU B 680 10.74 16.96 33.58
C LEU B 680 10.66 17.40 32.11
N LEU B 681 9.45 17.48 31.55
CA LEU B 681 9.28 17.69 30.12
C LEU B 681 9.84 19.05 29.68
N GLN B 682 9.59 20.14 30.41
CA GLN B 682 10.13 21.43 30.03
C GLN B 682 11.66 21.48 30.19
N PRO B 683 12.29 21.01 31.31
CA PRO B 683 13.74 20.86 31.39
C PRO B 683 14.39 20.07 30.25
N LEU B 684 13.73 19.00 29.77
CA LEU B 684 14.23 18.21 28.65
C LEU B 684 14.11 18.99 27.34
N VAL B 685 12.92 19.53 27.05
CA VAL B 685 12.64 20.27 25.83
C VAL B 685 13.57 21.48 25.70
N THR B 686 13.81 22.18 26.82
CA THR B 686 14.77 23.26 26.91
C THR B 686 16.17 22.77 26.47
N GLN B 687 16.71 21.76 27.15
CA GLN B 687 18.04 21.27 26.85
C GLN B 687 18.14 20.74 25.42
N MET B 688 17.10 20.07 24.90
CA MET B 688 17.09 19.63 23.52
C MET B 688 17.27 20.83 22.58
N VAL B 689 16.49 21.89 22.77
CA VAL B 689 16.59 23.09 21.95
C VAL B 689 17.99 23.68 22.05
N ASN B 690 18.52 23.81 23.27
CA ASN B 690 19.83 24.42 23.49
C ASN B 690 20.94 23.64 22.78
N VAL B 691 20.98 22.31 22.93
CA VAL B 691 22.00 21.49 22.28
C VAL B 691 21.79 21.50 20.76
N TYR B 692 20.54 21.34 20.28
CA TYR B 692 20.25 21.30 18.85
C TYR B 692 20.61 22.63 18.16
N HIS B 693 20.42 23.75 18.85
CA HIS B 693 20.74 25.08 18.35
C HIS B 693 22.24 25.21 17.99
N VAL B 694 23.11 24.41 18.62
CA VAL B 694 24.52 24.46 18.29
C VAL B 694 24.93 23.24 17.45
N HIS B 695 24.38 22.04 17.76
CA HIS B 695 24.66 20.82 17.01
C HIS B 695 23.35 20.17 16.57
N GLN B 696 23.07 20.32 15.28
CA GLN B 696 21.85 19.85 14.65
C GLN B 696 21.92 18.35 14.39
N HIS B 697 21.91 17.56 15.48
CA HIS B 697 21.75 16.12 15.44
C HIS B 697 20.28 15.78 15.27
N SER B 698 19.93 14.93 14.29
CA SER B 698 18.54 14.73 13.94
C SER B 698 17.79 13.92 15.00
N CYS B 699 18.53 13.28 15.92
CA CYS B 699 17.91 12.53 17.01
C CYS B 699 17.11 13.43 17.95
N PHE B 700 17.42 14.73 18.03
CA PHE B 700 16.59 15.67 18.78
C PHE B 700 15.26 15.93 18.08
N LEU B 701 15.24 15.97 16.76
CA LEU B 701 14.00 16.05 16.01
C LEU B 701 13.18 14.79 16.24
N TYR B 702 13.83 13.63 16.21
CA TYR B 702 13.15 12.35 16.48
C TYR B 702 12.66 12.25 17.93
N LEU B 703 13.45 12.71 18.90
CA LEU B 703 12.98 12.74 20.29
C LEU B 703 11.81 13.69 20.43
N GLY B 704 11.90 14.89 19.84
CA GLY B 704 10.78 15.82 19.79
C GLY B 704 9.52 15.17 19.20
N SER B 705 9.69 14.34 18.17
CA SER B 705 8.58 13.61 17.59
C SER B 705 7.96 12.61 18.58
N ILE B 706 8.76 11.98 19.43
CA ILE B 706 8.25 11.10 20.48
C ILE B 706 7.52 11.94 21.53
N LEU B 707 8.06 13.10 21.90
CA LEU B 707 7.38 13.96 22.87
C LEU B 707 6.02 14.41 22.32
N VAL B 708 5.97 14.80 21.03
CA VAL B 708 4.73 15.20 20.41
C VAL B 708 3.74 14.04 20.35
N ASP B 709 4.19 12.84 19.95
CA ASP B 709 3.32 11.69 19.85
C ASP B 709 2.65 11.31 21.18
N GLU B 710 3.39 11.37 22.29
CA GLU B 710 2.94 10.83 23.57
C GLU B 710 2.37 11.90 24.51
N TYR B 711 2.65 13.19 24.26
CA TYR B 711 2.09 14.26 25.07
C TYR B 711 1.29 15.28 24.25
N GLY B 712 1.14 15.10 22.92
CA GLY B 712 0.50 16.12 22.09
C GLY B 712 -1.01 16.22 22.27
N MET B 713 -1.63 15.16 22.81
CA MET B 713 -3.07 15.12 23.06
C MET B 713 -3.43 15.77 24.40
N GLU B 714 -2.43 16.14 25.22
CA GLU B 714 -2.64 16.91 26.44
C GLU B 714 -2.56 18.40 26.13
N GLU B 715 -3.62 19.13 26.48
CA GLU B 715 -3.77 20.53 26.09
C GLU B 715 -2.73 21.43 26.77
N GLY B 716 -2.23 21.04 27.95
CA GLY B 716 -1.16 21.77 28.63
C GLY B 716 0.20 21.68 27.92
N CYS B 717 0.46 20.55 27.24
CA CYS B 717 1.72 20.31 26.57
C CYS B 717 1.78 20.91 25.17
N ARG B 718 0.64 21.18 24.53
CA ARG B 718 0.55 21.60 23.13
C ARG B 718 1.31 22.89 22.81
N GLN B 719 1.25 23.89 23.70
CA GLN B 719 1.90 25.17 23.44
C GLN B 719 3.42 25.03 23.58
N GLY B 720 3.88 24.40 24.67
CA GLY B 720 5.29 24.13 24.89
C GLY B 720 5.92 23.33 23.74
N LEU B 721 5.20 22.32 23.22
CA LEU B 721 5.65 21.56 22.07
C LEU B 721 5.68 22.39 20.79
N LEU B 722 4.78 23.37 20.61
CA LEU B 722 4.82 24.20 19.42
C LEU B 722 6.00 25.19 19.49
N ASP B 723 6.30 25.72 20.67
CA ASP B 723 7.51 26.51 20.89
C ASP B 723 8.77 25.71 20.61
N MET B 724 8.76 24.40 20.95
CA MET B 724 9.84 23.49 20.65
C MET B 724 9.99 23.30 19.13
N LEU B 725 8.91 23.05 18.39
CA LEU B 725 8.98 22.96 16.94
C LEU B 725 9.51 24.25 16.32
N GLN B 726 8.96 25.41 16.70
CA GLN B 726 9.43 26.68 16.18
C GLN B 726 10.93 26.88 16.46
N ALA B 727 11.39 26.48 17.65
CA ALA B 727 12.77 26.61 18.09
C ALA B 727 13.71 25.57 17.48
N LEU B 728 13.20 24.41 17.04
CA LEU B 728 14.01 23.41 16.33
C LEU B 728 14.06 23.71 14.83
N CYS B 729 13.04 24.41 14.31
CA CYS B 729 12.97 24.75 12.89
C CYS B 729 14.01 25.77 12.46
N ILE B 730 14.24 26.84 13.23
CA ILE B 730 15.20 27.87 12.82
C ILE B 730 16.58 27.24 12.55
N PRO B 731 17.22 26.49 13.48
CA PRO B 731 18.49 25.84 13.17
C PRO B 731 18.44 24.77 12.08
N THR B 732 17.30 24.09 11.94
CA THR B 732 17.13 23.05 10.93
C THR B 732 17.16 23.66 9.53
N PHE B 733 16.33 24.69 9.30
CA PHE B 733 16.22 25.33 8.01
C PHE B 733 17.59 25.89 7.57
N GLN B 734 18.28 26.58 8.47
CA GLN B 734 19.60 27.15 8.20
C GLN B 734 20.59 26.08 7.73
N LEU B 735 20.43 24.84 8.19
CA LEU B 735 21.34 23.77 7.79
C LEU B 735 20.96 23.18 6.42
N LEU B 736 19.67 23.22 6.06
CA LEU B 736 19.21 22.71 4.77
C LEU B 736 19.38 23.75 3.65
N GLU B 737 19.37 25.05 4.00
CA GLU B 737 19.62 26.16 3.08
C GLU B 737 20.99 26.05 2.41
N GLN B 738 21.95 25.42 3.10
CA GLN B 738 23.34 25.38 2.69
C GLN B 738 23.50 24.55 1.43
N GLN B 739 24.64 24.71 0.76
CA GLN B 739 24.95 23.99 -0.47
C GLN B 739 24.87 22.47 -0.21
N ASN B 740 24.03 21.79 -1.00
CA ASN B 740 23.84 20.35 -0.96
C ASN B 740 23.25 19.91 0.38
N GLY B 741 22.50 20.83 1.05
CA GLY B 741 21.97 20.63 2.39
C GLY B 741 20.93 19.49 2.46
N LEU B 742 20.07 19.36 1.45
CA LEU B 742 19.18 18.21 1.36
C LEU B 742 19.96 16.89 1.29
N GLN B 743 20.90 16.78 0.36
CA GLN B 743 21.59 15.52 0.11
C GLN B 743 22.53 15.13 1.26
N ASN B 744 23.03 16.13 1.95
CA ASN B 744 24.03 15.95 3.00
C ASN B 744 23.36 15.64 4.35
N HIS B 745 22.06 15.95 4.48
CA HIS B 745 21.35 15.83 5.74
C HIS B 745 20.00 15.12 5.53
N PRO B 746 19.98 13.91 4.95
CA PRO B 746 18.74 13.19 4.69
C PRO B 746 18.06 12.74 5.98
N ASP B 747 18.89 12.47 6.99
CA ASP B 747 18.49 12.19 8.36
C ASP B 747 17.65 13.32 8.95
N THR B 748 18.07 14.56 8.71
CA THR B 748 17.42 15.75 9.22
C THR B 748 16.07 15.95 8.54
N VAL B 749 16.00 15.65 7.24
CA VAL B 749 14.76 15.74 6.47
C VAL B 749 13.76 14.70 6.97
N ASP B 750 14.20 13.45 7.14
CA ASP B 750 13.41 12.34 7.68
C ASP B 750 12.82 12.72 9.05
N ASP B 751 13.65 13.16 9.98
CA ASP B 751 13.22 13.44 11.34
C ASP B 751 12.44 14.75 11.46
N LEU B 752 12.65 15.72 10.56
CA LEU B 752 11.85 16.94 10.53
C LEU B 752 10.40 16.63 10.17
N PHE B 753 10.21 15.83 9.12
CA PHE B 753 8.85 15.54 8.68
C PHE B 753 8.19 14.51 9.60
N ARG B 754 8.95 13.62 10.26
CA ARG B 754 8.42 12.82 11.37
C ARG B 754 7.80 13.72 12.44
N LEU B 755 8.57 14.70 12.93
CA LEU B 755 8.08 15.60 13.96
C LEU B 755 6.85 16.37 13.47
N ALA B 756 6.86 16.91 12.25
CA ALA B 756 5.71 17.65 11.74
C ALA B 756 4.47 16.76 11.59
N THR B 757 4.66 15.48 11.21
CA THR B 757 3.57 14.52 11.06
C THR B 757 2.97 14.11 12.41
N ARG B 758 3.78 14.05 13.48
CA ARG B 758 3.27 13.74 14.81
C ARG B 758 2.36 14.85 15.30
N PHE B 759 2.68 16.10 14.95
CA PHE B 759 1.83 17.25 15.23
C PHE B 759 0.50 17.14 14.52
N ILE B 760 0.53 16.80 13.23
CA ILE B 760 -0.66 16.61 12.40
C ILE B 760 -1.54 15.47 12.94
N GLN B 761 -0.95 14.43 13.49
CA GLN B 761 -1.68 13.34 14.10
C GLN B 761 -2.29 13.73 15.45
N ARG B 762 -1.54 14.40 16.34
CA ARG B 762 -1.95 14.56 17.73
C ARG B 762 -2.57 15.92 18.05
N SER B 763 -2.13 16.99 17.35
CA SER B 763 -2.81 18.27 17.42
C SER B 763 -2.59 19.07 16.14
N PRO B 764 -3.32 18.75 15.06
CA PRO B 764 -3.13 19.45 13.78
C PRO B 764 -3.45 20.94 13.88
N VAL B 765 -4.52 21.31 14.59
CA VAL B 765 -4.98 22.70 14.64
C VAL B 765 -3.94 23.64 15.24
N THR B 766 -3.17 23.14 16.22
CA THR B 766 -2.04 23.83 16.86
C THR B 766 -0.95 24.20 15.86
N LEU B 767 -0.51 23.22 15.04
CA LEU B 767 0.43 23.49 13.95
C LEU B 767 -0.21 24.40 12.89
N LEU B 768 -1.44 24.14 12.45
CA LEU B 768 -2.05 24.85 11.32
C LEU B 768 -2.31 26.34 11.58
N ARG B 769 -2.60 26.72 12.84
CA ARG B 769 -2.71 28.13 13.21
C ARG B 769 -1.34 28.84 13.21
N SER B 770 -0.24 28.08 13.24
CA SER B 770 1.09 28.62 13.46
C SER B 770 1.75 29.13 12.17
N GLN B 771 2.58 30.16 12.33
CA GLN B 771 3.40 30.73 11.28
C GLN B 771 4.39 29.69 10.70
N VAL B 772 4.59 28.57 11.39
CA VAL B 772 5.63 27.59 11.07
C VAL B 772 5.14 26.54 10.06
N VAL B 773 3.81 26.34 9.87
CA VAL B 773 3.31 25.31 8.95
C VAL B 773 3.64 25.64 7.49
N ILE B 774 3.59 26.94 7.15
CA ILE B 774 3.88 27.39 5.80
C ILE B 774 5.34 27.11 5.44
N PRO B 775 6.38 27.51 6.22
CA PRO B 775 7.75 27.11 5.91
C PRO B 775 8.03 25.61 6.01
N ILE B 776 7.36 24.85 6.89
CA ILE B 776 7.48 23.40 6.89
C ILE B 776 6.97 22.80 5.57
N LEU B 777 5.85 23.32 5.05
CA LEU B 777 5.31 22.85 3.77
C LEU B 777 6.16 23.32 2.58
N GLN B 778 6.75 24.51 2.64
CA GLN B 778 7.73 24.95 1.64
C GLN B 778 8.95 24.03 1.58
N TRP B 779 9.50 23.67 2.74
CA TRP B 779 10.63 22.74 2.81
C TRP B 779 10.22 21.32 2.42
N ALA B 780 8.96 20.92 2.65
CA ALA B 780 8.49 19.62 2.22
C ALA B 780 8.53 19.52 0.70
N ILE B 781 8.02 20.57 0.04
CA ILE B 781 8.01 20.69 -1.42
C ILE B 781 9.45 20.64 -1.94
N ALA B 782 10.40 21.34 -1.32
CA ALA B 782 11.80 21.26 -1.73
C ALA B 782 12.39 19.85 -1.52
N SER B 783 12.03 19.21 -0.40
CA SER B 783 12.61 17.92 -0.04
C SER B 783 12.02 16.77 -0.86
N THR B 784 10.96 17.02 -1.65
CA THR B 784 10.44 16.03 -2.58
C THR B 784 11.49 15.65 -3.62
N THR B 785 12.51 16.51 -3.83
CA THR B 785 13.54 16.31 -4.85
C THR B 785 14.67 15.43 -4.34
N LEU B 786 14.79 15.22 -3.03
CA LEU B 786 15.87 14.46 -2.43
C LEU B 786 15.69 12.96 -2.71
N ASP B 787 16.67 12.38 -3.41
CA ASP B 787 16.68 10.95 -3.68
C ASP B 787 17.23 10.19 -2.48
N HIS B 788 16.36 9.98 -1.49
CA HIS B 788 16.69 9.20 -0.30
C HIS B 788 15.42 8.51 0.16
N ARG B 789 15.40 7.17 0.23
CA ARG B 789 14.15 6.44 0.33
C ARG B 789 13.42 6.69 1.66
N ASP B 790 14.15 6.82 2.76
CA ASP B 790 13.53 6.99 4.07
C ASP B 790 13.12 8.44 4.31
N ALA B 791 13.94 9.38 3.86
CA ALA B 791 13.60 10.80 3.93
C ALA B 791 12.40 11.10 3.00
N ASN B 792 12.40 10.53 1.79
CA ASN B 792 11.29 10.64 0.85
C ASN B 792 10.00 10.10 1.48
N CYS B 793 10.08 8.89 2.02
CA CYS B 793 8.98 8.24 2.71
C CYS B 793 8.43 9.14 3.84
N SER B 794 9.31 9.80 4.58
CA SER B 794 8.89 10.70 5.63
C SER B 794 8.24 11.99 5.10
N VAL B 795 8.79 12.61 4.05
CA VAL B 795 8.23 13.83 3.48
C VAL B 795 6.85 13.55 2.91
N MET B 796 6.70 12.46 2.15
CA MET B 796 5.44 12.16 1.46
C MET B 796 4.34 11.80 2.46
N ARG B 797 4.71 11.17 3.59
CA ARG B 797 3.78 10.92 4.67
C ARG B 797 3.30 12.23 5.28
N PHE B 798 4.19 13.20 5.50
CA PHE B 798 3.79 14.50 6.01
C PHE B 798 2.79 15.15 5.06
N LEU B 799 3.12 15.21 3.76
CA LEU B 799 2.19 15.77 2.79
C LEU B 799 0.82 15.06 2.80
N ARG B 800 0.80 13.73 2.75
CA ARG B 800 -0.45 12.97 2.78
C ARG B 800 -1.28 13.30 4.03
N ASP B 801 -0.64 13.25 5.20
CA ASP B 801 -1.32 13.44 6.46
C ASP B 801 -1.75 14.89 6.66
N LEU B 802 -0.93 15.86 6.24
CA LEU B 802 -1.33 17.26 6.27
C LEU B 802 -2.59 17.48 5.44
N ILE B 803 -2.64 16.96 4.20
CA ILE B 803 -3.79 17.16 3.34
C ILE B 803 -5.02 16.43 3.88
N HIS B 804 -4.85 15.21 4.40
CA HIS B 804 -5.94 14.43 4.97
C HIS B 804 -6.68 15.19 6.09
N THR B 805 -6.04 16.15 6.77
CA THR B 805 -6.75 16.97 7.75
C THR B 805 -7.74 17.97 7.13
N GLY B 806 -7.82 18.02 5.80
CA GLY B 806 -8.93 18.67 5.09
C GLY B 806 -10.12 17.75 4.81
N VAL B 807 -10.04 16.46 5.18
CA VAL B 807 -11.17 15.54 5.01
C VAL B 807 -12.08 15.62 6.24
N ALA B 808 -13.40 15.41 6.05
CA ALA B 808 -14.35 15.45 7.16
C ALA B 808 -15.55 14.51 6.88
N ASN B 809 -15.29 13.21 6.86
CA ASN B 809 -16.31 12.20 6.56
C ASN B 809 -17.25 11.95 7.75
N ASP B 810 -17.26 12.86 8.74
CA ASP B 810 -18.17 12.81 9.88
C ASP B 810 -18.55 14.24 10.28
N HIS B 811 -19.72 14.70 9.83
CA HIS B 811 -20.15 16.08 10.00
C HIS B 811 -20.38 16.42 11.49
N GLU B 812 -20.40 15.40 12.33
CA GLU B 812 -20.65 15.53 13.76
C GLU B 812 -19.35 15.81 14.54
N GLU B 813 -18.19 15.71 13.87
CA GLU B 813 -16.89 16.06 14.43
C GLU B 813 -16.73 17.58 14.58
N ASP B 814 -15.88 18.04 15.52
CA ASP B 814 -15.49 19.44 15.56
C ASP B 814 -14.36 19.72 14.55
N PHE B 815 -14.68 19.53 13.26
CA PHE B 815 -13.74 19.56 12.15
C PHE B 815 -13.57 20.96 11.55
N GLU B 816 -14.50 21.89 11.83
CA GLU B 816 -14.71 23.08 11.03
C GLU B 816 -13.48 23.99 10.99
N LEU B 817 -12.78 24.13 12.12
CA LEU B 817 -11.64 25.03 12.21
C LEU B 817 -10.45 24.46 11.45
N ARG B 818 -10.21 23.14 11.50
CA ARG B 818 -9.12 22.58 10.72
C ARG B 818 -9.47 22.63 9.24
N LYS B 819 -10.70 22.28 8.83
CA LYS B 819 -11.10 22.46 7.43
C LYS B 819 -10.70 23.84 6.91
N GLU B 820 -10.96 24.87 7.72
CA GLU B 820 -10.69 26.28 7.44
C GLU B 820 -9.19 26.54 7.27
N LEU B 821 -8.37 26.07 8.23
CA LEU B 821 -6.94 26.34 8.23
C LEU B 821 -6.17 25.52 7.20
N ILE B 822 -6.57 24.27 6.88
CA ILE B 822 -6.01 23.57 5.73
C ILE B 822 -6.39 24.33 4.47
N GLY B 823 -7.62 24.85 4.38
CA GLY B 823 -8.01 25.62 3.21
C GLY B 823 -7.07 26.79 2.93
N GLN B 824 -6.82 27.61 3.96
CA GLN B 824 -5.92 28.76 3.92
C GLN B 824 -4.50 28.35 3.49
N VAL B 825 -3.98 27.26 4.06
CA VAL B 825 -2.65 26.75 3.74
C VAL B 825 -2.58 26.25 2.28
N MET B 826 -3.61 25.54 1.83
CA MET B 826 -3.60 24.92 0.50
C MET B 826 -3.89 25.94 -0.60
N ASN B 827 -4.55 27.06 -0.30
CA ASN B 827 -4.77 28.10 -1.28
C ASN B 827 -3.45 28.53 -1.89
N GLN B 828 -2.47 28.84 -1.03
CA GLN B 828 -1.25 29.47 -1.50
C GLN B 828 -0.15 28.47 -1.86
N LEU B 829 -0.21 27.20 -1.40
CA LEU B 829 0.86 26.24 -1.70
C LEU B 829 0.36 24.93 -2.33
N GLY B 830 -0.94 24.72 -2.51
CA GLY B 830 -1.46 23.52 -3.16
C GLY B 830 -1.02 23.40 -4.63
N GLN B 831 -0.96 24.53 -5.34
CA GLN B 831 -0.51 24.51 -6.72
C GLN B 831 0.99 24.21 -6.80
N GLN B 832 1.81 24.91 -5.99
CA GLN B 832 3.25 24.66 -5.96
C GLN B 832 3.55 23.20 -5.60
N LEU B 833 2.74 22.61 -4.69
CA LEU B 833 2.81 21.20 -4.34
C LEU B 833 2.51 20.28 -5.53
N VAL B 834 1.33 20.38 -6.18
CA VAL B 834 1.00 19.49 -7.29
C VAL B 834 2.00 19.63 -8.44
N SER B 835 2.49 20.85 -8.67
CA SER B 835 3.46 21.10 -9.73
C SER B 835 4.79 20.38 -9.43
N GLN B 836 5.33 20.55 -8.22
CA GLN B 836 6.59 19.92 -7.85
C GLN B 836 6.46 18.39 -7.76
N LEU B 837 5.32 17.90 -7.27
CA LEU B 837 5.07 16.46 -7.23
C LEU B 837 5.15 15.85 -8.62
N LEU B 838 4.51 16.48 -9.61
CA LEU B 838 4.54 15.97 -10.96
C LEU B 838 5.95 16.06 -11.54
N HIS B 839 6.61 17.21 -11.35
CA HIS B 839 7.99 17.41 -11.80
C HIS B 839 8.94 16.38 -11.20
N THR B 840 8.89 16.16 -9.89
CA THR B 840 9.80 15.19 -9.27
C THR B 840 9.55 13.76 -9.73
N CYS B 841 8.32 13.40 -10.12
CA CYS B 841 8.05 12.10 -10.69
C CYS B 841 8.68 11.96 -12.08
N CYS B 842 8.53 13.00 -12.90
CA CYS B 842 8.96 13.00 -14.30
C CYS B 842 10.48 13.17 -14.47
N PHE B 843 11.13 13.95 -13.59
CA PHE B 843 12.46 14.48 -13.86
C PHE B 843 13.48 14.23 -12.72
N CYS B 844 13.04 14.05 -11.47
CA CYS B 844 13.97 13.97 -10.35
C CYS B 844 14.21 12.54 -9.85
N LEU B 845 13.12 11.82 -9.53
CA LEU B 845 13.24 10.65 -8.65
C LEU B 845 12.76 9.38 -9.32
N PRO B 846 13.34 8.21 -8.94
CA PRO B 846 12.94 6.91 -9.50
C PRO B 846 11.52 6.50 -9.11
N PRO B 847 11.00 5.43 -9.76
CA PRO B 847 9.65 4.92 -9.50
C PRO B 847 9.27 4.59 -8.06
N TYR B 848 10.22 4.47 -7.12
CA TYR B 848 9.88 4.07 -5.75
C TYR B 848 8.96 5.09 -5.07
N THR B 849 8.93 6.32 -5.58
CA THR B 849 8.13 7.40 -5.01
C THR B 849 6.66 7.35 -5.44
N LEU B 850 6.36 6.67 -6.54
CA LEU B 850 5.10 6.90 -7.24
C LEU B 850 3.90 6.54 -6.38
N PRO B 851 3.87 5.43 -5.60
CA PRO B 851 2.71 5.12 -4.77
C PRO B 851 2.49 6.17 -3.68
N ASP B 852 3.58 6.82 -3.25
CA ASP B 852 3.52 7.85 -2.22
C ASP B 852 3.02 9.17 -2.80
N VAL B 853 3.48 9.53 -4.00
CA VAL B 853 2.96 10.71 -4.68
C VAL B 853 1.49 10.47 -5.05
N ALA B 854 1.16 9.27 -5.54
CA ALA B 854 -0.21 8.89 -5.87
C ALA B 854 -1.10 9.04 -4.64
N GLU B 855 -0.64 8.61 -3.47
CA GLU B 855 -1.35 8.80 -2.21
C GLU B 855 -1.60 10.29 -1.90
N VAL B 856 -0.62 11.17 -2.13
CA VAL B 856 -0.77 12.60 -1.89
C VAL B 856 -1.80 13.20 -2.86
N LEU B 857 -1.68 12.88 -4.14
CA LEU B 857 -2.59 13.39 -5.16
C LEU B 857 -4.01 12.91 -4.89
N TRP B 858 -4.14 11.63 -4.49
CA TRP B 858 -5.42 11.04 -4.14
C TRP B 858 -6.04 11.77 -2.95
N GLU B 859 -5.25 12.07 -1.91
CA GLU B 859 -5.77 12.84 -0.79
C GLU B 859 -6.19 14.25 -1.22
N ILE B 860 -5.50 14.89 -2.15
CA ILE B 860 -5.91 16.24 -2.56
C ILE B 860 -7.28 16.16 -3.26
N MET B 861 -7.46 15.18 -4.15
CA MET B 861 -8.76 14.90 -4.75
C MET B 861 -9.86 14.57 -3.72
N GLN B 862 -9.53 13.86 -2.64
CA GLN B 862 -10.52 13.49 -1.64
C GLN B 862 -10.86 14.63 -0.67
N VAL B 863 -10.10 15.74 -0.67
CA VAL B 863 -10.49 16.99 -0.03
C VAL B 863 -11.33 17.83 -1.01
N ASP B 864 -10.84 18.04 -2.24
CA ASP B 864 -11.46 18.98 -3.17
C ASP B 864 -11.09 18.67 -4.62
N ARG B 865 -11.91 17.78 -5.24
CA ARG B 865 -11.64 17.24 -6.57
C ARG B 865 -11.60 18.32 -7.66
N PRO B 866 -12.54 19.29 -7.76
CA PRO B 866 -12.49 20.29 -8.82
C PRO B 866 -11.33 21.27 -8.69
N THR B 867 -10.92 21.60 -7.44
CA THR B 867 -9.72 22.41 -7.25
C THR B 867 -8.49 21.64 -7.70
N PHE B 868 -8.44 20.35 -7.33
CA PHE B 868 -7.37 19.48 -7.78
C PHE B 868 -7.26 19.45 -9.30
N CYS B 869 -8.41 19.36 -10.00
CA CYS B 869 -8.42 19.31 -11.45
C CYS B 869 -7.65 20.49 -12.04
N ARG B 870 -7.95 21.70 -11.57
CA ARG B 870 -7.26 22.91 -12.02
C ARG B 870 -5.76 22.84 -11.76
N TRP B 871 -5.40 22.42 -10.55
CA TRP B 871 -4.00 22.35 -10.15
C TRP B 871 -3.20 21.40 -11.04
N LEU B 872 -3.73 20.20 -11.31
CA LEU B 872 -3.04 19.24 -12.15
C LEU B 872 -2.93 19.78 -13.58
N GLU B 873 -4.00 20.41 -14.07
CA GLU B 873 -4.05 21.07 -15.37
C GLU B 873 -2.93 22.11 -15.51
N ASN B 874 -2.89 23.09 -14.59
CA ASN B 874 -1.88 24.14 -14.63
C ASN B 874 -0.46 23.59 -14.39
N SER B 875 -0.35 22.40 -13.76
CA SER B 875 0.93 21.70 -13.63
C SER B 875 1.38 21.14 -14.97
N LEU B 876 0.45 20.51 -15.70
CA LEU B 876 0.75 19.91 -16.98
C LEU B 876 1.11 20.98 -18.01
N LYS B 877 0.47 22.16 -17.95
CA LYS B 877 0.84 23.29 -18.78
C LYS B 877 2.23 23.83 -18.44
N GLY B 878 2.57 23.90 -17.14
CA GLY B 878 3.86 24.41 -16.72
C GLY B 878 5.03 23.47 -17.00
N LEU B 879 4.72 22.18 -17.22
CA LEU B 879 5.68 21.13 -17.52
C LEU B 879 6.41 21.45 -18.84
N PRO B 880 7.76 21.31 -18.90
CA PRO B 880 8.50 21.61 -20.12
C PRO B 880 8.25 20.60 -21.27
N VAL B 888 9.97 19.38 -28.97
CA VAL B 888 8.73 18.72 -28.45
C VAL B 888 8.86 17.19 -28.57
N THR B 889 8.48 16.48 -27.52
CA THR B 889 8.34 15.03 -27.56
C THR B 889 6.94 14.70 -27.05
N VAL B 890 6.63 15.06 -25.80
CA VAL B 890 5.34 14.69 -25.22
C VAL B 890 4.26 15.61 -25.79
N THR B 891 3.11 15.02 -26.12
CA THR B 891 2.03 15.70 -26.82
C THR B 891 0.98 16.28 -25.86
N HIS B 892 0.38 17.42 -26.20
CA HIS B 892 -0.72 18.01 -25.45
C HIS B 892 -1.84 16.99 -25.20
N LYS B 893 -2.05 16.07 -26.15
CA LYS B 893 -3.05 15.02 -26.03
C LYS B 893 -2.65 14.04 -24.91
N GLN B 894 -1.36 13.67 -24.83
CA GLN B 894 -0.84 12.82 -23.75
C GLN B 894 -1.07 13.48 -22.39
N LEU B 895 -0.83 14.80 -22.29
CA LEU B 895 -1.01 15.54 -21.04
C LEU B 895 -2.48 15.48 -20.61
N THR B 896 -3.38 15.70 -21.57
CA THR B 896 -4.81 15.81 -21.33
C THR B 896 -5.41 14.43 -21.04
N ASP B 897 -4.88 13.38 -21.69
CA ASP B 897 -5.25 11.99 -21.40
C ASP B 897 -4.82 11.59 -19.98
N PHE B 898 -3.62 12.01 -19.55
CA PHE B 898 -3.15 11.74 -18.20
C PHE B 898 -4.00 12.48 -17.16
N HIS B 899 -4.27 13.76 -17.36
CA HIS B 899 -5.19 14.50 -16.49
C HIS B 899 -6.53 13.77 -16.33
N LYS B 900 -7.14 13.37 -17.46
CA LYS B 900 -8.37 12.60 -17.48
C LYS B 900 -8.27 11.33 -16.63
N GLN B 901 -7.15 10.60 -16.80
CA GLN B 901 -6.92 9.33 -16.10
C GLN B 901 -6.83 9.53 -14.59
N VAL B 902 -6.21 10.62 -14.13
CA VAL B 902 -6.06 10.82 -12.70
C VAL B 902 -7.38 11.34 -12.12
N THR B 903 -7.98 12.36 -12.73
CA THR B 903 -9.10 13.07 -12.12
C THR B 903 -10.39 12.25 -12.05
N SER B 904 -10.47 11.16 -12.84
CA SER B 904 -11.62 10.26 -12.88
C SER B 904 -11.31 8.86 -12.32
N ALA B 905 -10.13 8.64 -11.76
CA ALA B 905 -9.87 7.39 -11.05
C ALA B 905 -10.78 7.36 -9.83
N GLU B 906 -11.36 6.17 -9.55
CA GLU B 906 -12.23 5.99 -8.40
C GLU B 906 -11.53 5.20 -7.28
N GLU B 907 -10.25 4.84 -7.50
CA GLU B 907 -9.37 4.31 -6.46
C GLU B 907 -7.93 4.85 -6.62
N CYS B 908 -7.22 4.96 -5.50
CA CYS B 908 -5.85 5.42 -5.42
C CYS B 908 -4.88 4.61 -6.30
N LYS B 909 -5.11 3.30 -6.48
CA LYS B 909 -4.20 2.47 -7.27
C LYS B 909 -4.20 2.85 -8.75
N GLN B 910 -5.32 3.36 -9.26
CA GLN B 910 -5.39 3.84 -10.64
C GLN B 910 -4.46 5.04 -10.84
N VAL B 911 -4.40 5.94 -9.85
CA VAL B 911 -3.52 7.10 -9.92
C VAL B 911 -2.07 6.65 -10.02
N CYS B 912 -1.73 5.59 -9.30
CA CYS B 912 -0.39 5.01 -9.34
C CYS B 912 -0.01 4.56 -10.77
N TRP B 913 -0.92 3.84 -11.44
CA TRP B 913 -0.72 3.33 -12.80
C TRP B 913 -0.60 4.49 -13.81
N ALA B 914 -1.55 5.43 -13.73
CA ALA B 914 -1.59 6.61 -14.58
C ALA B 914 -0.27 7.37 -14.53
N LEU B 915 0.19 7.64 -13.30
CA LEU B 915 1.40 8.41 -13.04
C LEU B 915 2.66 7.67 -13.49
N ARG B 916 2.69 6.33 -13.32
CA ARG B 916 3.81 5.52 -13.75
C ARG B 916 3.98 5.60 -15.27
N ASP B 917 2.89 5.25 -15.98
CA ASP B 917 2.87 5.24 -17.44
C ASP B 917 3.25 6.61 -17.99
N PHE B 918 2.68 7.67 -17.39
CA PHE B 918 3.02 9.04 -17.72
C PHE B 918 4.51 9.33 -17.48
N THR B 919 5.06 8.82 -16.37
CA THR B 919 6.45 9.04 -16.01
C THR B 919 7.41 8.45 -17.06
N ARG B 920 7.06 7.30 -17.65
CA ARG B 920 7.91 6.67 -18.65
C ARG B 920 8.16 7.56 -19.88
N LEU B 921 7.35 8.60 -20.11
CA LEU B 921 7.48 9.45 -21.28
C LEU B 921 8.65 10.44 -21.19
N PHE B 922 9.35 10.48 -20.04
CA PHE B 922 10.39 11.48 -19.80
C PHE B 922 11.67 10.78 -19.32
N GLY C 21 -16.48 3.07 3.65
CA GLY C 21 -17.07 3.84 4.78
C GLY C 21 -18.37 3.20 5.27
N SER C 22 -18.70 3.43 6.55
CA SER C 22 -19.80 2.71 7.22
C SER C 22 -20.25 3.43 8.49
N TYR C 23 -21.10 2.74 9.28
CA TYR C 23 -21.53 3.20 10.59
C TYR C 23 -20.36 3.54 11.52
N ARG C 24 -19.26 2.79 11.36
CA ARG C 24 -18.05 2.81 12.18
C ARG C 24 -17.25 4.12 12.11
N ASP C 25 -17.52 4.95 11.09
CA ASP C 25 -16.85 6.23 10.89
C ASP C 25 -17.40 7.35 11.77
N SER C 26 -18.60 7.15 12.33
CA SER C 26 -19.30 8.16 13.11
C SER C 26 -19.00 8.04 14.62
N TYR C 27 -17.85 7.44 14.98
CA TYR C 27 -17.53 7.10 16.36
C TYR C 27 -16.27 7.81 16.89
N ASP C 28 -15.56 8.63 16.08
CA ASP C 28 -14.34 9.28 16.53
C ASP C 28 -13.36 8.23 17.08
N SER C 29 -13.14 7.19 16.27
CA SER C 29 -12.57 5.92 16.69
C SER C 29 -11.18 5.71 16.05
N TYR C 30 -10.44 4.68 16.48
CA TYR C 30 -9.25 4.24 15.74
C TYR C 30 -9.56 4.02 14.26
N ALA C 31 -10.80 3.63 13.95
CA ALA C 31 -11.31 3.42 12.61
C ALA C 31 -11.20 4.66 11.71
N THR C 32 -10.98 5.83 12.32
CA THR C 32 -10.97 7.14 11.65
C THR C 32 -9.57 7.75 11.56
N HIS C 33 -8.67 7.41 12.50
CA HIS C 33 -7.53 8.27 12.82
C HIS C 33 -6.31 8.04 11.93
N ASN C 34 -5.88 9.11 11.23
CA ASN C 34 -4.65 9.17 10.45
C ASN C 34 -4.38 10.62 10.01
N GLY D 21 16.32 -1.58 11.35
CA GLY D 21 16.22 -0.41 10.44
C GLY D 21 17.24 0.67 10.80
N SER D 22 16.94 1.44 11.84
CA SER D 22 17.74 2.60 12.21
C SER D 22 17.74 2.82 13.72
N TYR D 23 18.54 3.80 14.18
CA TYR D 23 18.61 4.19 15.58
C TYR D 23 17.23 4.26 16.24
N ARG D 24 16.27 4.78 15.46
CA ARG D 24 14.88 5.05 15.83
C ARG D 24 14.12 3.81 16.34
N ASP D 25 14.59 2.61 15.99
CA ASP D 25 13.90 1.37 16.33
C ASP D 25 14.14 0.94 17.77
N SER D 26 15.29 1.36 18.34
CA SER D 26 15.70 0.99 19.70
C SER D 26 14.94 1.78 20.78
N TYR D 27 13.91 2.53 20.35
CA TYR D 27 12.98 3.30 21.17
C TYR D 27 11.63 2.57 21.10
N ASP D 28 10.92 2.40 22.21
CA ASP D 28 9.61 1.78 22.12
C ASP D 28 8.63 2.86 21.67
N SER D 29 8.42 2.98 20.36
CA SER D 29 8.05 4.26 19.76
C SER D 29 6.96 4.07 18.70
N TYR D 30 6.28 5.16 18.30
CA TYR D 30 5.34 5.13 17.19
C TYR D 30 5.97 4.46 15.95
N ALA D 31 7.27 4.67 15.73
CA ALA D 31 8.03 4.08 14.64
C ALA D 31 7.97 2.55 14.66
N THR D 32 7.95 1.99 15.88
CA THR D 32 7.91 0.56 16.18
C THR D 32 6.48 0.03 16.07
N HIS D 33 5.54 0.83 16.59
CA HIS D 33 4.12 0.49 16.71
C HIS D 33 3.38 0.56 15.37
N ASN D 34 3.89 1.35 14.43
CA ASN D 34 3.32 1.49 13.08
C ASN D 34 4.43 1.37 12.03
N ASP E 16 1.61 34.66 27.78
CA ASP E 16 0.47 34.98 26.87
C ASP E 16 0.91 34.75 25.42
N ARG E 17 -0.06 34.44 24.54
CA ARG E 17 0.21 33.79 23.25
C ARG E 17 0.96 34.71 22.27
N SER E 18 0.78 36.04 22.39
CA SER E 18 1.44 37.04 21.56
C SER E 18 2.97 36.92 21.56
N SER E 19 3.54 36.56 22.73
CA SER E 19 4.97 36.36 22.88
C SER E 19 5.46 35.20 22.01
N GLY E 20 4.63 34.19 21.73
CA GLY E 20 4.94 33.12 20.79
C GLY E 20 5.37 33.63 19.41
N GLY E 21 4.73 34.72 18.95
CA GLY E 21 5.15 35.40 17.73
C GLY E 21 6.53 36.09 17.84
N SER E 22 6.86 36.59 19.04
CA SER E 22 8.09 37.34 19.25
C SER E 22 9.32 36.43 19.12
N TYR E 23 9.33 35.23 19.75
CA TYR E 23 10.52 34.38 19.63
C TYR E 23 10.58 33.65 18.28
N ARG E 24 9.45 33.47 17.58
CA ARG E 24 9.40 33.02 16.19
C ARG E 24 10.17 33.95 15.21
N ASP E 25 10.13 35.27 15.42
CA ASP E 25 10.59 36.26 14.45
C ASP E 25 12.11 36.17 14.19
N SER E 26 12.93 36.11 15.24
CA SER E 26 14.36 36.31 15.13
C SER E 26 15.06 35.17 14.38
N TYR E 27 15.79 35.55 13.31
CA TYR E 27 16.55 34.67 12.42
C TYR E 27 15.80 33.35 12.14
#